data_6OLM
#
_entry.id   6OLM
#
loop_
_entity.id
_entity.type
_entity.pdbx_description
1 polymer 'Twitching motility pilus retraction ATPase'
2 non-polymer "ADENOSINE-5'-TRIPHOSPHATE"
#
_entity_poly.entity_id   1
_entity_poly.type   'polypeptide(L)'
_entity_poly.pdbx_seq_one_letter_code
;MGSSHHHHHHSSGLVPRGSHMANMHQLLTELVNRGGSDLHLTTNSPPQIRIDGKLLPLDMPPLNAVDTKQLCYSILTEQQ
KHKFEENNELDLSFGIKGLSRFRGNVFVQRGAVAGVFRVIPYKILSFEELGLPPVVRELAEKPRGLVLVTGPTGSGKSTT
LAAIIDKINTDRHEHIVTVEDPIEYLHPHKSCVVNQREVGADTKSFKNALKYILRQDPDVVLVGELRDLETIEAALTLAE
TGHLCFATLHTNSAVQTINRIVDVFPSYQQPQVRAQLSFVLEGVLSQTLLPKASGTGRVLAIEVMVPNPAIRNLIREDKI
HQIYSQMQVGQEKFGMMTMNQCLYGLLQKRHITMDVGMGRSPDPDELKQMLTSGVRPQAPRPPMR
;
_entity_poly.pdbx_strand_id   A,B,C,D,E,F
#
loop_
_chem_comp.id
_chem_comp.type
_chem_comp.name
_chem_comp.formula
ATP non-polymer ADENOSINE-5'-TRIPHOSPHATE 'C10 H16 N5 O13 P3'
#
# COMPACT_ATOMS: atom_id res chain seq x y z
N MET A 21 -45.61 15.22 -19.42
CA MET A 21 -45.26 15.28 -17.98
C MET A 21 -46.50 15.23 -17.10
N ALA A 22 -47.66 15.51 -17.71
CA ALA A 22 -48.89 15.57 -16.95
C ALA A 22 -49.21 14.20 -16.38
N ASN A 23 -48.96 13.15 -17.16
CA ASN A 23 -49.11 11.80 -16.66
C ASN A 23 -48.31 11.60 -15.39
N MET A 24 -47.04 12.03 -15.40
CA MET A 24 -46.19 11.84 -14.24
C MET A 24 -46.73 12.59 -13.06
N HIS A 25 -47.28 13.77 -13.33
CA HIS A 25 -47.85 14.55 -12.25
C HIS A 25 -48.98 13.79 -11.60
N GLN A 26 -49.77 13.10 -12.42
CA GLN A 26 -50.89 12.35 -11.88
C GLN A 26 -50.42 11.13 -11.12
N LEU A 27 -49.37 10.45 -11.59
CA LEU A 27 -48.89 9.30 -10.83
C LEU A 27 -48.36 9.74 -9.47
N LEU A 28 -47.60 10.83 -9.43
CA LEU A 28 -47.12 11.30 -8.14
C LEU A 28 -48.26 11.82 -7.30
N THR A 29 -49.26 12.40 -7.93
CA THR A 29 -50.43 12.84 -7.21
C THR A 29 -51.15 11.67 -6.58
N GLU A 30 -51.29 10.57 -7.32
CA GLU A 30 -51.90 9.37 -6.77
C GLU A 30 -51.05 8.78 -5.66
N LEU A 31 -49.74 8.78 -5.84
CA LEU A 31 -48.83 8.31 -4.81
C LEU A 31 -49.08 9.07 -3.52
N VAL A 32 -49.17 10.39 -3.63
CA VAL A 32 -49.42 11.20 -2.44
C VAL A 32 -50.82 10.92 -1.92
N ASN A 33 -51.80 10.97 -2.82
CA ASN A 33 -53.21 10.86 -2.47
C ASN A 33 -53.53 9.52 -1.83
N ARG A 34 -52.86 8.47 -2.28
CA ARG A 34 -53.12 7.12 -1.82
C ARG A 34 -52.29 6.72 -0.63
N GLY A 35 -51.51 7.64 -0.06
CA GLY A 35 -50.69 7.28 1.08
C GLY A 35 -49.66 6.25 0.68
N GLY A 36 -49.27 6.24 -0.60
CA GLY A 36 -48.27 5.32 -1.05
C GLY A 36 -46.88 5.73 -0.67
N SER A 37 -46.09 4.72 -0.33
CA SER A 37 -44.71 4.96 0.04
C SER A 37 -43.87 5.35 -1.16
N ASP A 38 -43.94 4.58 -2.26
CA ASP A 38 -42.95 4.69 -3.32
C ASP A 38 -43.59 4.38 -4.66
N LEU A 39 -43.18 5.10 -5.71
CA LEU A 39 -43.60 4.78 -7.07
C LEU A 39 -42.49 4.16 -7.90
N HIS A 40 -42.81 3.06 -8.57
CA HIS A 40 -41.91 2.29 -9.41
C HIS A 40 -42.39 2.44 -10.85
N LEU A 41 -41.46 2.81 -11.73
CA LEU A 41 -41.72 2.98 -13.16
C LEU A 41 -40.75 2.17 -14.01
N THR A 42 -41.26 1.21 -14.78
CA THR A 42 -40.38 0.45 -15.67
C THR A 42 -41.18 -0.06 -16.85
N THR A 43 -40.44 -0.41 -17.91
CA THR A 43 -41.06 -0.80 -19.16
C THR A 43 -41.73 -2.16 -19.05
N ASN A 44 -42.77 -2.34 -19.86
CA ASN A 44 -43.54 -3.58 -19.98
C ASN A 44 -44.34 -3.90 -18.74
N SER A 45 -44.46 -2.96 -17.82
CA SER A 45 -45.31 -3.04 -16.64
C SER A 45 -46.05 -1.72 -16.55
N PRO A 46 -47.28 -1.70 -16.07
CA PRO A 46 -47.87 -0.43 -15.74
C PRO A 46 -47.09 0.18 -14.59
N PRO A 47 -47.25 1.47 -14.34
CA PRO A 47 -46.69 2.04 -13.13
C PRO A 47 -47.22 1.27 -11.94
N GLN A 48 -46.34 1.01 -10.98
CA GLN A 48 -46.72 0.27 -9.79
C GLN A 48 -46.33 1.11 -8.61
N ILE A 49 -47.17 1.10 -7.58
CA ILE A 49 -46.90 1.90 -6.39
C ILE A 49 -46.86 1.00 -5.17
N ARG A 50 -45.87 1.24 -4.35
CA ARG A 50 -45.70 0.54 -3.09
C ARG A 50 -46.47 1.35 -2.06
N ILE A 51 -47.47 0.71 -1.47
CA ILE A 51 -48.32 1.30 -0.45
C ILE A 51 -48.15 0.42 0.77
N ASP A 52 -47.68 1.00 1.86
CA ASP A 52 -47.46 0.27 3.11
C ASP A 52 -46.57 -0.94 2.86
N GLY A 53 -45.62 -0.77 1.94
CA GLY A 53 -44.63 -1.79 1.66
C GLY A 53 -44.96 -2.71 0.51
N LYS A 54 -46.21 -2.71 0.01
CA LYS A 54 -46.64 -3.66 -1.01
C LYS A 54 -46.99 -2.98 -2.32
N LEU A 55 -46.58 -3.62 -3.41
CA LEU A 55 -46.80 -3.10 -4.75
C LEU A 55 -48.21 -3.34 -5.24
N LEU A 56 -48.72 -2.35 -5.95
CA LEU A 56 -50.02 -2.42 -6.59
C LEU A 56 -49.79 -1.93 -8.00
N PRO A 57 -50.10 -2.72 -9.04
CA PRO A 57 -49.95 -2.19 -10.39
C PRO A 57 -51.12 -1.26 -10.65
N LEU A 58 -50.83 -0.15 -11.30
CA LEU A 58 -51.90 0.74 -11.68
C LEU A 58 -52.62 0.26 -12.94
N ASP A 59 -53.89 0.65 -13.03
CA ASP A 59 -54.75 0.27 -14.16
C ASP A 59 -54.38 1.21 -15.30
N MET A 60 -53.22 0.93 -15.88
CA MET A 60 -52.63 1.76 -16.91
C MET A 60 -51.94 0.86 -17.93
N PRO A 61 -51.69 1.36 -19.13
CA PRO A 61 -50.97 0.56 -20.11
C PRO A 61 -49.55 0.29 -19.64
N PRO A 62 -48.92 -0.80 -20.10
CA PRO A 62 -47.53 -1.02 -19.72
C PRO A 62 -46.68 0.08 -20.30
N LEU A 63 -45.62 0.42 -19.59
CA LEU A 63 -44.76 1.48 -20.06
C LEU A 63 -43.79 0.95 -21.10
N ASN A 64 -43.39 1.82 -22.02
CA ASN A 64 -42.28 1.53 -22.91
C ASN A 64 -41.13 2.46 -22.55
N ALA A 65 -40.03 2.31 -23.27
CA ALA A 65 -38.85 3.12 -22.97
C ALA A 65 -39.11 4.59 -23.27
N VAL A 66 -39.90 4.85 -24.32
CA VAL A 66 -40.27 6.22 -24.68
C VAL A 66 -41.07 6.87 -23.58
N ASP A 67 -41.99 6.14 -22.96
CA ASP A 67 -42.82 6.73 -21.92
C ASP A 67 -41.96 7.11 -20.73
N THR A 68 -41.16 6.15 -20.27
CA THR A 68 -40.34 6.38 -19.10
C THR A 68 -39.35 7.50 -19.35
N LYS A 69 -38.74 7.52 -20.53
CA LYS A 69 -37.79 8.57 -20.84
C LYS A 69 -38.41 9.95 -20.93
N GLN A 70 -39.54 10.09 -21.62
CA GLN A 70 -40.13 11.42 -21.74
C GLN A 70 -40.63 11.93 -20.39
N LEU A 71 -41.29 11.07 -19.62
CA LEU A 71 -41.82 11.51 -18.34
C LEU A 71 -40.70 11.88 -17.39
N CYS A 72 -39.67 11.03 -17.30
CA CYS A 72 -38.60 11.33 -16.37
C CYS A 72 -37.82 12.56 -16.83
N TYR A 73 -37.63 12.70 -18.14
CA TYR A 73 -36.91 13.85 -18.67
C TYR A 73 -37.68 15.14 -18.48
N SER A 74 -38.99 15.06 -18.29
CA SER A 74 -39.77 16.28 -18.15
C SER A 74 -39.42 17.08 -16.88
N ILE A 75 -38.74 16.45 -15.92
CA ILE A 75 -38.37 17.09 -14.66
C ILE A 75 -36.86 17.25 -14.54
N LEU A 76 -36.13 17.12 -15.65
CA LEU A 76 -34.67 17.24 -15.65
C LEU A 76 -34.16 18.50 -16.32
N THR A 77 -33.04 18.96 -15.79
CA THR A 77 -32.25 19.98 -16.43
C THR A 77 -31.44 19.35 -17.56
N GLU A 78 -30.88 20.20 -18.40
CA GLU A 78 -30.07 19.69 -19.50
C GLU A 78 -28.86 18.96 -18.95
N GLN A 79 -28.33 19.46 -17.84
CA GLN A 79 -27.24 18.79 -17.18
C GLN A 79 -27.68 17.47 -16.58
N GLN A 80 -28.88 17.41 -15.99
CA GLN A 80 -29.31 16.16 -15.38
C GLN A 80 -29.59 15.12 -16.47
N LYS A 81 -30.11 15.57 -17.60
CA LYS A 81 -30.35 14.66 -18.71
C LYS A 81 -29.02 14.13 -19.22
N HIS A 82 -28.07 15.04 -19.42
CA HIS A 82 -26.72 14.68 -19.79
C HIS A 82 -26.12 13.73 -18.77
N LYS A 83 -26.46 13.91 -17.50
CA LYS A 83 -25.81 13.16 -16.44
C LYS A 83 -26.30 11.73 -16.42
N PHE A 84 -27.61 11.55 -16.52
CA PHE A 84 -28.17 10.22 -16.57
C PHE A 84 -27.73 9.50 -17.84
N GLU A 85 -27.73 10.23 -18.96
CA GLU A 85 -27.30 9.63 -20.22
C GLU A 85 -25.82 9.33 -20.23
N GLU A 86 -25.07 10.02 -19.39
CA GLU A 86 -23.65 9.80 -19.26
C GLU A 86 -23.38 8.58 -18.40
N ASN A 87 -24.26 8.32 -17.42
CA ASN A 87 -24.01 7.29 -16.43
C ASN A 87 -25.04 6.20 -16.40
N ASN A 88 -26.20 6.40 -17.03
CA ASN A 88 -27.34 5.50 -16.94
C ASN A 88 -27.81 5.38 -15.48
N GLU A 89 -27.40 6.32 -14.63
CA GLU A 89 -27.79 6.44 -13.24
C GLU A 89 -27.92 7.90 -12.85
N LEU A 90 -28.84 8.17 -11.94
CA LEU A 90 -28.97 9.52 -11.41
C LEU A 90 -29.76 9.39 -10.13
N ASP A 91 -29.19 9.94 -9.06
CA ASP A 91 -29.89 10.18 -7.82
C ASP A 91 -30.19 11.66 -7.84
N LEU A 92 -31.37 12.02 -7.39
CA LEU A 92 -31.72 13.44 -7.44
C LEU A 92 -32.88 13.67 -6.48
N SER A 93 -33.13 14.94 -6.18
CA SER A 93 -34.31 15.35 -5.44
C SER A 93 -34.93 16.55 -6.12
N PHE A 94 -36.22 16.71 -5.91
CA PHE A 94 -36.95 17.79 -6.54
C PHE A 94 -38.20 18.09 -5.74
N GLY A 95 -38.77 19.25 -5.99
CA GLY A 95 -39.97 19.69 -5.32
C GLY A 95 -41.06 19.94 -6.35
N ILE A 96 -42.29 19.71 -5.93
CA ILE A 96 -43.46 20.06 -6.69
C ILE A 96 -44.19 21.09 -5.84
N LYS A 97 -44.24 22.32 -6.35
CA LYS A 97 -44.77 23.44 -5.59
C LYS A 97 -46.19 23.17 -5.18
N GLY A 98 -46.48 23.39 -3.91
CA GLY A 98 -47.80 23.18 -3.39
C GLY A 98 -48.15 21.74 -3.16
N LEU A 99 -47.25 20.80 -3.45
CA LEU A 99 -47.53 19.37 -3.27
C LEU A 99 -46.54 18.72 -2.31
N SER A 100 -45.32 18.49 -2.75
CA SER A 100 -44.40 17.71 -1.93
C SER A 100 -43.05 17.74 -2.59
N ARG A 101 -42.03 17.34 -1.85
CA ARG A 101 -40.78 16.99 -2.45
C ARG A 101 -40.71 15.49 -2.67
N PHE A 102 -39.78 15.10 -3.51
CA PHE A 102 -39.60 13.71 -3.87
C PHE A 102 -38.12 13.49 -4.07
N ARG A 103 -37.69 12.29 -3.68
CA ARG A 103 -36.38 11.78 -4.00
C ARG A 103 -36.51 10.78 -5.13
N GLY A 104 -35.74 10.98 -6.18
CA GLY A 104 -35.82 10.16 -7.37
C GLY A 104 -34.51 9.42 -7.58
N ASN A 105 -34.63 8.22 -8.13
CA ASN A 105 -33.52 7.50 -8.70
C ASN A 105 -33.94 7.07 -10.09
N VAL A 106 -33.12 7.39 -11.07
CA VAL A 106 -33.37 7.01 -12.45
C VAL A 106 -32.21 6.11 -12.84
N PHE A 107 -32.52 5.03 -13.53
CA PHE A 107 -31.50 4.11 -13.95
C PHE A 107 -31.94 3.50 -15.26
N VAL A 108 -31.15 2.53 -15.73
CA VAL A 108 -31.39 1.84 -16.98
C VAL A 108 -31.39 0.35 -16.70
N GLN A 109 -32.35 -0.36 -17.27
CA GLN A 109 -32.42 -1.80 -17.17
C GLN A 109 -32.95 -2.34 -18.49
N ARG A 110 -32.30 -3.39 -18.97
CA ARG A 110 -32.68 -4.02 -20.23
C ARG A 110 -32.65 -3.02 -21.38
N GLY A 111 -31.81 -1.99 -21.26
CA GLY A 111 -31.71 -0.99 -22.29
C GLY A 111 -32.77 0.07 -22.25
N ALA A 112 -33.53 0.20 -21.17
CA ALA A 112 -34.63 1.15 -21.09
C ALA A 112 -34.56 1.91 -19.78
N VAL A 113 -35.18 3.10 -19.78
CA VAL A 113 -35.19 3.92 -18.59
C VAL A 113 -36.14 3.32 -17.57
N ALA A 114 -35.74 3.41 -16.30
CA ALA A 114 -36.57 3.03 -15.17
C ALA A 114 -36.38 4.08 -14.08
N GLY A 115 -37.35 4.17 -13.19
CA GLY A 115 -37.32 5.20 -12.16
C GLY A 115 -38.02 4.73 -10.90
N VAL A 116 -37.51 5.18 -9.77
CA VAL A 116 -38.14 4.96 -8.47
C VAL A 116 -38.19 6.29 -7.73
N PHE A 117 -39.32 6.54 -7.06
CA PHE A 117 -39.57 7.83 -6.43
C PHE A 117 -40.16 7.71 -5.04
N ARG A 118 -39.50 8.38 -4.08
CA ARG A 118 -39.84 8.39 -2.67
C ARG A 118 -40.49 9.73 -2.38
N VAL A 119 -41.52 9.70 -1.55
CA VAL A 119 -42.22 10.92 -1.16
C VAL A 119 -41.42 11.62 -0.06
N ILE A 120 -41.50 12.95 -0.05
CA ILE A 120 -40.94 13.76 1.01
C ILE A 120 -42.02 14.81 1.33
N PRO A 121 -42.82 14.62 2.37
CA PRO A 121 -43.90 15.58 2.64
C PRO A 121 -43.34 16.94 2.99
N TYR A 122 -44.10 17.98 2.67
CA TYR A 122 -43.66 19.29 3.10
C TYR A 122 -43.79 19.41 4.62
N LYS A 123 -44.76 18.73 5.21
CA LYS A 123 -44.98 18.80 6.65
C LYS A 123 -44.38 17.57 7.33
N ILE A 124 -43.51 17.83 8.29
CA ILE A 124 -42.86 16.79 9.07
C ILE A 124 -43.75 16.48 10.28
N LEU A 125 -44.05 15.20 10.49
CA LEU A 125 -44.87 14.89 11.64
C LEU A 125 -44.10 14.96 12.95
N SER A 126 -44.86 15.15 14.01
CA SER A 126 -44.37 15.28 15.37
C SER A 126 -44.13 13.90 15.96
N PHE A 127 -43.53 13.86 17.15
CA PHE A 127 -43.24 12.58 17.79
C PHE A 127 -44.52 11.81 18.07
N GLU A 128 -45.54 12.48 18.61
CA GLU A 128 -46.77 11.78 18.95
C GLU A 128 -47.50 11.31 17.70
N GLU A 129 -47.46 12.10 16.63
CA GLU A 129 -48.08 11.66 15.39
C GLU A 129 -47.36 10.44 14.85
N LEU A 130 -46.06 10.37 15.08
CA LEU A 130 -45.24 9.26 14.65
C LEU A 130 -45.23 8.12 15.64
N GLY A 131 -45.82 8.32 16.82
CA GLY A 131 -45.80 7.30 17.84
C GLY A 131 -44.48 7.25 18.55
N LEU A 132 -43.72 8.32 18.50
CA LEU A 132 -42.40 8.42 19.10
C LEU A 132 -42.52 8.90 20.54
N PRO A 133 -41.85 8.28 21.51
CA PRO A 133 -42.04 8.70 22.89
C PRO A 133 -41.43 10.07 23.17
N PRO A 134 -41.86 10.71 24.26
CA PRO A 134 -41.37 12.06 24.61
C PRO A 134 -39.87 12.17 24.84
N VAL A 135 -39.18 11.09 25.17
CA VAL A 135 -37.74 11.20 25.47
C VAL A 135 -36.94 11.66 24.27
N VAL A 136 -37.38 11.35 23.05
CA VAL A 136 -36.65 11.85 21.90
C VAL A 136 -36.75 13.37 21.85
N ARG A 137 -37.91 13.91 22.23
CA ARG A 137 -38.04 15.35 22.26
C ARG A 137 -37.10 15.95 23.29
N GLU A 138 -36.90 15.27 24.43
CA GLU A 138 -35.97 15.83 25.40
C GLU A 138 -34.54 15.71 24.88
N LEU A 139 -34.29 14.70 24.06
CA LEU A 139 -33.01 14.56 23.40
C LEU A 139 -32.80 15.70 22.41
N ALA A 140 -33.90 16.20 21.85
CA ALA A 140 -33.84 17.32 20.93
C ALA A 140 -33.37 18.60 21.60
N GLU A 141 -33.28 18.64 22.93
CA GLU A 141 -32.79 19.81 23.65
C GLU A 141 -31.33 19.67 24.01
N LYS A 142 -30.71 18.54 23.68
CA LYS A 142 -29.32 18.29 23.98
C LYS A 142 -28.46 19.26 23.17
N PRO A 143 -27.46 19.92 23.75
CA PRO A 143 -26.69 20.86 22.94
C PRO A 143 -25.73 20.17 22.01
N ARG A 144 -25.25 18.99 22.35
CA ARG A 144 -24.28 18.30 21.51
C ARG A 144 -24.26 16.81 21.76
N GLY A 145 -23.64 16.14 20.80
CA GLY A 145 -23.34 14.73 20.80
C GLY A 145 -23.98 14.07 19.59
N LEU A 146 -23.82 12.75 19.52
CA LEU A 146 -24.36 11.98 18.41
C LEU A 146 -25.47 11.06 18.89
N VAL A 147 -26.64 11.21 18.30
CA VAL A 147 -27.79 10.36 18.55
C VAL A 147 -28.13 9.75 17.20
N LEU A 148 -28.20 8.42 17.15
CA LEU A 148 -28.40 7.69 15.90
C LEU A 148 -29.73 6.98 15.80
N VAL A 149 -30.39 7.19 14.67
CA VAL A 149 -31.64 6.55 14.29
C VAL A 149 -31.34 5.69 13.09
N THR A 150 -31.45 4.37 13.26
CA THR A 150 -31.00 3.43 12.26
C THR A 150 -32.18 2.55 11.85
N GLY A 151 -31.94 1.79 10.79
CA GLY A 151 -32.94 0.91 10.25
C GLY A 151 -32.75 0.84 8.76
N PRO A 152 -33.51 -0.02 8.10
CA PRO A 152 -33.39 -0.15 6.65
C PRO A 152 -33.84 1.11 5.94
N THR A 153 -33.60 1.12 4.64
CA THR A 153 -33.96 2.25 3.80
C THR A 153 -35.45 2.49 3.84
N GLY A 154 -35.81 3.76 4.01
CA GLY A 154 -37.21 4.13 4.01
C GLY A 154 -37.96 3.68 5.23
N SER A 155 -37.29 3.59 6.37
CA SER A 155 -37.89 3.13 7.60
C SER A 155 -38.30 4.31 8.46
N GLY A 156 -38.32 5.51 7.86
CA GLY A 156 -38.73 6.73 8.48
C GLY A 156 -37.59 7.50 9.07
N LYS A 157 -36.36 7.11 8.75
CA LYS A 157 -35.20 7.68 9.42
C LYS A 157 -35.05 9.14 9.06
N SER A 158 -35.11 9.45 7.77
CA SER A 158 -35.00 10.83 7.36
C SER A 158 -36.16 11.64 7.91
N THR A 159 -37.34 11.03 7.96
CA THR A 159 -38.52 11.69 8.48
C THR A 159 -38.40 11.95 9.97
N THR A 160 -37.93 10.94 10.71
CA THR A 160 -37.69 11.08 12.14
C THR A 160 -36.64 12.14 12.42
N LEU A 161 -35.57 12.09 11.65
CA LEU A 161 -34.48 13.03 11.81
C LEU A 161 -34.97 14.42 11.53
N ALA A 162 -35.83 14.55 10.52
CA ALA A 162 -36.38 15.84 10.15
C ALA A 162 -37.29 16.36 11.25
N ALA A 163 -38.02 15.48 11.92
CA ALA A 163 -38.89 15.95 13.00
C ALA A 163 -38.06 16.51 14.14
N ILE A 164 -36.99 15.82 14.50
CA ILE A 164 -36.13 16.32 15.57
C ILE A 164 -35.50 17.64 15.14
N ILE A 165 -35.12 17.70 13.86
CA ILE A 165 -34.47 18.88 13.31
C ILE A 165 -35.41 20.06 13.35
N ASP A 166 -36.62 19.84 12.89
CA ASP A 166 -37.63 20.89 12.86
C ASP A 166 -37.95 21.37 14.25
N LYS A 167 -37.91 20.46 15.23
CA LYS A 167 -38.15 20.88 16.60
C LYS A 167 -37.04 21.80 17.08
N ILE A 168 -35.80 21.44 16.81
CA ILE A 168 -34.69 22.32 17.15
C ILE A 168 -34.78 23.65 16.41
N ASN A 169 -35.06 23.61 15.10
CA ASN A 169 -35.22 24.82 14.32
C ASN A 169 -36.27 25.72 14.91
N THR A 170 -37.32 25.11 15.44
CA THR A 170 -38.41 25.88 16.00
C THR A 170 -37.99 26.45 17.34
N ASP A 171 -37.20 25.70 18.11
CA ASP A 171 -36.99 26.00 19.52
C ASP A 171 -35.68 26.69 19.82
N ARG A 172 -34.67 26.55 18.97
CA ARG A 172 -33.34 27.06 19.27
C ARG A 172 -32.96 28.19 18.35
N HIS A 173 -32.02 29.00 18.82
CA HIS A 173 -31.38 30.04 18.04
C HIS A 173 -29.95 29.61 17.74
N GLU A 174 -29.85 28.58 16.91
CA GLU A 174 -28.58 27.92 16.62
C GLU A 174 -28.45 27.72 15.12
N HIS A 175 -27.30 27.19 14.72
CA HIS A 175 -26.95 27.02 13.32
C HIS A 175 -27.04 25.53 13.00
N ILE A 176 -27.96 25.20 12.10
CA ILE A 176 -28.18 23.84 11.64
C ILE A 176 -27.61 23.74 10.23
N VAL A 177 -26.73 22.77 10.02
CA VAL A 177 -26.18 22.47 8.70
C VAL A 177 -26.47 21.03 8.32
N THR A 178 -26.98 20.81 7.12
CA THR A 178 -27.14 19.45 6.61
C THR A 178 -26.31 19.26 5.36
N VAL A 179 -25.73 18.08 5.24
CA VAL A 179 -25.03 17.65 4.03
C VAL A 179 -25.69 16.37 3.54
N GLU A 180 -26.21 16.40 2.33
CA GLU A 180 -27.09 15.36 1.83
C GLU A 180 -26.78 15.08 0.38
N ASP A 181 -27.00 13.84 -0.06
CA ASP A 181 -26.73 13.48 -1.46
C ASP A 181 -27.89 12.60 -1.88
N PRO A 182 -29.03 13.21 -2.26
CA PRO A 182 -29.33 14.64 -2.32
C PRO A 182 -30.06 15.17 -1.10
N ILE A 183 -30.35 16.47 -1.10
CA ILE A 183 -31.17 17.05 -0.05
C ILE A 183 -32.57 16.48 -0.15
N GLU A 184 -33.07 15.95 0.96
CA GLU A 184 -34.42 15.40 0.99
C GLU A 184 -35.41 16.33 1.67
N TYR A 185 -35.54 16.26 2.99
CA TYR A 185 -36.43 17.13 3.72
C TYR A 185 -35.88 18.55 3.72
N LEU A 186 -36.71 19.54 3.42
CA LEU A 186 -36.32 20.94 3.56
C LEU A 186 -36.79 21.51 4.88
N HIS A 187 -35.88 22.23 5.55
CA HIS A 187 -36.15 22.86 6.83
C HIS A 187 -35.97 24.35 6.70
N PRO A 188 -36.96 25.08 6.19
CA PRO A 188 -36.85 26.54 6.18
C PRO A 188 -36.68 27.08 7.59
N HIS A 189 -36.24 28.32 7.65
CA HIS A 189 -35.81 28.90 8.92
C HIS A 189 -36.98 29.04 9.87
N LYS A 190 -36.79 28.62 11.12
CA LYS A 190 -37.75 28.93 12.17
C LYS A 190 -37.06 29.85 13.18
N SER A 191 -36.49 29.28 14.25
CA SER A 191 -35.65 30.05 15.16
C SER A 191 -34.17 29.89 14.87
N CYS A 192 -33.78 28.83 14.18
CA CYS A 192 -32.40 28.58 13.77
C CYS A 192 -32.14 29.15 12.39
N VAL A 193 -30.87 29.26 12.07
CA VAL A 193 -30.43 29.42 10.69
C VAL A 193 -30.10 28.03 10.19
N VAL A 194 -30.77 27.61 9.12
CA VAL A 194 -30.67 26.27 8.58
C VAL A 194 -30.12 26.37 7.17
N ASN A 195 -28.95 25.78 6.95
CA ASN A 195 -28.33 25.69 5.64
C ASN A 195 -28.25 24.24 5.21
N GLN A 196 -28.70 23.95 3.99
CA GLN A 196 -28.77 22.59 3.48
C GLN A 196 -27.97 22.50 2.21
N ARG A 197 -26.96 21.65 2.23
CA ARG A 197 -25.98 21.47 1.16
C ARG A 197 -26.13 20.13 0.48
N GLU A 198 -26.29 20.16 -0.85
CA GLU A 198 -26.42 18.96 -1.64
C GLU A 198 -25.02 18.66 -2.17
N VAL A 199 -24.53 17.45 -1.90
CA VAL A 199 -23.21 17.06 -2.39
C VAL A 199 -23.21 16.99 -3.92
N GLY A 200 -22.15 17.54 -4.53
CA GLY A 200 -22.03 17.55 -5.96
C GLY A 200 -22.58 18.78 -6.64
N ALA A 201 -23.23 19.68 -5.91
CA ALA A 201 -23.74 20.94 -6.43
C ALA A 201 -23.37 22.04 -5.46
N ASP A 202 -23.87 21.94 -4.22
CA ASP A 202 -23.55 22.93 -3.20
C ASP A 202 -22.13 22.74 -2.69
N THR A 203 -21.67 21.50 -2.61
CA THR A 203 -20.34 21.16 -2.12
C THR A 203 -19.80 20.02 -3.00
N LYS A 204 -18.47 19.96 -3.09
CA LYS A 204 -17.84 19.01 -4.00
C LYS A 204 -18.08 17.58 -3.55
N SER A 205 -18.10 17.37 -2.24
CA SER A 205 -18.14 16.04 -1.67
C SER A 205 -18.47 16.18 -0.20
N PHE A 206 -18.82 15.04 0.40
CA PHE A 206 -18.94 15.00 1.84
C PHE A 206 -17.63 15.42 2.46
N LYS A 207 -16.53 14.96 1.86
CA LYS A 207 -15.21 15.25 2.35
C LYS A 207 -14.97 16.77 2.30
N ASN A 208 -15.41 17.40 1.22
CA ASN A 208 -15.21 18.84 1.06
C ASN A 208 -16.08 19.59 2.06
N ALA A 209 -17.29 19.08 2.26
CA ALA A 209 -18.16 19.67 3.25
C ALA A 209 -17.49 19.61 4.61
N LEU A 210 -16.88 18.47 4.94
CA LEU A 210 -16.20 18.39 6.22
C LEU A 210 -14.96 19.26 6.23
N LYS A 211 -14.42 19.58 5.06
CA LYS A 211 -13.25 20.43 5.00
C LYS A 211 -13.62 21.85 5.40
N TYR A 212 -14.87 22.24 5.15
CA TYR A 212 -15.29 23.61 5.43
C TYR A 212 -16.29 23.74 6.56
N ILE A 213 -16.75 22.63 7.14
CA ILE A 213 -17.84 22.74 8.10
C ILE A 213 -17.45 23.41 9.39
N LEU A 214 -16.21 23.26 9.81
CA LEU A 214 -15.76 23.88 11.04
C LEU A 214 -15.56 25.37 10.93
N ARG A 215 -15.41 25.89 9.72
CA ARG A 215 -15.29 27.32 9.52
C ARG A 215 -16.62 27.98 9.27
N GLN A 216 -17.72 27.25 9.41
CA GLN A 216 -19.05 27.77 9.17
C GLN A 216 -19.84 27.91 10.47
N ASP A 217 -19.15 27.82 11.61
CA ASP A 217 -19.72 28.04 12.92
C ASP A 217 -21.05 27.29 13.19
N PRO A 218 -21.07 25.98 12.98
CA PRO A 218 -22.31 25.24 13.22
C PRO A 218 -22.49 24.88 14.68
N ASP A 219 -23.73 24.63 15.01
CA ASP A 219 -24.15 24.05 16.27
C ASP A 219 -24.76 22.67 16.11
N VAL A 220 -25.52 22.46 15.04
CA VAL A 220 -26.21 21.21 14.77
C VAL A 220 -25.88 20.77 13.37
N VAL A 221 -25.56 19.48 13.22
CA VAL A 221 -25.11 18.96 11.94
C VAL A 221 -25.80 17.64 11.59
N LEU A 222 -26.27 17.57 10.35
CA LEU A 222 -26.77 16.35 9.72
C LEU A 222 -25.73 15.94 8.69
N VAL A 223 -25.20 14.73 8.80
CA VAL A 223 -24.09 14.30 7.96
C VAL A 223 -24.48 13.22 6.97
N GLY A 224 -25.73 12.77 6.95
CA GLY A 224 -26.09 11.75 6.00
C GLY A 224 -25.61 10.37 6.46
N GLU A 225 -25.34 9.51 5.49
CA GLU A 225 -24.97 8.14 5.78
C GLU A 225 -23.53 8.08 6.31
N LEU A 226 -23.33 7.20 7.29
CA LEU A 226 -22.00 6.87 7.79
C LEU A 226 -21.33 5.91 6.81
N ARG A 227 -20.82 6.49 5.73
CA ARG A 227 -20.42 5.67 4.59
C ARG A 227 -19.07 5.02 4.78
N ASP A 228 -18.15 5.65 5.52
CA ASP A 228 -16.81 5.10 5.66
C ASP A 228 -16.24 5.49 7.02
N LEU A 229 -15.03 4.99 7.28
CA LEU A 229 -14.35 5.27 8.54
C LEU A 229 -14.11 6.77 8.69
N GLU A 230 -13.79 7.43 7.57
CA GLU A 230 -13.50 8.86 7.61
C GLU A 230 -14.71 9.65 8.09
N THR A 231 -15.88 9.28 7.60
CA THR A 231 -17.09 9.91 8.07
C THR A 231 -17.31 9.68 9.55
N ILE A 232 -16.96 8.48 10.01
CA ILE A 232 -17.06 8.18 11.45
C ILE A 232 -16.14 9.10 12.24
N GLU A 233 -14.90 9.26 11.77
CA GLU A 233 -13.95 10.13 12.46
C GLU A 233 -14.44 11.57 12.46
N ALA A 234 -15.05 11.99 11.35
CA ALA A 234 -15.61 13.33 11.27
C ALA A 234 -16.72 13.51 12.28
N ALA A 235 -17.57 12.49 12.42
CA ALA A 235 -18.68 12.58 13.35
C ALA A 235 -18.18 12.62 14.79
N LEU A 236 -17.16 11.82 15.10
CA LEU A 236 -16.59 11.84 16.44
C LEU A 236 -15.98 13.20 16.73
N THR A 237 -15.34 13.79 15.73
CA THR A 237 -14.74 15.11 15.90
C THR A 237 -15.82 16.16 16.14
N LEU A 238 -16.86 16.13 15.33
CA LEU A 238 -17.97 17.06 15.50
C LEU A 238 -18.62 16.94 16.87
N ALA A 239 -18.90 15.72 17.31
CA ALA A 239 -19.59 15.56 18.59
C ALA A 239 -18.70 15.98 19.74
N GLU A 240 -17.39 15.87 19.59
CA GLU A 240 -16.48 16.24 20.66
C GLU A 240 -16.10 17.70 20.63
N THR A 241 -16.27 18.37 19.48
CA THR A 241 -15.88 19.77 19.32
C THR A 241 -17.01 20.75 19.59
N GLY A 242 -18.04 20.33 20.32
CA GLY A 242 -19.08 21.25 20.73
C GLY A 242 -20.27 21.31 19.81
N HIS A 243 -20.42 20.34 18.93
CA HIS A 243 -21.52 20.32 17.97
C HIS A 243 -22.48 19.18 18.25
N LEU A 244 -23.69 19.38 17.79
CA LEU A 244 -24.72 18.34 17.77
C LEU A 244 -24.72 17.69 16.40
N CYS A 245 -24.37 16.40 16.36
CA CYS A 245 -24.18 15.68 15.12
C CYS A 245 -25.25 14.62 14.95
N PHE A 246 -25.89 14.62 13.80
CA PHE A 246 -26.87 13.63 13.41
C PHE A 246 -26.35 12.75 12.28
N ALA A 247 -26.57 11.44 12.41
CA ALA A 247 -26.15 10.51 11.37
C ALA A 247 -27.07 9.30 11.39
N THR A 248 -27.02 8.54 10.29
CA THR A 248 -27.84 7.34 10.13
C THR A 248 -26.97 6.12 9.89
N LEU A 249 -27.54 4.97 10.23
CA LEU A 249 -26.98 3.69 9.85
C LEU A 249 -28.11 2.76 9.46
N HIS A 250 -27.77 1.72 8.72
CA HIS A 250 -28.74 0.70 8.35
C HIS A 250 -28.64 -0.52 9.28
N THR A 251 -28.11 -0.34 10.48
CA THR A 251 -28.09 -1.43 11.45
C THR A 251 -29.43 -1.56 12.15
N ASN A 252 -29.62 -2.73 12.78
CA ASN A 252 -30.90 -3.11 13.33
C ASN A 252 -30.91 -3.16 14.85
N SER A 253 -29.76 -2.95 15.50
CA SER A 253 -29.75 -2.98 16.96
C SER A 253 -28.58 -2.16 17.46
N ALA A 254 -28.64 -1.84 18.75
CA ALA A 254 -27.57 -1.07 19.38
C ALA A 254 -26.27 -1.86 19.41
N VAL A 255 -26.35 -3.13 19.81
CA VAL A 255 -25.15 -3.96 19.89
C VAL A 255 -24.58 -4.19 18.51
N GLN A 256 -25.45 -4.54 17.55
CA GLN A 256 -24.98 -4.73 16.19
C GLN A 256 -24.38 -3.45 15.63
N THR A 257 -24.94 -2.32 16.03
CA THR A 257 -24.42 -1.04 15.59
C THR A 257 -23.04 -0.79 16.16
N ILE A 258 -22.89 -1.00 17.46
CA ILE A 258 -21.63 -0.74 18.13
C ILE A 258 -20.54 -1.66 17.61
N ASN A 259 -20.85 -2.94 17.45
CA ASN A 259 -19.85 -3.85 16.93
C ASN A 259 -19.45 -3.44 15.52
N ARG A 260 -20.43 -3.05 14.72
CA ARG A 260 -20.14 -2.63 13.36
C ARG A 260 -19.22 -1.42 13.37
N ILE A 261 -19.51 -0.48 14.27
CA ILE A 261 -18.75 0.76 14.36
C ILE A 261 -17.32 0.50 14.81
N VAL A 262 -17.14 -0.36 15.80
CA VAL A 262 -15.79 -0.59 16.30
C VAL A 262 -14.98 -1.30 15.23
N ASP A 263 -15.58 -2.29 14.59
CA ASP A 263 -14.82 -3.16 13.73
C ASP A 263 -14.41 -2.48 12.42
N VAL A 264 -14.96 -1.30 12.12
CA VAL A 264 -14.51 -0.65 10.89
C VAL A 264 -13.11 -0.11 11.11
N PHE A 265 -12.70 0.06 12.38
CA PHE A 265 -11.40 0.64 12.63
C PHE A 265 -10.31 -0.40 12.73
N PRO A 266 -9.07 -0.02 12.41
CA PRO A 266 -7.96 -0.92 12.65
C PRO A 266 -7.92 -1.24 14.14
N SER A 267 -7.36 -2.40 14.46
CA SER A 267 -7.43 -2.92 15.81
C SER A 267 -6.80 -1.96 16.81
N TYR A 268 -5.76 -1.24 16.38
CA TYR A 268 -5.03 -0.36 17.28
C TYR A 268 -5.83 0.89 17.66
N GLN A 269 -6.81 1.29 16.86
CA GLN A 269 -7.59 2.48 17.15
C GLN A 269 -8.92 2.19 17.79
N GLN A 270 -9.33 0.95 17.87
CA GLN A 270 -10.58 0.64 18.55
C GLN A 270 -10.58 1.04 20.03
N PRO A 271 -9.47 0.92 20.79
CA PRO A 271 -9.48 1.45 22.16
C PRO A 271 -9.84 2.93 22.24
N GLN A 272 -9.25 3.73 21.36
CA GLN A 272 -9.55 5.16 21.32
C GLN A 272 -10.98 5.38 20.92
N VAL A 273 -11.44 4.62 19.94
CA VAL A 273 -12.80 4.78 19.47
C VAL A 273 -13.76 4.47 20.61
N ARG A 274 -13.47 3.44 21.39
CA ARG A 274 -14.31 3.13 22.54
C ARG A 274 -14.31 4.27 23.55
N ALA A 275 -13.16 4.87 23.81
CA ALA A 275 -13.14 5.99 24.75
C ALA A 275 -13.91 7.19 24.20
N GLN A 276 -13.68 7.49 22.92
CA GLN A 276 -14.36 8.57 22.24
C GLN A 276 -15.86 8.36 22.23
N LEU A 277 -16.28 7.18 21.80
CA LEU A 277 -17.69 6.84 21.75
C LEU A 277 -18.32 6.96 23.12
N SER A 278 -17.63 6.50 24.15
CA SER A 278 -18.16 6.59 25.49
C SER A 278 -18.34 8.03 25.90
N PHE A 279 -17.52 8.92 25.34
CA PHE A 279 -17.61 10.33 25.70
C PHE A 279 -18.72 11.02 24.91
N VAL A 280 -18.78 10.78 23.61
CA VAL A 280 -19.62 11.58 22.72
C VAL A 280 -20.98 10.97 22.43
N LEU A 281 -21.13 9.66 22.60
CA LEU A 281 -22.38 8.99 22.27
C LEU A 281 -23.49 9.42 23.20
N GLU A 282 -24.62 9.84 22.63
CA GLU A 282 -25.76 10.25 23.41
C GLU A 282 -27.01 9.42 23.15
N GLY A 283 -27.06 8.61 22.09
CA GLY A 283 -28.22 7.78 21.85
C GLY A 283 -28.13 6.88 20.64
N VAL A 284 -28.67 5.65 20.72
CA VAL A 284 -28.77 4.77 19.56
C VAL A 284 -30.19 4.26 19.44
N LEU A 285 -30.83 4.54 18.31
CA LEU A 285 -32.17 4.07 17.99
C LEU A 285 -32.07 3.17 16.77
N SER A 286 -32.80 2.06 16.79
CA SER A 286 -32.90 1.16 15.64
C SER A 286 -34.36 0.91 15.37
N GLN A 287 -34.85 1.44 14.24
CA GLN A 287 -36.26 1.54 13.97
C GLN A 287 -36.61 0.84 12.67
N THR A 288 -37.89 0.54 12.52
CA THR A 288 -38.44 -0.10 11.34
C THR A 288 -39.90 0.30 11.19
N LEU A 289 -40.36 0.42 9.95
CA LEU A 289 -41.79 0.56 9.67
C LEU A 289 -42.33 -0.80 9.26
N LEU A 290 -43.36 -1.26 9.95
CA LEU A 290 -44.02 -2.54 9.83
C LEU A 290 -45.45 -2.38 9.36
N PRO A 291 -46.00 -3.31 8.60
CA PRO A 291 -47.43 -3.21 8.27
C PRO A 291 -48.23 -3.36 9.55
N LYS A 292 -49.25 -2.53 9.69
CA LYS A 292 -50.08 -2.59 10.88
C LYS A 292 -50.91 -3.85 10.94
N ALA A 293 -51.23 -4.24 12.17
CA ALA A 293 -52.04 -5.44 12.41
C ALA A 293 -53.43 -5.27 11.83
N SER A 294 -53.92 -4.02 11.74
CA SER A 294 -55.24 -3.79 11.18
C SER A 294 -55.29 -4.07 9.68
N GLY A 295 -54.14 -4.09 9.02
CA GLY A 295 -54.08 -4.27 7.59
C GLY A 295 -54.09 -2.99 6.79
N THR A 296 -54.11 -1.84 7.45
CA THR A 296 -54.11 -0.53 6.80
C THR A 296 -53.12 0.35 7.53
N GLY A 297 -52.16 0.93 6.82
CA GLY A 297 -51.18 1.78 7.45
C GLY A 297 -49.98 0.98 7.94
N ARG A 298 -48.98 1.73 8.39
CA ARG A 298 -47.77 1.11 8.94
C ARG A 298 -47.46 1.72 10.29
N VAL A 299 -46.82 0.89 11.12
CA VAL A 299 -46.49 1.20 12.50
C VAL A 299 -44.99 1.07 12.75
N LEU A 300 -44.45 1.96 13.56
CA LEU A 300 -43.03 1.98 13.84
C LEU A 300 -42.72 1.02 14.98
N ALA A 301 -41.76 0.13 14.78
CA ALA A 301 -41.18 -0.66 15.85
C ALA A 301 -39.75 -0.18 16.04
N ILE A 302 -39.39 0.16 17.28
CA ILE A 302 -38.12 0.84 17.53
C ILE A 302 -37.51 0.29 18.82
N GLU A 303 -36.22 0.02 18.76
CA GLU A 303 -35.41 -0.32 19.92
C GLU A 303 -34.60 0.92 20.31
N VAL A 304 -34.62 1.26 21.60
CA VAL A 304 -34.03 2.49 22.13
C VAL A 304 -32.94 2.16 23.14
N MET A 305 -31.74 2.68 22.90
CA MET A 305 -30.59 2.62 23.81
C MET A 305 -30.15 4.03 24.17
N VAL A 306 -30.19 4.36 25.45
CA VAL A 306 -29.70 5.63 25.96
C VAL A 306 -28.51 5.36 26.86
N PRO A 307 -27.29 5.83 26.52
CA PRO A 307 -26.12 5.45 27.33
C PRO A 307 -26.19 6.06 28.73
N ASN A 308 -25.99 5.23 29.74
CA ASN A 308 -25.74 5.70 31.08
C ASN A 308 -24.27 5.50 31.40
N PRO A 309 -23.78 6.04 32.53
CA PRO A 309 -22.38 5.81 32.92
C PRO A 309 -21.96 4.36 32.91
N ALA A 310 -22.89 3.47 33.28
CA ALA A 310 -22.56 2.05 33.26
C ALA A 310 -22.35 1.61 31.83
N ILE A 311 -23.21 2.09 30.94
CA ILE A 311 -23.09 1.75 29.53
C ILE A 311 -21.82 2.36 28.98
N ARG A 312 -21.52 3.59 29.38
CA ARG A 312 -20.29 4.24 28.92
C ARG A 312 -19.07 3.45 29.37
N ASN A 313 -19.14 2.86 30.55
CA ASN A 313 -18.04 2.01 31.00
C ASN A 313 -17.97 0.78 30.10
N LEU A 314 -19.13 0.21 29.78
CA LEU A 314 -19.16 -0.95 28.89
C LEU A 314 -18.57 -0.60 27.53
N ILE A 315 -18.79 0.63 27.09
CA ILE A 315 -18.24 1.09 25.81
C ILE A 315 -16.74 1.16 25.91
N ARG A 316 -16.23 1.73 26.99
CA ARG A 316 -14.78 1.85 27.13
C ARG A 316 -14.11 0.50 27.33
N GLU A 317 -14.75 -0.38 28.07
CA GLU A 317 -14.20 -1.68 28.40
C GLU A 317 -14.39 -2.78 27.35
N ASP A 318 -14.98 -2.50 26.19
CA ASP A 318 -15.18 -3.57 25.19
C ASP A 318 -15.99 -4.74 25.78
N LYS A 319 -17.07 -4.41 26.49
CA LYS A 319 -17.98 -5.41 27.05
C LYS A 319 -19.37 -5.27 26.47
N ILE A 320 -19.38 -5.32 25.14
CA ILE A 320 -20.52 -4.92 24.32
C ILE A 320 -21.73 -5.81 24.60
N HIS A 321 -21.52 -7.10 24.79
CA HIS A 321 -22.63 -8.05 24.77
C HIS A 321 -23.64 -7.80 25.88
N GLN A 322 -23.16 -7.32 27.02
CA GLN A 322 -24.00 -7.03 28.18
C GLN A 322 -24.80 -5.75 28.03
N ILE A 323 -24.62 -5.03 26.92
CA ILE A 323 -25.36 -3.80 26.70
C ILE A 323 -26.83 -4.09 26.55
N TYR A 324 -27.16 -5.24 25.97
CA TYR A 324 -28.57 -5.59 25.79
C TYR A 324 -29.26 -5.64 27.13
N SER A 325 -28.56 -6.13 28.15
CA SER A 325 -29.16 -6.21 29.47
C SER A 325 -29.44 -4.83 30.02
N GLN A 326 -28.60 -3.85 29.73
CA GLN A 326 -28.89 -2.51 30.22
C GLN A 326 -30.14 -1.96 29.57
N MET A 327 -30.35 -2.29 28.30
CA MET A 327 -31.55 -1.79 27.65
C MET A 327 -32.77 -2.49 28.22
N GLN A 328 -32.59 -3.73 28.67
CA GLN A 328 -33.72 -4.45 29.23
C GLN A 328 -34.18 -3.81 30.53
N VAL A 329 -33.28 -3.08 31.20
CA VAL A 329 -33.56 -2.50 32.50
C VAL A 329 -33.52 -0.98 32.51
N GLY A 330 -33.44 -0.34 31.33
CA GLY A 330 -33.37 1.11 31.33
C GLY A 330 -34.67 1.76 30.96
N GLN A 331 -35.77 1.04 31.17
CA GLN A 331 -37.08 1.55 30.78
C GLN A 331 -37.51 2.68 31.71
N GLU A 332 -37.46 2.41 33.01
CA GLU A 332 -37.96 3.37 33.99
C GLU A 332 -37.03 4.56 34.16
N LYS A 333 -35.71 4.33 34.13
CA LYS A 333 -34.79 5.40 34.46
C LYS A 333 -34.59 6.33 33.27
N PHE A 334 -34.26 5.75 32.12
CA PHE A 334 -33.86 6.50 30.94
C PHE A 334 -34.80 6.37 29.76
N GLY A 335 -35.88 5.61 29.87
CA GLY A 335 -36.73 5.47 28.71
C GLY A 335 -36.16 4.53 27.67
N MET A 336 -35.22 3.67 28.04
CA MET A 336 -34.66 2.74 27.10
C MET A 336 -35.67 1.65 26.79
N MET A 337 -35.44 0.94 25.70
CA MET A 337 -36.43 -0.03 25.27
C MET A 337 -35.80 -0.96 24.25
N THR A 338 -35.78 -2.24 24.59
CA THR A 338 -35.36 -3.25 23.65
C THR A 338 -36.44 -3.43 22.59
N MET A 339 -36.06 -4.07 21.50
CA MET A 339 -37.02 -4.33 20.43
C MET A 339 -38.17 -5.19 20.98
N ASN A 340 -37.84 -6.17 21.81
CA ASN A 340 -38.90 -7.01 22.38
C ASN A 340 -39.84 -6.20 23.24
N GLN A 341 -39.31 -5.22 23.96
CA GLN A 341 -40.15 -4.34 24.76
C GLN A 341 -41.07 -3.49 23.88
N CYS A 342 -40.58 -3.10 22.71
CA CYS A 342 -41.42 -2.37 21.77
C CYS A 342 -42.50 -3.27 21.19
N LEU A 343 -42.11 -4.50 20.84
CA LEU A 343 -43.08 -5.47 20.35
C LEU A 343 -44.12 -5.74 21.41
N TYR A 344 -43.72 -5.77 22.68
CA TYR A 344 -44.68 -5.91 23.76
C TYR A 344 -45.70 -4.80 23.77
N GLY A 345 -45.24 -3.56 23.65
CA GLY A 345 -46.22 -2.48 23.67
C GLY A 345 -47.13 -2.51 22.47
N LEU A 346 -46.57 -2.80 21.30
CA LEU A 346 -47.37 -2.91 20.09
C LEU A 346 -48.33 -4.08 20.12
N LEU A 347 -47.94 -5.18 20.76
CA LEU A 347 -48.80 -6.35 20.83
C LEU A 347 -49.94 -6.17 21.81
N GLN A 348 -49.65 -5.59 22.97
CA GLN A 348 -50.73 -5.36 23.91
C GLN A 348 -51.70 -4.36 23.34
N LYS A 349 -51.18 -3.39 22.60
CA LYS A 349 -52.00 -2.41 21.91
C LYS A 349 -52.53 -2.94 20.57
N ARG A 350 -52.22 -4.18 20.20
CA ARG A 350 -52.72 -4.81 18.99
C ARG A 350 -52.30 -4.03 17.75
N HIS A 351 -51.14 -3.39 17.82
CA HIS A 351 -50.60 -2.66 16.68
C HIS A 351 -49.91 -3.58 15.68
N ILE A 352 -49.37 -4.69 16.16
CA ILE A 352 -48.67 -5.66 15.33
C ILE A 352 -49.21 -7.04 15.63
N THR A 353 -48.99 -7.96 14.70
CA THR A 353 -49.43 -9.32 14.94
C THR A 353 -48.41 -10.06 15.79
N MET A 354 -48.87 -11.18 16.33
CA MET A 354 -48.01 -12.03 17.16
C MET A 354 -46.88 -12.64 16.36
N ASP A 355 -47.17 -13.04 15.12
CA ASP A 355 -46.17 -13.69 14.28
C ASP A 355 -45.00 -12.77 13.92
N VAL A 356 -45.25 -11.50 13.62
CA VAL A 356 -44.13 -10.64 13.27
C VAL A 356 -43.23 -10.38 14.48
N GLY A 357 -43.85 -10.10 15.61
CA GLY A 357 -43.08 -9.86 16.82
C GLY A 357 -42.31 -11.09 17.26
N MET A 358 -42.95 -12.24 17.17
CA MET A 358 -42.29 -13.47 17.56
C MET A 358 -41.21 -13.83 16.55
N GLY A 359 -41.49 -13.64 15.26
CA GLY A 359 -40.53 -13.91 14.22
C GLY A 359 -39.32 -13.01 14.27
N ARG A 360 -39.39 -11.93 15.05
CA ARG A 360 -38.27 -11.01 15.20
C ARG A 360 -37.69 -11.06 16.60
N SER A 361 -38.43 -11.61 17.55
CA SER A 361 -37.97 -11.70 18.92
C SER A 361 -36.71 -12.56 19.02
N PRO A 362 -35.62 -12.09 19.63
CA PRO A 362 -34.49 -13.00 19.86
C PRO A 362 -34.81 -14.09 20.86
N ASP A 363 -35.88 -13.92 21.64
CA ASP A 363 -36.37 -14.94 22.55
C ASP A 363 -37.88 -14.82 22.54
N PRO A 364 -38.56 -15.54 21.64
CA PRO A 364 -40.01 -15.38 21.53
C PRO A 364 -40.72 -15.77 22.81
N ASP A 365 -40.13 -16.68 23.57
CA ASP A 365 -40.71 -17.11 24.83
C ASP A 365 -40.64 -15.97 25.82
N GLU A 366 -39.57 -15.19 25.75
CA GLU A 366 -39.46 -14.02 26.61
C GLU A 366 -40.56 -13.02 26.30
N LEU A 367 -40.79 -12.74 25.02
CA LEU A 367 -41.86 -11.81 24.67
C LEU A 367 -43.21 -12.34 25.10
N LYS A 368 -43.42 -13.65 24.98
CA LYS A 368 -44.65 -14.24 25.50
C LYS A 368 -44.78 -14.03 26.99
N GLN A 369 -43.70 -14.25 27.74
CA GLN A 369 -43.74 -14.03 29.18
C GLN A 369 -44.09 -12.59 29.50
N MET A 370 -43.52 -11.65 28.76
CA MET A 370 -43.84 -10.25 28.98
C MET A 370 -45.30 -9.94 28.64
N LEU A 371 -45.86 -10.63 27.66
CA LEU A 371 -47.23 -10.38 27.22
C LEU A 371 -48.28 -10.98 28.14
N THR A 372 -48.07 -12.22 28.56
CA THR A 372 -49.07 -12.90 29.36
C THR A 372 -49.03 -12.42 30.81
N MET B 21 -22.03 46.94 -0.97
CA MET B 21 -21.07 46.49 0.08
C MET B 21 -21.29 47.24 1.38
N ALA B 22 -21.98 48.38 1.29
CA ALA B 22 -22.17 49.22 2.46
C ALA B 22 -23.01 48.48 3.50
N ASN B 23 -24.01 47.73 3.03
CA ASN B 23 -24.80 46.89 3.92
C ASN B 23 -23.89 45.96 4.71
N MET B 24 -22.96 45.30 4.01
CA MET B 24 -22.08 44.35 4.67
C MET B 24 -21.22 45.05 5.70
N HIS B 25 -20.80 46.27 5.36
CA HIS B 25 -20.00 47.03 6.30
C HIS B 25 -20.78 47.27 7.57
N GLN B 26 -22.08 47.55 7.42
CA GLN B 26 -22.89 47.81 8.59
C GLN B 26 -23.13 46.53 9.39
N LEU B 27 -23.31 45.40 8.73
CA LEU B 27 -23.50 44.17 9.51
C LEU B 27 -22.25 43.85 10.30
N LEU B 28 -21.08 43.98 9.68
CA LEU B 28 -19.86 43.72 10.42
C LEU B 28 -19.64 44.77 11.49
N THR B 29 -20.06 45.99 11.21
CA THR B 29 -19.97 47.03 12.22
C THR B 29 -20.84 46.71 13.41
N GLU B 30 -22.05 46.22 13.16
CA GLU B 30 -22.92 45.82 14.25
C GLU B 30 -22.37 44.62 15.00
N LEU B 31 -21.79 43.67 14.27
CA LEU B 31 -21.14 42.52 14.88
C LEU B 31 -20.08 42.98 15.86
N VAL B 32 -19.26 43.92 15.43
CA VAL B 32 -18.22 44.45 16.30
C VAL B 32 -18.86 45.24 17.44
N ASN B 33 -19.76 46.14 17.10
CA ASN B 33 -20.37 47.06 18.04
C ASN B 33 -21.15 46.32 19.12
N ARG B 34 -21.79 45.22 18.75
CA ARG B 34 -22.64 44.47 19.65
C ARG B 34 -21.90 43.39 20.41
N GLY B 35 -20.57 43.32 20.28
CA GLY B 35 -19.84 42.30 21.01
C GLY B 35 -20.24 40.93 20.51
N GLY B 36 -20.70 40.84 19.26
CA GLY B 36 -21.07 39.57 18.71
C GLY B 36 -19.89 38.73 18.30
N SER B 37 -20.03 37.44 18.54
CA SER B 37 -18.97 36.51 18.18
C SER B 37 -18.89 36.33 16.68
N ASP B 38 -20.01 36.05 16.00
CA ASP B 38 -19.97 35.57 14.63
C ASP B 38 -21.20 36.05 13.86
N LEU B 39 -21.01 36.38 12.59
CA LEU B 39 -22.13 36.71 11.71
C LEU B 39 -22.42 35.61 10.70
N HIS B 40 -23.70 35.24 10.59
CA HIS B 40 -24.20 34.21 9.71
C HIS B 40 -25.06 34.89 8.66
N LEU B 41 -24.79 34.58 7.39
CA LEU B 41 -25.52 35.10 6.24
C LEU B 41 -26.02 34.00 5.33
N THR B 42 -27.34 33.88 5.18
CA THR B 42 -27.87 32.88 4.27
C THR B 42 -29.24 33.32 3.76
N THR B 43 -29.64 32.73 2.65
CA THR B 43 -30.85 33.12 1.96
C THR B 43 -32.09 32.73 2.76
N ASN B 44 -33.15 33.52 2.58
CA ASN B 44 -34.47 33.31 3.17
C ASN B 44 -34.48 33.51 4.68
N SER B 45 -33.40 34.05 5.23
CA SER B 45 -33.31 34.44 6.63
C SER B 45 -32.70 35.84 6.64
N PRO B 46 -33.07 36.69 7.59
CA PRO B 46 -32.30 37.89 7.75
C PRO B 46 -30.91 37.53 8.21
N PRO B 47 -29.95 38.44 8.10
CA PRO B 47 -28.65 38.20 8.72
C PRO B 47 -28.86 37.91 10.19
N GLN B 48 -28.13 36.93 10.70
CA GLN B 48 -28.24 36.54 12.09
C GLN B 48 -26.86 36.61 12.68
N ILE B 49 -26.77 37.06 13.92
CA ILE B 49 -25.48 37.18 14.58
C ILE B 49 -25.47 36.38 15.86
N ARG B 50 -24.39 35.66 16.06
CA ARG B 50 -24.16 34.89 17.26
C ARG B 50 -23.46 35.81 18.24
N ILE B 51 -24.12 36.06 19.36
CA ILE B 51 -23.61 36.90 20.42
C ILE B 51 -23.54 36.01 21.64
N ASP B 52 -22.34 35.87 22.19
CA ASP B 52 -22.12 35.03 23.37
C ASP B 52 -22.64 33.61 23.12
N GLY B 53 -22.51 33.17 21.87
CA GLY B 53 -22.87 31.82 21.51
C GLY B 53 -24.27 31.66 20.96
N LYS B 54 -25.14 32.67 21.07
CA LYS B 54 -26.54 32.52 20.66
C LYS B 54 -26.90 33.44 19.51
N LEU B 55 -27.68 32.89 18.60
CA LEU B 55 -28.10 33.61 17.40
C LEU B 55 -29.24 34.59 17.68
N LEU B 56 -29.15 35.72 17.00
CA LEU B 56 -30.16 36.74 17.04
C LEU B 56 -30.43 37.11 15.60
N PRO B 57 -31.65 37.00 15.09
CA PRO B 57 -31.88 37.46 13.72
C PRO B 57 -31.96 38.96 13.75
N LEU B 58 -31.36 39.57 12.74
CA LEU B 58 -31.47 41.01 12.62
C LEU B 58 -32.79 41.44 12.00
N ASP B 59 -33.20 42.65 12.37
CA ASP B 59 -34.48 43.22 11.91
C ASP B 59 -34.20 43.74 10.50
N MET B 60 -34.11 42.79 9.58
CA MET B 60 -33.75 43.05 8.20
C MET B 60 -34.55 42.12 7.30
N PRO B 61 -34.67 42.45 6.01
CA PRO B 61 -35.36 41.53 5.10
C PRO B 61 -34.60 40.24 4.96
N PRO B 62 -35.28 39.14 4.61
CA PRO B 62 -34.55 37.90 4.40
C PRO B 62 -33.64 38.08 3.21
N LEU B 63 -32.50 37.40 3.25
CA LEU B 63 -31.57 37.51 2.16
C LEU B 63 -31.98 36.61 1.00
N ASN B 64 -31.62 37.03 -0.21
CA ASN B 64 -31.72 36.16 -1.37
C ASN B 64 -30.30 35.84 -1.83
N ALA B 65 -30.22 35.04 -2.89
CA ALA B 65 -28.92 34.64 -3.39
C ALA B 65 -28.16 35.83 -3.97
N VAL B 66 -28.89 36.76 -4.59
CA VAL B 66 -28.31 37.98 -5.13
C VAL B 66 -27.68 38.81 -4.03
N ASP B 67 -28.36 38.93 -2.89
CA ASP B 67 -27.84 39.77 -1.82
C ASP B 67 -26.54 39.18 -1.29
N THR B 68 -26.58 37.89 -0.98
CA THR B 68 -25.42 37.24 -0.41
C THR B 68 -24.25 37.26 -1.37
N LYS B 69 -24.53 37.02 -2.66
CA LYS B 69 -23.47 37.03 -3.65
C LYS B 69 -22.86 38.41 -3.84
N GLN B 70 -23.67 39.44 -3.99
CA GLN B 70 -23.10 40.77 -4.23
C GLN B 70 -22.32 41.26 -3.01
N LEU B 71 -22.87 41.07 -1.81
CA LEU B 71 -22.18 41.54 -0.62
C LEU B 71 -20.88 40.79 -0.42
N CYS B 72 -20.90 39.47 -0.54
CA CYS B 72 -19.69 38.71 -0.32
C CYS B 72 -18.66 39.01 -1.40
N TYR B 73 -19.12 39.16 -2.65
CA TYR B 73 -18.22 39.45 -3.75
C TYR B 73 -17.60 40.83 -3.62
N SER B 74 -18.23 41.73 -2.86
CA SER B 74 -17.69 43.08 -2.76
C SER B 74 -16.33 43.13 -2.07
N ILE B 75 -15.94 42.06 -1.37
CA ILE B 75 -14.67 42.00 -0.65
C ILE B 75 -13.74 40.95 -1.26
N LEU B 76 -14.01 40.51 -2.48
CA LEU B 76 -13.20 39.51 -3.15
C LEU B 76 -12.40 40.04 -4.32
N THR B 77 -11.23 39.43 -4.50
CA THR B 77 -10.44 39.59 -5.70
C THR B 77 -11.06 38.77 -6.81
N GLU B 78 -10.60 39.03 -8.03
CA GLU B 78 -11.10 38.28 -9.17
C GLU B 78 -10.72 36.82 -9.02
N GLN B 79 -9.55 36.57 -8.45
CA GLN B 79 -9.15 35.21 -8.18
C GLN B 79 -9.99 34.59 -7.07
N GLN B 80 -10.33 35.35 -6.04
CA GLN B 80 -11.13 34.76 -4.97
C GLN B 80 -12.54 34.47 -5.46
N LYS B 81 -13.06 35.33 -6.32
CA LYS B 81 -14.38 35.09 -6.90
C LYS B 81 -14.34 33.85 -7.75
N HIS B 82 -13.32 33.77 -8.61
CA HIS B 82 -13.08 32.58 -9.41
C HIS B 82 -12.93 31.35 -8.53
N LYS B 83 -12.34 31.52 -7.35
CA LYS B 83 -12.01 30.38 -6.51
C LYS B 83 -13.25 29.81 -5.86
N PHE B 84 -14.08 30.70 -5.32
CA PHE B 84 -15.33 30.26 -4.72
C PHE B 84 -16.25 29.67 -5.78
N GLU B 85 -16.30 30.31 -6.96
CA GLU B 85 -17.14 29.81 -8.03
C GLU B 85 -16.61 28.52 -8.61
N GLU B 86 -15.32 28.27 -8.42
CA GLU B 86 -14.70 27.05 -8.86
C GLU B 86 -14.98 25.92 -7.90
N ASN B 87 -15.12 26.24 -6.61
CA ASN B 87 -15.21 25.23 -5.57
C ASN B 87 -16.48 25.30 -4.77
N ASN B 88 -17.25 26.39 -4.86
CA ASN B 88 -18.40 26.65 -4.01
C ASN B 88 -17.99 26.67 -2.54
N GLU B 89 -16.70 26.85 -2.26
CA GLU B 89 -16.12 26.99 -0.95
C GLU B 89 -14.96 27.97 -0.99
N LEU B 90 -14.78 28.68 0.10
CA LEU B 90 -13.63 29.57 0.21
C LEU B 90 -13.46 29.87 1.68
N ASP B 91 -12.26 29.63 2.18
CA ASP B 91 -11.82 30.11 3.47
C ASP B 91 -10.94 31.29 3.15
N LEU B 92 -11.05 32.34 3.94
CA LEU B 92 -10.26 33.53 3.64
C LEU B 92 -10.19 34.38 4.89
N SER B 93 -9.28 35.34 4.88
CA SER B 93 -9.21 36.36 5.91
C SER B 93 -9.01 37.71 5.25
N PHE B 94 -9.46 38.75 5.95
CA PHE B 94 -9.37 40.09 5.42
C PHE B 94 -9.39 41.08 6.57
N GLY B 95 -8.98 42.30 6.25
CA GLY B 95 -8.95 43.38 7.22
C GLY B 95 -9.83 44.51 6.74
N ILE B 96 -10.40 45.22 7.71
CA ILE B 96 -11.13 46.44 7.47
C ILE B 96 -10.34 47.50 8.21
N LYS B 97 -9.76 48.43 7.44
CA LYS B 97 -8.86 49.42 7.98
C LYS B 97 -9.56 50.25 9.04
N GLY B 98 -8.91 50.40 10.18
CA GLY B 98 -9.45 51.16 11.26
C GLY B 98 -10.53 50.45 12.04
N LEU B 99 -10.88 49.22 11.67
CA LEU B 99 -11.93 48.47 12.36
C LEU B 99 -11.42 47.17 12.94
N SER B 100 -11.19 46.16 12.10
CA SER B 100 -10.86 44.86 12.63
C SER B 100 -10.50 43.97 11.45
N ARG B 101 -9.89 42.84 11.76
CA ARG B 101 -9.80 41.77 10.80
C ARG B 101 -10.93 40.78 11.03
N PHE B 102 -11.16 39.97 10.02
CA PHE B 102 -12.23 39.00 10.05
C PHE B 102 -11.74 37.77 9.30
N ARG B 103 -12.17 36.62 9.79
CA ARG B 103 -12.03 35.36 9.09
C ARG B 103 -13.37 35.00 8.49
N GLY B 104 -13.37 34.72 7.19
CA GLY B 104 -14.58 34.44 6.46
C GLY B 104 -14.55 33.02 5.93
N ASN B 105 -15.73 32.42 5.86
CA ASN B 105 -15.97 31.21 5.11
C ASN B 105 -17.18 31.48 4.23
N VAL B 106 -17.04 31.23 2.95
CA VAL B 106 -18.13 31.38 2.00
C VAL B 106 -18.36 30.00 1.42
N PHE B 107 -19.63 29.65 1.28
CA PHE B 107 -19.97 28.36 0.75
C PHE B 107 -21.29 28.50 0.02
N VAL B 108 -21.80 27.37 -0.44
CA VAL B 108 -23.05 27.30 -1.20
C VAL B 108 -23.94 26.28 -0.52
N GLN B 109 -25.20 26.63 -0.38
CA GLN B 109 -26.21 25.73 0.16
C GLN B 109 -27.51 25.99 -0.56
N ARG B 110 -28.18 24.91 -0.95
CA ARG B 110 -29.44 24.98 -1.67
C ARG B 110 -29.30 25.79 -2.95
N GLY B 111 -28.09 25.80 -3.51
CA GLY B 111 -27.87 26.54 -4.73
C GLY B 111 -27.63 28.02 -4.55
N ALA B 112 -27.37 28.49 -3.33
CA ALA B 112 -27.22 29.92 -3.07
C ALA B 112 -25.99 30.15 -2.20
N VAL B 113 -25.46 31.37 -2.29
CA VAL B 113 -24.30 31.73 -1.50
C VAL B 113 -24.68 31.88 -0.05
N ALA B 114 -23.78 31.44 0.83
CA ALA B 114 -23.89 31.63 2.26
C ALA B 114 -22.52 31.99 2.79
N GLY B 115 -22.49 32.64 3.95
CA GLY B 115 -21.23 33.10 4.52
C GLY B 115 -21.29 33.13 6.03
N VAL B 116 -20.14 32.86 6.64
CA VAL B 116 -19.96 32.97 8.07
C VAL B 116 -18.69 33.76 8.34
N PHE B 117 -18.73 34.64 9.32
CA PHE B 117 -17.64 35.58 9.59
C PHE B 117 -17.31 35.72 11.06
N ARG B 118 -16.04 35.50 11.39
CA ARG B 118 -15.49 35.53 12.74
C ARG B 118 -14.73 36.84 12.88
N VAL B 119 -14.85 37.46 14.03
CA VAL B 119 -14.14 38.70 14.31
C VAL B 119 -12.70 38.39 14.70
N ILE B 120 -11.80 39.30 14.35
CA ILE B 120 -10.41 39.25 14.77
C ILE B 120 -10.06 40.67 15.19
N PRO B 121 -10.07 40.99 16.49
CA PRO B 121 -9.81 42.36 16.90
C PRO B 121 -8.39 42.77 16.56
N TYR B 122 -8.21 44.06 16.32
CA TYR B 122 -6.84 44.52 16.11
C TYR B 122 -6.07 44.45 17.41
N LYS B 123 -6.73 44.64 18.54
CA LYS B 123 -6.08 44.61 19.84
C LYS B 123 -6.28 43.26 20.51
N ILE B 124 -5.19 42.63 20.87
CA ILE B 124 -5.19 41.36 21.56
C ILE B 124 -5.26 41.61 23.06
N LEU B 125 -6.19 40.96 23.75
CA LEU B 125 -6.25 41.20 25.19
C LEU B 125 -5.15 40.46 25.93
N SER B 126 -4.88 40.98 27.12
CA SER B 126 -3.86 40.49 28.02
C SER B 126 -4.40 39.31 28.81
N PHE B 127 -3.52 38.66 29.57
CA PHE B 127 -3.96 37.52 30.37
C PHE B 127 -5.01 37.92 31.39
N GLU B 128 -4.77 39.02 32.10
CA GLU B 128 -5.71 39.44 33.14
C GLU B 128 -7.04 39.87 32.54
N GLU B 129 -7.00 40.52 31.37
CA GLU B 129 -8.25 40.90 30.73
C GLU B 129 -9.01 39.65 30.31
N LEU B 130 -8.30 38.61 29.95
CA LEU B 130 -8.88 37.35 29.55
C LEU B 130 -9.17 36.44 30.74
N GLY B 131 -8.74 36.83 31.93
CA GLY B 131 -8.93 35.99 33.09
C GLY B 131 -7.95 34.85 33.12
N LEU B 132 -6.83 34.99 32.44
CA LEU B 132 -5.81 33.98 32.34
C LEU B 132 -4.79 34.14 33.47
N PRO B 133 -4.41 33.08 34.18
CA PRO B 133 -3.51 33.28 35.31
C PRO B 133 -2.11 33.67 34.88
N PRO B 134 -1.32 34.23 35.81
CA PRO B 134 0.04 34.68 35.49
C PRO B 134 1.00 33.61 35.00
N VAL B 135 0.75 32.33 35.29
CA VAL B 135 1.69 31.29 34.89
C VAL B 135 1.82 31.18 33.38
N VAL B 136 0.77 31.51 32.64
CA VAL B 136 0.91 31.46 31.18
C VAL B 136 1.90 32.53 30.74
N ARG B 137 1.89 33.68 31.41
CA ARG B 137 2.85 34.71 31.07
C ARG B 137 4.27 34.23 31.36
N GLU B 138 4.46 33.45 32.44
CA GLU B 138 5.81 32.97 32.68
C GLU B 138 6.18 31.92 31.65
N LEU B 139 5.19 31.21 31.15
CA LEU B 139 5.40 30.27 30.06
C LEU B 139 5.80 31.01 28.80
N ALA B 140 5.32 32.24 28.65
CA ALA B 140 5.68 33.07 27.51
C ALA B 140 7.15 33.44 27.50
N GLU B 141 7.90 33.19 28.58
CA GLU B 141 9.32 33.47 28.63
C GLU B 141 10.14 32.22 28.34
N LYS B 142 9.49 31.08 28.12
CA LYS B 142 10.18 29.84 27.84
C LYS B 142 10.87 29.97 26.49
N PRO B 143 12.14 29.55 26.36
CA PRO B 143 12.78 29.72 25.05
C PRO B 143 12.31 28.70 24.04
N ARG B 144 11.89 27.52 24.47
CA ARG B 144 11.47 26.50 23.53
C ARG B 144 10.55 25.47 24.17
N GLY B 145 9.91 24.73 23.28
CA GLY B 145 9.07 23.60 23.57
C GLY B 145 7.68 23.83 23.01
N LEU B 146 6.80 22.87 23.27
CA LEU B 146 5.43 22.96 22.79
C LEU B 146 4.47 23.11 23.96
N VAL B 147 3.69 24.17 23.92
CA VAL B 147 2.63 24.43 24.89
C VAL B 147 1.35 24.51 24.07
N LEU B 148 0.36 23.71 24.45
CA LEU B 148 -0.87 23.58 23.69
C LEU B 148 -2.10 24.13 24.40
N VAL B 149 -2.85 24.94 23.66
CA VAL B 149 -4.12 25.52 24.09
C VAL B 149 -5.18 24.93 23.18
N THR B 150 -6.08 24.14 23.76
CA THR B 150 -7.03 23.35 23.00
C THR B 150 -8.43 23.71 23.42
N GLY B 151 -9.38 23.22 22.64
CA GLY B 151 -10.77 23.48 22.88
C GLY B 151 -11.48 23.52 21.56
N PRO B 152 -12.80 23.64 21.58
CA PRO B 152 -13.56 23.70 20.33
C PRO B 152 -13.25 24.97 19.56
N THR B 153 -13.78 25.01 18.34
CA THR B 153 -13.59 26.14 17.46
C THR B 153 -14.14 27.41 18.07
N GLY B 154 -13.35 28.47 18.01
CA GLY B 154 -13.80 29.75 18.51
C GLY B 154 -13.88 29.82 20.01
N SER B 155 -13.03 29.07 20.70
CA SER B 155 -13.03 29.03 22.15
C SER B 155 -11.98 29.97 22.71
N GLY B 156 -11.45 30.85 21.85
CA GLY B 156 -10.49 31.85 22.20
C GLY B 156 -9.07 31.40 21.98
N LYS B 157 -8.89 30.28 21.28
CA LYS B 157 -7.57 29.68 21.18
C LYS B 157 -6.65 30.58 20.37
N SER B 158 -7.11 31.03 19.21
CA SER B 158 -6.28 31.91 18.41
C SER B 158 -6.03 33.20 19.15
N THR B 159 -7.04 33.68 19.89
CA THR B 159 -6.90 34.91 20.65
C THR B 159 -5.91 34.75 21.79
N THR B 160 -6.01 33.63 22.51
CA THR B 160 -5.07 33.30 23.58
C THR B 160 -3.64 33.17 23.05
N LEU B 161 -3.54 32.46 21.94
CA LEU B 161 -2.25 32.24 21.32
C LEU B 161 -1.65 33.55 20.89
N ALA B 162 -2.51 34.42 20.36
CA ALA B 162 -2.07 35.73 19.91
C ALA B 162 -1.60 36.57 21.10
N ALA B 163 -2.25 36.43 22.24
CA ALA B 163 -1.81 37.21 23.40
C ALA B 163 -0.42 36.78 23.84
N ILE B 164 -0.19 35.47 23.88
CA ILE B 164 1.14 34.98 24.26
C ILE B 164 2.16 35.44 23.24
N ILE B 165 1.75 35.40 21.97
CA ILE B 165 2.62 35.76 20.87
C ILE B 165 3.01 37.23 20.97
N ASP B 166 2.01 38.07 21.17
CA ASP B 166 2.23 39.50 21.27
C ASP B 166 3.11 39.82 22.46
N LYS B 167 2.97 39.05 23.53
CA LYS B 167 3.84 39.29 24.68
C LYS B 167 5.28 38.98 24.34
N ILE B 168 5.52 37.86 23.66
CA ILE B 168 6.87 37.55 23.21
C ILE B 168 7.38 38.60 22.23
N ASN B 169 6.55 38.99 21.26
CA ASN B 169 6.93 40.01 20.30
C ASN B 169 7.34 41.29 21.01
N THR B 170 6.64 41.59 22.09
CA THR B 170 6.92 42.80 22.83
C THR B 170 8.21 42.66 23.61
N ASP B 171 8.45 41.45 24.14
CA ASP B 171 9.48 41.27 25.15
C ASP B 171 10.78 40.69 24.63
N ARG B 172 10.76 39.98 23.50
CA ARG B 172 11.94 39.28 23.03
C ARG B 172 12.46 39.87 21.74
N HIS B 173 13.75 39.62 21.49
CA HIS B 173 14.41 39.94 20.24
C HIS B 173 14.66 38.65 19.49
N GLU B 174 13.57 38.03 19.04
CA GLU B 174 13.61 36.71 18.43
C GLU B 174 12.78 36.72 17.16
N HIS B 175 12.78 35.59 16.47
CA HIS B 175 12.13 35.44 15.18
C HIS B 175 10.87 34.60 15.38
N ILE B 176 9.73 35.21 15.12
CA ILE B 176 8.44 34.57 15.23
C ILE B 176 7.94 34.30 13.82
N VAL B 177 7.59 33.04 13.53
CA VAL B 177 7.00 32.66 12.26
C VAL B 177 5.65 32.00 12.49
N THR B 178 4.64 32.44 11.76
CA THR B 178 3.35 31.77 11.80
C THR B 178 3.00 31.22 10.42
N VAL B 179 2.39 30.04 10.41
CA VAL B 179 1.84 29.43 9.21
C VAL B 179 0.37 29.17 9.46
N GLU B 180 -0.49 29.77 8.65
CA GLU B 180 -1.91 29.83 8.92
C GLU B 180 -2.68 29.66 7.64
N ASP B 181 -3.89 29.08 7.72
CA ASP B 181 -4.70 28.87 6.52
C ASP B 181 -6.12 29.24 6.93
N PRO B 182 -6.46 30.54 6.92
CA PRO B 182 -5.63 31.71 6.58
C PRO B 182 -5.02 32.38 7.78
N ILE B 183 -4.25 33.44 7.53
CA ILE B 183 -3.73 34.27 8.61
C ILE B 183 -4.88 34.95 9.31
N GLU B 184 -4.94 34.81 10.63
CA GLU B 184 -5.99 35.44 11.40
C GLU B 184 -5.49 36.68 12.14
N TYR B 185 -4.95 36.52 13.34
CA TYR B 185 -4.41 37.64 14.10
C TYR B 185 -3.14 38.14 13.43
N LEU B 186 -3.01 39.46 13.26
CA LEU B 186 -1.76 40.04 12.78
C LEU B 186 -0.94 40.55 13.95
N HIS B 187 0.35 40.23 13.91
CA HIS B 187 1.31 40.63 14.93
C HIS B 187 2.39 41.49 14.30
N PRO B 188 2.15 42.79 14.09
CA PRO B 188 3.23 43.65 13.60
C PRO B 188 4.40 43.64 14.57
N HIS B 189 5.53 44.11 14.06
CA HIS B 189 6.79 43.97 14.77
C HIS B 189 6.78 44.78 16.05
N LYS B 190 7.21 44.15 17.15
CA LYS B 190 7.47 44.90 18.38
C LYS B 190 8.96 44.83 18.67
N SER B 191 9.40 43.87 19.49
CA SER B 191 10.82 43.59 19.67
C SER B 191 11.30 42.42 18.82
N CYS B 192 10.40 41.56 18.37
CA CYS B 192 10.72 40.44 17.50
C CYS B 192 10.54 40.84 16.05
N VAL B 193 11.11 40.01 15.17
CA VAL B 193 10.74 40.01 13.77
C VAL B 193 9.68 38.94 13.60
N VAL B 194 8.51 39.34 13.13
CA VAL B 194 7.35 38.48 13.01
C VAL B 194 6.99 38.37 11.54
N ASN B 195 7.06 37.15 11.02
CA ASN B 195 6.64 36.84 9.66
C ASN B 195 5.45 35.90 9.69
N GLN B 196 4.39 36.25 8.93
CA GLN B 196 3.16 35.50 8.93
C GLN B 196 2.85 35.05 7.52
N ARG B 197 2.78 33.74 7.34
CA ARG B 197 2.60 33.08 6.07
C ARG B 197 1.23 32.42 5.94
N GLU B 198 0.52 32.77 4.89
CA GLU B 198 -0.79 32.22 4.61
C GLU B 198 -0.56 31.07 3.64
N VAL B 199 -1.03 29.87 4.01
CA VAL B 199 -0.89 28.72 3.13
C VAL B 199 -1.71 28.92 1.85
N GLY B 200 -1.11 28.59 0.71
CA GLY B 200 -1.74 28.73 -0.57
C GLY B 200 -1.49 30.05 -1.27
N ALA B 201 -0.82 30.99 -0.61
CA ALA B 201 -0.46 32.28 -1.20
C ALA B 201 1.00 32.57 -0.87
N ASP B 202 1.29 32.67 0.43
CA ASP B 202 2.66 32.91 0.87
C ASP B 202 3.50 31.64 0.73
N THR B 203 2.90 30.48 0.96
CA THR B 203 3.57 29.19 0.89
C THR B 203 2.61 28.20 0.25
N LYS B 204 3.18 27.18 -0.40
CA LYS B 204 2.37 26.25 -1.17
C LYS B 204 1.47 25.43 -0.25
N SER B 205 1.98 25.10 0.92
CA SER B 205 1.30 24.17 1.82
C SER B 205 1.97 24.27 3.17
N PHE B 206 1.30 23.70 4.17
CA PHE B 206 1.94 23.53 5.46
C PHE B 206 3.20 22.72 5.28
N LYS B 207 3.12 21.70 4.43
CA LYS B 207 4.26 20.83 4.18
C LYS B 207 5.40 21.64 3.58
N ASN B 208 5.10 22.56 2.68
CA ASN B 208 6.13 23.36 2.03
C ASN B 208 6.71 24.33 3.03
N ALA B 209 5.85 24.87 3.89
CA ALA B 209 6.32 25.75 4.94
C ALA B 209 7.30 24.99 5.82
N LEU B 210 6.97 23.75 6.16
CA LEU B 210 7.91 22.97 6.97
C LEU B 210 9.15 22.62 6.19
N LYS B 211 9.04 22.61 4.86
CA LYS B 211 10.21 22.30 4.05
C LYS B 211 11.21 23.43 4.13
N TYR B 212 10.75 24.65 4.36
CA TYR B 212 11.63 25.81 4.37
C TYR B 212 11.79 26.46 5.73
N ILE B 213 11.07 26.00 6.75
CA ILE B 213 11.07 26.72 8.01
C ILE B 213 12.40 26.66 8.74
N LEU B 214 13.13 25.56 8.59
CA LEU B 214 14.42 25.43 9.26
C LEU B 214 15.51 26.26 8.64
N ARG B 215 15.34 26.69 7.40
CA ARG B 215 16.30 27.56 6.75
C ARG B 215 15.97 29.02 6.93
N GLN B 216 14.96 29.33 7.74
CA GLN B 216 14.55 30.71 7.97
C GLN B 216 14.91 31.17 9.38
N ASP B 217 15.76 30.42 10.07
CA ASP B 217 16.28 30.79 11.38
C ASP B 217 15.23 31.24 12.40
N PRO B 218 14.19 30.44 12.62
CA PRO B 218 13.18 30.85 13.58
C PRO B 218 13.56 30.51 15.01
N ASP B 219 12.92 31.22 15.90
CA ASP B 219 12.93 30.96 17.34
C ASP B 219 11.58 30.55 17.88
N VAL B 220 10.52 31.15 17.36
CA VAL B 220 9.16 30.90 17.80
C VAL B 220 8.31 30.59 16.59
N VAL B 221 7.48 29.54 16.70
CA VAL B 221 6.69 29.07 15.57
C VAL B 221 5.25 28.79 15.97
N LEU B 222 4.34 29.29 15.14
CA LEU B 222 2.91 28.97 15.19
C LEU B 222 2.62 28.10 13.98
N VAL B 223 2.10 26.90 14.19
CA VAL B 223 1.94 25.93 13.12
C VAL B 223 0.49 25.68 12.76
N GLY B 224 -0.47 26.32 13.43
CA GLY B 224 -1.85 26.08 13.08
C GLY B 224 -2.34 24.76 13.67
N GLU B 225 -3.31 24.16 12.98
CA GLU B 225 -3.93 22.94 13.47
C GLU B 225 -2.99 21.75 13.30
N LEU B 226 -3.00 20.88 14.30
CA LEU B 226 -2.32 19.59 14.25
C LEU B 226 -3.15 18.63 13.40
N ARG B 227 -3.04 18.79 12.09
CA ARG B 227 -3.98 18.15 11.19
C ARG B 227 -3.67 16.68 10.94
N ASP B 228 -2.39 16.29 10.98
CA ASP B 228 -2.02 14.92 10.68
C ASP B 228 -0.78 14.53 11.47
N LEU B 229 -0.38 13.26 11.30
CA LEU B 229 0.79 12.74 11.99
C LEU B 229 2.03 13.49 11.57
N GLU B 230 2.10 13.87 10.28
CA GLU B 230 3.27 14.58 9.78
C GLU B 230 3.45 15.91 10.48
N THR B 231 2.36 16.62 10.69
CA THR B 231 2.43 17.86 11.43
C THR B 231 2.89 17.62 12.85
N ILE B 232 2.47 16.52 13.45
CA ILE B 232 2.92 16.17 14.79
C ILE B 232 4.43 15.95 14.80
N GLU B 233 4.94 15.21 13.81
CA GLU B 233 6.37 14.97 13.73
C GLU B 233 7.14 16.25 13.51
N ALA B 234 6.56 17.16 12.72
CA ALA B 234 7.19 18.45 12.50
C ALA B 234 7.26 19.23 13.79
N ALA B 235 6.20 19.19 14.57
CA ALA B 235 6.17 19.92 15.83
C ALA B 235 7.15 19.34 16.82
N LEU B 236 7.27 18.01 16.87
CA LEU B 236 8.26 17.39 17.75
C LEU B 236 9.66 17.77 17.33
N THR B 237 9.89 17.84 16.02
CA THR B 237 11.20 18.22 15.53
C THR B 237 11.52 19.66 15.89
N LEU B 238 10.56 20.55 15.67
CA LEU B 238 10.74 21.96 16.03
C LEU B 238 11.03 22.14 17.51
N ALA B 239 10.24 21.49 18.37
CA ALA B 239 10.44 21.69 19.80
C ALA B 239 11.75 21.12 20.27
N GLU B 240 12.26 20.09 19.59
CA GLU B 240 13.51 19.48 20.00
C GLU B 240 14.72 20.16 19.37
N THR B 241 14.53 20.90 18.27
CA THR B 241 15.62 21.54 17.56
C THR B 241 15.88 22.97 18.00
N GLY B 242 15.44 23.35 19.19
CA GLY B 242 15.77 24.65 19.72
C GLY B 242 14.75 25.72 19.45
N HIS B 243 13.54 25.35 19.04
CA HIS B 243 12.50 26.31 18.72
C HIS B 243 11.36 26.24 19.71
N LEU B 244 10.66 27.36 19.80
CA LEU B 244 9.40 27.44 20.53
C LEU B 244 8.25 27.24 19.56
N CYS B 245 7.50 26.15 19.75
CA CYS B 245 6.46 25.74 18.83
C CYS B 245 5.09 25.88 19.47
N PHE B 246 4.19 26.54 18.77
CA PHE B 246 2.80 26.69 19.16
C PHE B 246 1.89 25.91 18.23
N ALA B 247 0.92 25.21 18.83
CA ALA B 247 -0.04 24.46 18.03
C ALA B 247 -1.35 24.36 18.80
N THR B 248 -2.41 24.02 18.08
CA THR B 248 -3.74 23.87 18.65
C THR B 248 -4.29 22.47 18.43
N LEU B 249 -5.21 22.09 19.30
CA LEU B 249 -6.03 20.90 19.11
C LEU B 249 -7.44 21.22 19.55
N HIS B 250 -8.38 20.40 19.08
CA HIS B 250 -9.76 20.52 19.49
C HIS B 250 -10.11 19.52 20.59
N THR B 251 -9.11 19.03 21.33
CA THR B 251 -9.38 18.16 22.45
C THR B 251 -9.78 18.95 23.68
N ASN B 252 -10.38 18.24 24.64
CA ASN B 252 -11.02 18.87 25.78
C ASN B 252 -10.30 18.59 27.09
N SER B 253 -9.25 17.78 27.09
CA SER B 253 -8.53 17.51 28.32
C SER B 253 -7.11 17.09 28.00
N ALA B 254 -6.26 17.14 29.03
CA ALA B 254 -4.88 16.73 28.86
C ALA B 254 -4.76 15.26 28.55
N VAL B 255 -5.48 14.43 29.30
CA VAL B 255 -5.42 12.98 29.10
C VAL B 255 -6.00 12.62 27.73
N GLN B 256 -7.16 13.20 27.40
CA GLN B 256 -7.75 12.95 26.09
C GLN B 256 -6.82 13.41 24.98
N THR B 257 -6.12 14.51 25.23
CA THR B 257 -5.17 15.02 24.26
C THR B 257 -4.02 14.06 24.06
N ILE B 258 -3.43 13.60 25.16
CA ILE B 258 -2.28 12.72 25.09
C ILE B 258 -2.64 11.40 24.45
N ASN B 259 -3.78 10.83 24.83
CA ASN B 259 -4.18 9.57 24.21
C ASN B 259 -4.39 9.78 22.73
N ARG B 260 -5.02 10.88 22.36
CA ARG B 260 -5.26 11.15 20.95
C ARG B 260 -3.94 11.25 20.21
N ILE B 261 -2.97 11.93 20.82
CA ILE B 261 -1.67 12.15 20.20
C ILE B 261 -0.91 10.85 20.03
N VAL B 262 -0.93 9.99 21.04
CA VAL B 262 -0.15 8.77 20.94
C VAL B 262 -0.78 7.88 19.89
N ASP B 263 -2.11 7.78 19.90
CA ASP B 263 -2.76 6.78 19.09
C ASP B 263 -2.75 7.14 17.60
N VAL B 264 -2.35 8.35 17.23
CA VAL B 264 -2.27 8.65 15.80
C VAL B 264 -1.08 7.92 15.22
N PHE B 265 -0.12 7.52 16.06
CA PHE B 265 1.07 6.89 15.54
C PHE B 265 0.94 5.38 15.45
N PRO B 266 1.67 4.75 14.52
CA PRO B 266 1.71 3.31 14.51
C PRO B 266 2.26 2.83 15.84
N SER B 267 1.88 1.61 16.21
CA SER B 267 2.17 1.10 17.56
C SER B 267 3.66 1.10 17.84
N TYR B 268 4.48 0.86 16.80
CA TYR B 268 5.91 0.75 16.99
C TYR B 268 6.58 2.08 17.29
N GLN B 269 5.97 3.20 16.92
CA GLN B 269 6.56 4.51 17.16
C GLN B 269 6.01 5.22 18.38
N GLN B 270 4.96 4.69 18.99
CA GLN B 270 4.47 5.32 20.21
C GLN B 270 5.48 5.33 21.34
N PRO B 271 6.34 4.32 21.53
CA PRO B 271 7.40 4.45 22.55
C PRO B 271 8.30 5.66 22.35
N GLN B 272 8.71 5.89 21.10
CA GLN B 272 9.55 7.03 20.78
C GLN B 272 8.78 8.31 21.00
N VAL B 273 7.52 8.32 20.59
CA VAL B 273 6.71 9.51 20.75
C VAL B 273 6.59 9.84 22.22
N ARG B 274 6.41 8.82 23.06
CA ARG B 274 6.34 9.07 24.49
C ARG B 274 7.65 9.65 25.02
N ALA B 275 8.78 9.14 24.56
CA ALA B 275 10.05 9.71 25.02
C ALA B 275 10.23 11.14 24.53
N GLN B 276 9.91 11.37 23.26
CA GLN B 276 10.00 12.69 22.67
C GLN B 276 9.08 13.67 23.38
N LEU B 277 7.83 13.28 23.54
CA LEU B 277 6.85 14.12 24.21
C LEU B 277 7.30 14.45 25.62
N SER B 278 7.85 13.46 26.33
CA SER B 278 8.32 13.71 27.67
C SER B 278 9.45 14.72 27.67
N PHE B 279 10.20 14.77 26.57
CA PHE B 279 11.32 15.70 26.51
C PHE B 279 10.87 17.09 26.12
N VAL B 280 10.01 17.19 25.12
CA VAL B 280 9.71 18.48 24.50
C VAL B 280 8.44 19.14 25.02
N LEU B 281 7.53 18.38 25.61
CA LEU B 281 6.27 18.93 26.08
C LEU B 281 6.47 19.89 27.24
N GLU B 282 5.91 21.09 27.12
CA GLU B 282 6.02 22.08 28.16
C GLU B 282 4.68 22.51 28.74
N GLY B 283 3.56 22.20 28.09
CA GLY B 283 2.27 22.56 28.64
C GLY B 283 1.07 22.10 27.84
N VAL B 284 -0.02 21.70 28.51
CA VAL B 284 -1.28 21.39 27.83
C VAL B 284 -2.42 22.14 28.50
N LEU B 285 -3.10 22.97 27.73
CA LEU B 285 -4.27 23.71 28.18
C LEU B 285 -5.47 23.25 27.38
N SER B 286 -6.60 23.08 28.04
CA SER B 286 -7.85 22.75 27.37
C SER B 286 -8.91 23.72 27.85
N GLN B 287 -9.35 24.61 26.96
CA GLN B 287 -10.12 25.78 27.31
C GLN B 287 -11.45 25.78 26.56
N THR B 288 -12.38 26.58 27.09
CA THR B 288 -13.70 26.75 26.51
C THR B 288 -14.22 28.12 26.91
N LEU B 289 -15.00 28.74 26.03
CA LEU B 289 -15.76 29.95 26.37
C LEU B 289 -17.19 29.52 26.65
N LEU B 290 -17.68 29.88 27.83
CA LEU B 290 -18.98 29.56 28.39
C LEU B 290 -19.82 30.81 28.57
N PRO B 291 -21.15 30.74 28.45
CA PRO B 291 -21.95 31.92 28.76
C PRO B 291 -21.82 32.21 30.24
N LYS B 292 -21.67 33.48 30.57
CA LYS B 292 -21.54 33.88 31.96
C LYS B 292 -22.82 33.66 32.75
N ALA B 293 -22.63 33.46 34.05
CA ALA B 293 -23.75 33.25 34.95
C ALA B 293 -24.62 34.49 35.02
N SER B 294 -24.04 35.67 34.80
CA SER B 294 -24.82 36.90 34.83
C SER B 294 -25.79 36.99 33.66
N GLY B 295 -25.58 36.24 32.60
CA GLY B 295 -26.39 36.30 31.41
C GLY B 295 -25.89 37.26 30.36
N THR B 296 -24.76 37.92 30.59
CA THR B 296 -24.17 38.86 29.66
C THR B 296 -22.69 38.59 29.59
N GLY B 297 -22.16 38.35 28.40
CA GLY B 297 -20.75 38.08 28.24
C GLY B 297 -20.46 36.59 28.37
N ARG B 298 -19.20 36.24 28.10
CA ARG B 298 -18.75 34.87 28.22
C ARG B 298 -17.48 34.81 29.06
N VAL B 299 -17.33 33.67 29.71
CA VAL B 299 -16.24 33.40 30.65
C VAL B 299 -15.47 32.16 30.25
N LEU B 300 -14.16 32.21 30.43
CA LEU B 300 -13.28 31.12 30.05
C LEU B 300 -13.24 30.09 31.15
N ALA B 301 -13.48 28.82 30.82
CA ALA B 301 -13.20 27.71 31.71
C ALA B 301 -12.04 26.92 31.11
N ILE B 302 -11.01 26.67 31.90
CA ILE B 302 -9.77 26.13 31.37
C ILE B 302 -9.19 25.11 32.35
N GLU B 303 -8.77 23.98 31.81
CA GLU B 303 -8.01 22.98 32.53
C GLU B 303 -6.54 23.11 32.15
N VAL B 304 -5.66 23.14 33.15
CA VAL B 304 -4.24 23.42 32.98
C VAL B 304 -3.41 22.23 33.46
N MET B 305 -2.55 21.71 32.58
CA MET B 305 -1.57 20.67 32.87
C MET B 305 -0.18 21.19 32.56
N VAL B 306 0.68 21.23 33.57
CA VAL B 306 2.09 21.61 33.41
C VAL B 306 2.95 20.39 33.74
N PRO B 307 3.71 19.85 32.78
CA PRO B 307 4.45 18.61 33.06
C PRO B 307 5.54 18.83 34.10
N ASN B 308 5.57 17.99 35.11
CA ASN B 308 6.70 17.89 36.01
C ASN B 308 7.46 16.61 35.69
N PRO B 309 8.65 16.41 36.28
CA PRO B 309 9.39 15.15 36.05
C PRO B 309 8.57 13.91 36.30
N ALA B 310 7.67 13.96 37.28
CA ALA B 310 6.83 12.81 37.55
C ALA B 310 5.91 12.59 36.36
N ILE B 311 5.36 13.68 35.84
CA ILE B 311 4.47 13.59 34.69
C ILE B 311 5.27 13.14 33.49
N ARG B 312 6.48 13.64 33.33
CA ARG B 312 7.32 13.22 32.21
C ARG B 312 7.62 11.73 32.28
N ASN B 313 7.76 11.21 33.50
CA ASN B 313 7.93 9.77 33.64
C ASN B 313 6.66 9.07 33.21
N LEU B 314 5.51 9.62 33.62
CA LEU B 314 4.23 9.02 33.21
C LEU B 314 4.09 9.04 31.70
N ILE B 315 4.62 10.07 31.06
CA ILE B 315 4.57 10.16 29.60
C ILE B 315 5.43 9.06 29.00
N ARG B 316 6.63 8.89 29.53
CA ARG B 316 7.51 7.86 28.98
C ARG B 316 7.01 6.46 29.25
N GLU B 317 6.44 6.24 30.42
CA GLU B 317 5.96 4.94 30.84
C GLU B 317 4.58 4.54 30.36
N ASP B 318 3.88 5.34 29.55
CA ASP B 318 2.53 4.97 29.10
C ASP B 318 1.61 4.71 30.30
N LYS B 319 1.65 5.61 31.28
CA LYS B 319 0.77 5.55 32.44
C LYS B 319 -0.13 6.77 32.52
N ILE B 320 -0.84 6.97 31.41
CA ILE B 320 -1.55 8.19 31.11
C ILE B 320 -2.64 8.49 32.14
N HIS B 321 -3.35 7.45 32.58
CA HIS B 321 -4.58 7.67 33.33
C HIS B 321 -4.35 8.41 34.64
N GLN B 322 -3.20 8.19 35.26
CA GLN B 322 -2.84 8.80 36.52
C GLN B 322 -2.42 10.26 36.37
N ILE B 323 -2.38 10.77 35.14
CA ILE B 323 -1.99 12.16 34.92
C ILE B 323 -3.01 13.08 35.52
N TYR B 324 -4.28 12.68 35.51
CA TYR B 324 -5.32 13.52 36.07
C TYR B 324 -5.04 13.79 37.53
N SER B 325 -4.52 12.79 38.23
CA SER B 325 -4.20 12.97 39.63
C SER B 325 -3.10 13.99 39.83
N GLN B 326 -2.14 14.05 38.92
CA GLN B 326 -1.09 15.05 39.07
C GLN B 326 -1.67 16.44 38.91
N MET B 327 -2.64 16.59 38.02
CA MET B 327 -3.22 17.91 37.84
C MET B 327 -4.03 18.27 39.06
N GLN B 328 -4.58 17.27 39.74
CA GLN B 328 -5.38 17.55 40.92
C GLN B 328 -4.51 18.10 42.03
N VAL B 329 -3.21 17.80 42.00
CA VAL B 329 -2.28 18.17 43.05
C VAL B 329 -1.19 19.12 42.59
N GLY B 330 -1.29 19.66 41.37
CA GLY B 330 -0.25 20.54 40.91
C GLY B 330 -0.62 22.01 40.98
N GLN B 331 -1.58 22.32 41.85
CA GLN B 331 -2.07 23.70 41.94
C GLN B 331 -1.03 24.59 42.58
N GLU B 332 -0.54 24.17 43.75
CA GLU B 332 0.38 25.01 44.52
C GLU B 332 1.77 25.05 43.90
N LYS B 333 2.25 23.94 43.37
CA LYS B 333 3.63 23.89 42.93
C LYS B 333 3.80 24.53 41.56
N PHE B 334 2.97 24.10 40.61
CA PHE B 334 3.10 24.47 39.21
C PHE B 334 1.93 25.27 38.65
N GLY B 335 0.93 25.58 39.45
CA GLY B 335 -0.18 26.31 38.88
C GLY B 335 -1.08 25.44 38.03
N MET B 336 -1.02 24.12 38.18
CA MET B 336 -1.88 23.24 37.41
C MET B 336 -3.30 23.35 37.91
N MET B 337 -4.23 22.89 37.09
CA MET B 337 -5.63 23.07 37.44
C MET B 337 -6.48 22.16 36.58
N THR B 338 -7.20 21.26 37.23
CA THR B 338 -8.18 20.44 36.55
C THR B 338 -9.37 21.30 36.19
N MET B 339 -10.19 20.78 35.26
CA MET B 339 -11.38 21.50 34.86
C MET B 339 -12.29 21.70 36.07
N ASN B 340 -12.40 20.69 36.93
CA ASN B 340 -13.23 20.84 38.12
C ASN B 340 -12.70 21.94 39.03
N GLN B 341 -11.39 22.06 39.12
CA GLN B 341 -10.78 23.13 39.91
C GLN B 341 -11.10 24.51 39.32
N CYS B 342 -11.17 24.58 38.00
CA CYS B 342 -11.54 25.83 37.35
C CYS B 342 -13.01 26.14 37.59
N LEU B 343 -13.86 25.12 37.49
CA LEU B 343 -15.27 25.28 37.78
C LEU B 343 -15.45 25.71 39.22
N TYR B 344 -14.63 25.19 40.12
CA TYR B 344 -14.67 25.63 41.51
C TYR B 344 -14.39 27.11 41.63
N GLY B 345 -13.35 27.61 40.97
CA GLY B 345 -13.08 29.02 41.10
C GLY B 345 -14.17 29.88 40.49
N LEU B 346 -14.68 29.46 39.33
CA LEU B 346 -15.76 30.18 38.69
C LEU B 346 -17.06 30.13 39.48
N LEU B 347 -17.32 29.02 40.17
CA LEU B 347 -18.53 28.89 40.95
C LEU B 347 -18.48 29.70 42.23
N GLN B 348 -17.35 29.67 42.92
CA GLN B 348 -17.25 30.48 44.13
C GLN B 348 -17.33 31.94 43.77
N LYS B 349 -16.75 32.31 42.63
CA LYS B 349 -16.84 33.65 42.11
C LYS B 349 -18.13 33.93 41.37
N ARG B 350 -19.03 32.95 41.29
CA ARG B 350 -20.34 33.11 40.66
C ARG B 350 -20.21 33.50 39.19
N HIS B 351 -19.14 33.05 38.56
CA HIS B 351 -18.93 33.28 37.14
C HIS B 351 -19.72 32.34 36.26
N ILE B 352 -20.00 31.14 36.75
CA ILE B 352 -20.74 30.12 36.03
C ILE B 352 -21.84 29.59 36.93
N THR B 353 -22.84 28.98 36.30
CA THR B 353 -23.89 28.39 37.10
C THR B 353 -23.47 27.01 37.59
N MET B 354 -24.22 26.53 38.58
CA MET B 354 -23.97 25.22 39.17
C MET B 354 -24.24 24.11 38.17
N ASP B 355 -25.28 24.26 37.36
CA ASP B 355 -25.65 23.23 36.40
C ASP B 355 -24.61 23.01 35.31
N VAL B 356 -23.99 24.06 34.79
CA VAL B 356 -23.00 23.85 33.75
C VAL B 356 -21.76 23.15 34.30
N GLY B 357 -21.29 23.62 35.46
CA GLY B 357 -20.14 23.01 36.08
C GLY B 357 -20.40 21.57 36.47
N MET B 358 -21.58 21.31 37.01
CA MET B 358 -21.90 19.95 37.43
C MET B 358 -22.12 19.08 36.20
N GLY B 359 -22.78 19.62 35.16
CA GLY B 359 -23.01 18.90 33.94
C GLY B 359 -21.74 18.57 33.19
N ARG B 360 -20.62 19.21 33.57
CA ARG B 360 -19.34 18.93 32.93
C ARG B 360 -18.38 18.25 33.88
N SER B 361 -18.66 18.29 35.17
CA SER B 361 -17.80 17.67 36.16
C SER B 361 -17.73 16.16 35.95
N PRO B 362 -16.54 15.56 35.86
CA PRO B 362 -16.49 14.09 35.81
C PRO B 362 -16.92 13.46 37.12
N ASP B 363 -16.94 14.24 38.20
CA ASP B 363 -17.45 13.80 39.49
C ASP B 363 -18.12 15.00 40.11
N PRO B 364 -19.42 15.18 39.85
CA PRO B 364 -20.10 16.40 40.35
C PRO B 364 -20.09 16.46 41.86
N ASP B 365 -20.05 15.30 42.52
CA ASP B 365 -20.01 15.25 43.97
C ASP B 365 -18.67 15.79 44.45
N GLU B 366 -17.61 15.51 43.69
CA GLU B 366 -16.31 16.04 44.02
C GLU B 366 -16.32 17.55 43.95
N LEU B 367 -16.89 18.12 42.88
CA LEU B 367 -16.94 19.57 42.79
C LEU B 367 -17.78 20.17 43.90
N LYS B 368 -18.87 19.50 44.27
CA LYS B 368 -19.64 19.94 45.42
C LYS B 368 -18.80 19.95 46.69
N GLN B 369 -18.04 18.88 46.91
CA GLN B 369 -17.19 18.82 48.08
C GLN B 369 -16.18 19.96 48.09
N MET B 370 -15.61 20.26 46.93
CA MET B 370 -14.68 21.37 46.85
C MET B 370 -15.36 22.71 47.11
N LEU B 371 -16.62 22.84 46.72
CA LEU B 371 -17.35 24.09 46.87
C LEU B 371 -17.84 24.33 48.30
N THR B 372 -18.39 23.31 48.92
CA THR B 372 -18.98 23.48 50.24
C THR B 372 -17.89 23.54 51.32
N MET C 21 21.42 46.96 -4.97
CA MET C 21 22.11 45.79 -4.36
C MET C 21 23.18 46.24 -3.38
N ALA C 22 23.60 47.51 -3.49
CA ALA C 22 24.67 48.00 -2.66
C ALA C 22 24.25 47.98 -1.20
N ASN C 23 22.99 48.31 -0.94
CA ASN C 23 22.45 48.22 0.41
C ASN C 23 22.65 46.81 0.95
N MET C 24 22.31 45.80 0.15
CA MET C 24 22.41 44.42 0.60
C MET C 24 23.86 44.08 0.89
N HIS C 25 24.76 44.61 0.07
CA HIS C 25 26.15 44.35 0.28
C HIS C 25 26.57 44.89 1.64
N GLN C 26 26.05 46.05 2.00
CA GLN C 26 26.41 46.64 3.27
C GLN C 26 25.80 45.87 4.43
N LEU C 27 24.57 45.37 4.28
CA LEU C 27 24.01 44.59 5.39
C LEU C 27 24.81 43.32 5.60
N LEU C 28 25.17 42.64 4.53
CA LEU C 28 25.98 41.45 4.70
C LEU C 28 27.36 41.78 5.19
N THR C 29 27.88 42.94 4.79
CA THR C 29 29.15 43.38 5.30
C THR C 29 29.09 43.63 6.78
N GLU C 30 28.02 44.26 7.25
CA GLU C 30 27.84 44.47 8.68
C GLU C 30 27.65 43.15 9.42
N LEU C 31 26.91 42.23 8.82
CA LEU C 31 26.74 40.91 9.40
C LEU C 31 28.09 40.26 9.64
N VAL C 32 28.95 40.32 8.62
CA VAL C 32 30.27 39.75 8.76
C VAL C 32 31.08 40.55 9.78
N ASN C 33 31.08 41.87 9.60
CA ASN C 33 31.90 42.76 10.41
C ASN C 33 31.53 42.70 11.89
N ARG C 34 30.25 42.52 12.17
CA ARG C 34 29.76 42.52 13.54
C ARG C 34 29.76 41.14 14.17
N GLY C 35 30.30 40.14 13.50
CA GLY C 35 30.31 38.81 14.10
C GLY C 35 28.90 38.30 14.25
N GLY C 36 27.98 38.79 13.43
CA GLY C 36 26.61 38.32 13.49
C GLY C 36 26.43 36.97 12.87
N SER C 37 25.56 36.20 13.52
CA SER C 37 25.26 34.87 13.02
C SER C 37 24.42 34.93 11.76
N ASP C 38 23.33 35.70 11.76
CA ASP C 38 22.30 35.57 10.72
C ASP C 38 21.65 36.92 10.46
N LEU C 39 21.32 37.20 9.20
CA LEU C 39 20.56 38.39 8.85
C LEU C 39 19.12 38.05 8.44
N HIS C 40 18.18 38.79 9.02
CA HIS C 40 16.75 38.63 8.80
C HIS C 40 16.26 39.89 8.08
N LEU C 41 15.55 39.68 6.97
CA LEU C 41 14.97 40.75 6.16
C LEU C 41 13.49 40.55 5.93
N THR C 42 12.66 41.48 6.42
CA THR C 42 11.23 41.37 6.18
C THR C 42 10.61 42.76 6.21
N THR C 43 9.42 42.85 5.62
CA THR C 43 8.75 44.13 5.46
C THR C 43 8.25 44.66 6.78
N ASN C 44 8.18 45.99 6.86
CA ASN C 44 7.66 46.74 8.01
C ASN C 44 8.56 46.63 9.24
N SER C 45 9.76 46.10 9.08
CA SER C 45 10.79 46.06 10.10
C SER C 45 12.08 46.50 9.44
N PRO C 46 12.97 47.18 10.15
CA PRO C 46 14.28 47.36 9.60
C PRO C 46 14.96 46.02 9.49
N PRO C 47 16.03 45.91 8.71
CA PRO C 47 16.81 44.69 8.74
C PRO C 47 17.25 44.42 10.16
N GLN C 48 17.19 43.16 10.55
CA GLN C 48 17.56 42.77 11.91
C GLN C 48 18.60 41.69 11.78
N ILE C 49 19.58 41.71 12.66
CA ILE C 49 20.65 40.73 12.61
C ILE C 49 20.74 40.00 13.94
N ARG C 50 20.87 38.69 13.84
CA ARG C 50 21.05 37.83 14.99
C ARG C 50 22.54 37.75 15.23
N ILE C 51 22.95 38.23 16.41
CA ILE C 51 24.33 38.22 16.84
C ILE C 51 24.35 37.40 18.11
N ASP C 52 25.13 36.31 18.09
CA ASP C 52 25.25 35.42 19.24
C ASP C 52 23.86 34.94 19.68
N GLY C 53 22.99 34.75 18.69
CA GLY C 53 21.67 34.20 18.93
C GLY C 53 20.58 35.23 19.13
N LYS C 54 20.91 36.51 19.32
CA LYS C 54 19.90 37.52 19.62
C LYS C 54 19.79 38.57 18.53
N LEU C 55 18.55 38.95 18.26
CA LEU C 55 18.24 39.92 17.22
C LEU C 55 18.49 41.34 17.65
N LEU C 56 19.00 42.12 16.71
CA LEU C 56 19.22 43.54 16.90
C LEU C 56 18.62 44.21 15.67
N PRO C 57 17.67 45.12 15.81
CA PRO C 57 17.18 45.81 14.62
C PRO C 57 18.22 46.84 14.22
N LEU C 58 18.45 46.95 12.93
CA LEU C 58 19.34 47.97 12.45
C LEU C 58 18.67 49.34 12.38
N ASP C 59 19.49 50.37 12.52
CA ASP C 59 19.02 51.77 12.51
C ASP C 59 18.82 52.13 11.05
N MET C 60 17.73 51.58 10.51
CA MET C 60 17.41 51.71 9.10
C MET C 60 15.89 51.85 8.96
N PRO C 61 15.41 52.35 7.82
CA PRO C 61 13.97 52.43 7.62
C PRO C 61 13.37 51.04 7.55
N PRO C 62 12.08 50.89 7.87
CA PRO C 62 11.47 49.57 7.73
C PRO C 62 11.45 49.20 6.27
N LEU C 63 11.57 47.91 6.01
CA LEU C 63 11.57 47.46 4.64
C LEU C 63 10.15 47.37 4.10
N ASN C 64 10.01 47.58 2.80
CA ASN C 64 8.76 47.26 2.11
C ASN C 64 9.02 46.08 1.19
N ALA C 65 7.98 45.67 0.49
CA ALA C 65 8.10 44.52 -0.39
C ALA C 65 9.01 44.81 -1.56
N VAL C 66 8.98 46.06 -2.04
CA VAL C 66 9.87 46.50 -3.11
C VAL C 66 11.33 46.41 -2.70
N ASP C 67 11.64 46.80 -1.47
CA ASP C 67 13.03 46.78 -1.03
C ASP C 67 13.53 45.36 -0.98
N THR C 68 12.76 44.50 -0.32
CA THR C 68 13.19 43.12 -0.15
C THR C 68 13.30 42.42 -1.51
N LYS C 69 12.34 42.67 -2.39
CA LYS C 69 12.38 42.05 -3.71
C LYS C 69 13.56 42.52 -4.54
N GLN C 70 13.81 43.83 -4.61
CA GLN C 70 14.91 44.28 -5.46
C GLN C 70 16.25 43.83 -4.91
N LEU C 71 16.45 43.92 -3.60
CA LEU C 71 17.73 43.53 -3.03
C LEU C 71 17.96 42.04 -3.20
N CYS C 72 16.96 41.22 -2.90
CA CYS C 72 17.14 39.79 -3.02
C CYS C 72 17.31 39.39 -4.48
N TYR C 73 16.57 40.03 -5.38
CA TYR C 73 16.68 39.73 -6.80
C TYR C 73 18.02 40.14 -7.37
N SER C 74 18.71 41.06 -6.72
CA SER C 74 19.99 41.52 -7.26
C SER C 74 21.05 40.43 -7.29
N ILE C 75 20.86 39.33 -6.55
CA ILE C 75 21.81 38.23 -6.48
C ILE C 75 21.24 36.96 -7.10
N LEU C 76 20.18 37.07 -7.88
CA LEU C 76 19.54 35.93 -8.51
C LEU C 76 19.74 35.86 -10.02
N THR C 77 19.80 34.62 -10.49
CA THR C 77 19.70 34.34 -11.90
C THR C 77 18.25 34.43 -12.34
N GLU C 78 18.06 34.46 -13.65
CA GLU C 78 16.71 34.53 -14.18
C GLU C 78 15.94 33.28 -13.79
N GLN C 79 16.65 32.15 -13.75
CA GLN C 79 16.03 30.93 -13.29
C GLN C 79 15.72 30.98 -11.80
N GLN C 80 16.61 31.56 -10.99
CA GLN C 80 16.33 31.60 -9.57
C GLN C 80 15.18 32.54 -9.28
N LYS C 81 15.08 33.63 -10.03
CA LYS C 81 13.96 34.54 -9.87
C LYS C 81 12.67 33.85 -10.25
N HIS C 82 12.70 33.17 -11.40
CA HIS C 82 11.58 32.36 -11.84
C HIS C 82 11.24 31.31 -10.79
N LYS C 83 12.25 30.78 -10.10
CA LYS C 83 12.03 29.67 -9.20
C LYS C 83 11.34 30.12 -7.94
N PHE C 84 11.81 31.22 -7.37
CA PHE C 84 11.18 31.78 -6.19
C PHE C 84 9.77 32.25 -6.51
N GLU C 85 9.60 32.89 -7.68
CA GLU C 85 8.29 33.36 -8.07
C GLU C 85 7.37 32.22 -8.41
N GLU C 86 7.93 31.07 -8.75
CA GLU C 86 7.16 29.89 -9.04
C GLU C 86 6.71 29.21 -7.77
N ASN C 87 7.51 29.32 -6.70
CA ASN C 87 7.27 28.57 -5.48
C ASN C 87 7.09 29.43 -4.26
N ASN C 88 7.41 30.72 -4.33
CA ASN C 88 7.45 31.61 -3.17
C ASN C 88 8.42 31.09 -2.11
N GLU C 89 9.33 30.19 -2.50
CA GLU C 89 10.38 29.64 -1.68
C GLU C 89 11.63 29.42 -2.51
N LEU C 90 12.77 29.56 -1.88
CA LEU C 90 14.03 29.27 -2.54
C LEU C 90 15.07 29.10 -1.45
N ASP C 91 15.76 27.97 -1.49
CA ASP C 91 16.96 27.75 -0.72
C ASP C 91 18.07 27.91 -1.73
N LEU C 92 19.16 28.55 -1.32
CA LEU C 92 20.24 28.78 -2.27
C LEU C 92 21.50 29.08 -1.49
N SER C 93 22.62 29.02 -2.18
CA SER C 93 23.90 29.46 -1.64
C SER C 93 24.61 30.30 -2.68
N PHE C 94 25.47 31.19 -2.20
CA PHE C 94 26.19 32.08 -3.08
C PHE C 94 27.45 32.56 -2.40
N GLY C 95 28.35 33.09 -3.20
CA GLY C 95 29.61 33.61 -2.71
C GLY C 95 29.73 35.08 -3.05
N ILE C 96 30.42 35.81 -2.19
CA ILE C 96 30.80 37.17 -2.43
C ILE C 96 32.31 37.16 -2.46
N LYS C 97 32.86 37.44 -3.64
CA LYS C 97 34.29 37.33 -3.87
C LYS C 97 35.05 38.23 -2.91
N GLY C 98 36.06 37.65 -2.28
CA GLY C 98 36.87 38.38 -1.34
C GLY C 98 36.22 38.60 0.00
N LEU C 99 34.98 38.11 0.21
CA LEU C 99 34.29 38.31 1.48
C LEU C 99 33.91 36.99 2.13
N SER C 100 32.90 36.31 1.61
CA SER C 100 32.41 35.12 2.29
C SER C 100 31.38 34.46 1.40
N ARG C 101 31.05 33.22 1.72
CA ARG C 101 29.85 32.63 1.19
C ARG C 101 28.71 32.79 2.16
N PHE C 102 27.51 32.61 1.65
CA PHE C 102 26.31 32.75 2.42
C PHE C 102 25.32 31.72 1.92
N ARG C 103 24.54 31.22 2.87
CA ARG C 103 23.38 30.41 2.59
C ARG C 103 22.14 31.27 2.78
N GLY C 104 21.29 31.30 1.75
CA GLY C 104 20.12 32.13 1.74
C GLY C 104 18.87 31.28 1.70
N ASN C 105 17.82 31.78 2.34
CA ASN C 105 16.47 31.29 2.15
C ASN C 105 15.61 32.50 1.87
N VAL C 106 14.86 32.45 0.79
CA VAL C 106 13.95 33.51 0.41
C VAL C 106 12.57 32.88 0.43
N PHE C 107 11.61 33.62 0.98
CA PHE C 107 10.27 33.12 1.06
C PHE C 107 9.33 34.31 0.97
N VAL C 108 8.04 34.04 1.14
CA VAL C 108 6.99 35.04 1.06
C VAL C 108 6.17 34.94 2.33
N GLN C 109 5.84 36.08 2.90
CA GLN C 109 4.97 36.16 4.06
C GLN C 109 4.14 37.42 3.94
N ARG C 110 2.86 37.27 4.23
CA ARG C 110 1.91 38.37 4.14
C ARG C 110 1.90 39.00 2.76
N GLY C 111 2.23 38.20 1.74
CA GLY C 111 2.26 38.70 0.39
C GLY C 111 3.50 39.46 0.01
N ALA C 112 4.58 39.38 0.79
CA ALA C 112 5.79 40.14 0.53
C ALA C 112 7.01 39.25 0.66
N VAL C 113 8.09 39.66 -0.01
CA VAL C 113 9.32 38.90 0.04
C VAL C 113 9.96 39.04 1.41
N ALA C 114 10.55 37.95 1.89
CA ALA C 114 11.36 37.92 3.10
C ALA C 114 12.56 37.05 2.83
N GLY C 115 13.61 37.26 3.62
CA GLY C 115 14.86 36.53 3.40
C GLY C 115 15.61 36.34 4.70
N VAL C 116 16.30 35.22 4.79
CA VAL C 116 17.20 34.93 5.91
C VAL C 116 18.52 34.45 5.34
N PHE C 117 19.62 34.90 5.94
CA PHE C 117 20.96 34.65 5.41
C PHE C 117 21.96 34.26 6.48
N ARG C 118 22.62 33.12 6.26
CA ARG C 118 23.59 32.51 7.16
C ARG C 118 24.96 32.77 6.56
N VAL C 119 25.92 33.07 7.41
CA VAL C 119 27.29 33.31 6.97
C VAL C 119 27.98 31.97 6.75
N ILE C 120 28.90 31.96 5.80
CA ILE C 120 29.78 30.82 5.56
C ILE C 120 31.17 31.41 5.36
N PRO C 121 32.03 31.41 6.37
CA PRO C 121 33.35 32.04 6.20
C PRO C 121 34.16 31.30 5.16
N TYR C 122 35.05 32.04 4.49
CA TYR C 122 35.94 31.35 3.58
C TYR C 122 36.94 30.51 4.37
N LYS C 123 37.31 30.95 5.57
CA LYS C 123 38.28 30.25 6.39
C LYS C 123 37.55 29.41 7.45
N ILE C 124 37.86 28.13 7.46
CA ILE C 124 37.29 27.20 8.43
C ILE C 124 38.20 27.17 9.65
N LEU C 125 37.62 27.34 10.84
CA LEU C 125 38.48 27.30 12.01
C LEU C 125 38.89 25.89 12.38
N SER C 126 39.99 25.84 13.12
CA SER C 126 40.61 24.60 13.57
C SER C 126 39.91 24.13 14.84
N PHE C 127 40.27 22.93 15.29
CA PHE C 127 39.66 22.39 16.49
C PHE C 127 39.92 23.26 17.70
N GLU C 128 41.17 23.69 17.88
CA GLU C 128 41.51 24.49 19.05
C GLU C 128 40.85 25.86 18.99
N GLU C 129 40.75 26.44 17.79
CA GLU C 129 40.05 27.72 17.68
C GLU C 129 38.59 27.55 18.03
N LEU C 130 38.03 26.39 17.72
CA LEU C 130 36.65 26.07 18.01
C LEU C 130 36.46 25.51 19.39
N GLY C 131 37.55 25.25 20.12
CA GLY C 131 37.44 24.66 21.43
C GLY C 131 37.16 23.19 21.36
N LEU C 132 37.47 22.56 20.25
CA LEU C 132 37.23 21.15 20.02
C LEU C 132 38.42 20.33 20.49
N PRO C 133 38.23 19.23 21.23
CA PRO C 133 39.39 18.51 21.74
C PRO C 133 40.15 17.79 20.64
N PRO C 134 41.41 17.41 20.92
CA PRO C 134 42.25 16.75 19.92
C PRO C 134 41.72 15.41 19.40
N VAL C 135 40.86 14.72 20.13
CA VAL C 135 40.39 13.42 19.68
C VAL C 135 39.62 13.50 18.38
N VAL C 136 38.95 14.61 18.10
CA VAL C 136 38.26 14.70 16.83
C VAL C 136 39.28 14.73 15.70
N ARG C 137 40.42 15.37 15.94
CA ARG C 137 41.46 15.38 14.92
C ARG C 137 41.98 13.97 14.69
N GLU C 138 42.07 13.15 15.75
CA GLU C 138 42.54 11.79 15.51
C GLU C 138 41.47 11.00 14.78
N LEU C 139 40.21 11.36 15.00
CA LEU C 139 39.11 10.77 14.26
C LEU C 139 39.20 11.15 12.79
N ALA C 140 39.76 12.33 12.51
CA ALA C 140 39.94 12.78 11.15
C ALA C 140 40.94 11.93 10.38
N GLU C 141 41.68 11.04 11.05
CA GLU C 141 42.62 10.15 10.39
C GLU C 141 42.01 8.78 10.14
N LYS C 142 40.78 8.56 10.58
CA LYS C 142 40.09 7.29 10.40
C LYS C 142 39.86 7.07 8.91
N PRO C 143 40.13 5.88 8.37
CA PRO C 143 39.91 5.72 6.93
C PRO C 143 38.45 5.57 6.57
N ARG C 144 37.63 5.05 7.47
CA ARG C 144 36.23 4.84 7.16
C ARG C 144 35.37 4.76 8.40
N GLY C 145 34.08 4.91 8.15
CA GLY C 145 33.00 4.76 9.10
C GLY C 145 32.19 6.03 9.16
N LEU C 146 31.20 6.02 10.05
CA LEU C 146 30.33 7.18 10.23
C LEU C 146 30.54 7.80 11.59
N VAL C 147 30.87 9.08 11.60
CA VAL C 147 31.02 9.88 12.79
C VAL C 147 30.02 11.01 12.64
N LEU C 148 29.14 11.18 13.63
CA LEU C 148 28.05 12.13 13.56
C LEU C 148 28.19 13.29 14.54
N VAL C 149 28.00 14.48 14.01
CA VAL C 149 27.98 15.74 14.76
C VAL C 149 26.58 16.30 14.63
N THR C 150 25.87 16.36 15.75
CA THR C 150 24.44 16.67 15.75
C THR C 150 24.20 17.89 16.61
N GLY C 151 22.99 18.40 16.51
CA GLY C 151 22.59 19.56 17.25
C GLY C 151 21.61 20.33 16.42
N PRO C 152 21.04 21.39 16.98
CA PRO C 152 20.07 22.19 16.24
C PRO C 152 20.72 22.91 15.08
N THR C 153 19.86 23.52 14.26
CA THR C 153 20.31 24.25 13.09
C THR C 153 21.24 25.40 13.49
N GLY C 154 22.34 25.51 12.78
CA GLY C 154 23.27 26.58 13.02
C GLY C 154 24.04 26.45 14.31
N SER C 155 24.29 25.22 14.74
CA SER C 155 24.98 24.97 15.99
C SER C 155 26.46 24.70 15.72
N GLY C 156 26.92 25.01 14.51
CA GLY C 156 28.28 24.89 14.09
C GLY C 156 28.56 23.58 13.41
N LYS C 157 27.51 22.82 13.06
CA LYS C 157 27.71 21.47 12.58
C LYS C 157 28.39 21.50 11.22
N SER C 158 27.89 22.32 10.31
CA SER C 158 28.53 22.39 9.01
C SER C 158 29.94 22.93 9.14
N THR C 159 30.14 23.86 10.06
CA THR C 159 31.46 24.44 10.29
C THR C 159 32.41 23.41 10.88
N THR C 160 31.93 22.64 11.86
CA THR C 160 32.72 21.57 12.45
C THR C 160 33.07 20.51 11.42
N LEU C 161 32.07 20.14 10.64
CA LEU C 161 32.24 19.14 9.61
C LEU C 161 33.25 19.61 8.59
N ALA C 162 33.18 20.90 8.26
CA ALA C 162 34.09 21.49 7.31
C ALA C 162 35.50 21.50 7.87
N ALA C 163 35.66 21.71 9.16
CA ALA C 163 37.01 21.70 9.72
C ALA C 163 37.63 20.32 9.62
N ILE C 164 36.85 19.29 9.93
CA ILE C 164 37.36 17.93 9.82
C ILE C 164 37.68 17.63 8.36
N ILE C 165 36.81 18.11 7.47
CA ILE C 165 36.95 17.87 6.05
C ILE C 165 38.21 18.52 5.54
N ASP C 166 38.41 19.78 5.90
CA ASP C 166 39.58 20.51 5.47
C ASP C 166 40.84 19.89 6.00
N LYS C 167 40.78 19.31 7.20
CA LYS C 167 41.95 18.63 7.72
C LYS C 167 42.29 17.41 6.89
N ILE C 168 41.28 16.63 6.54
CA ILE C 168 41.52 15.49 5.66
C ILE C 168 42.03 15.95 4.29
N ASN C 169 41.39 16.97 3.71
CA ASN C 169 41.82 17.50 2.43
C ASN C 169 43.27 17.92 2.48
N THR C 170 43.68 18.45 3.61
CA THR C 170 45.05 18.91 3.75
C THR C 170 45.98 17.73 3.90
N ASP C 171 45.53 16.69 4.60
CA ASP C 171 46.42 15.64 5.06
C ASP C 171 46.41 14.39 4.23
N ARG C 172 45.33 14.12 3.48
CA ARG C 172 45.20 12.85 2.77
C ARG C 172 45.23 13.06 1.27
N HIS C 173 45.58 11.98 0.57
CA HIS C 173 45.50 11.90 -0.88
C HIS C 173 44.34 11.00 -1.25
N GLU C 174 43.13 11.48 -0.97
CA GLU C 174 41.92 10.70 -1.11
C GLU C 174 40.87 11.52 -1.83
N HIS C 175 39.73 10.89 -2.09
CA HIS C 175 38.65 11.49 -2.85
C HIS C 175 37.53 11.84 -1.88
N ILE C 176 37.25 13.14 -1.78
CA ILE C 176 36.20 13.66 -0.94
C ILE C 176 35.05 14.10 -1.84
N VAL C 177 33.85 13.59 -1.56
CA VAL C 177 32.64 13.99 -2.26
C VAL C 177 31.61 14.52 -1.28
N THR C 178 31.04 15.67 -1.59
CA THR C 178 29.94 16.19 -0.79
C THR C 178 28.70 16.32 -1.65
N VAL C 179 27.55 16.01 -1.04
CA VAL C 179 26.24 16.22 -1.64
C VAL C 179 25.45 17.10 -0.71
N GLU C 180 25.02 18.26 -1.20
CA GLU C 180 24.49 19.31 -0.36
C GLU C 180 23.34 19.99 -1.06
N ASP C 181 22.37 20.50 -0.29
CA ASP C 181 21.20 21.16 -0.90
C ASP C 181 20.96 22.39 -0.03
N PRO C 182 21.70 23.49 -0.28
CA PRO C 182 22.76 23.68 -1.26
C PRO C 182 24.15 23.46 -0.72
N ILE C 183 25.15 23.62 -1.58
CA ILE C 183 26.54 23.60 -1.13
C ILE C 183 26.78 24.79 -0.24
N GLU C 184 27.32 24.52 0.95
CA GLU C 184 27.63 25.60 1.89
C GLU C 184 29.12 25.91 1.93
N TYR C 185 29.89 25.20 2.75
CA TYR C 185 31.32 25.41 2.83
C TYR C 185 31.98 24.89 1.56
N LEU C 186 32.89 25.68 0.98
CA LEU C 186 33.68 25.21 -0.15
C LEU C 186 35.05 24.73 0.33
N HIS C 187 35.45 23.57 -0.18
CA HIS C 187 36.73 22.96 0.16
C HIS C 187 37.55 22.81 -1.11
N PRO C 188 38.24 23.86 -1.56
CA PRO C 188 39.14 23.69 -2.70
C PRO C 188 40.21 22.66 -2.39
N HIS C 189 40.86 22.21 -3.45
CA HIS C 189 41.74 21.06 -3.36
C HIS C 189 42.96 21.39 -2.51
N LYS C 190 43.28 20.49 -1.58
CA LYS C 190 44.55 20.58 -0.87
C LYS C 190 45.40 19.38 -1.26
N SER C 191 45.36 18.29 -0.47
CA SER C 191 45.97 17.03 -0.86
C SER C 191 44.97 16.05 -1.45
N CYS C 192 43.68 16.23 -1.18
CA CYS C 192 42.62 15.41 -1.73
C CYS C 192 42.07 16.02 -3.01
N VAL C 193 41.34 15.21 -3.76
CA VAL C 193 40.45 15.71 -4.79
C VAL C 193 39.07 15.83 -4.15
N VAL C 194 38.53 17.05 -4.16
CA VAL C 194 37.28 17.37 -3.50
C VAL C 194 36.29 17.80 -4.55
N ASN C 195 35.20 17.05 -4.66
CA ASN C 195 34.09 17.37 -5.54
C ASN C 195 32.84 17.65 -4.72
N GLN C 196 32.18 18.77 -5.01
CA GLN C 196 31.03 19.22 -4.24
C GLN C 196 29.85 19.38 -5.17
N ARG C 197 28.80 18.61 -4.90
CA ARG C 197 27.60 18.52 -5.72
C ARG C 197 26.40 19.13 -5.03
N GLU C 198 25.76 20.06 -5.73
CA GLU C 198 24.57 20.72 -5.21
C GLU C 198 23.39 19.96 -5.80
N VAL C 199 22.50 19.48 -4.93
CA VAL C 199 21.31 18.77 -5.40
C VAL C 199 20.40 19.71 -6.19
N GLY C 200 19.89 19.23 -7.32
CA GLY C 200 19.02 20.00 -8.17
C GLY C 200 19.72 20.78 -9.26
N ALA C 201 21.06 20.79 -9.28
CA ALA C 201 21.84 21.45 -10.31
C ALA C 201 22.95 20.49 -10.75
N ASP C 202 23.83 20.14 -9.81
CA ASP C 202 24.90 19.20 -10.11
C ASP C 202 24.36 17.78 -10.23
N THR C 203 23.37 17.43 -9.42
CA THR C 203 22.76 16.11 -9.39
C THR C 203 21.25 16.28 -9.23
N LYS C 204 20.50 15.29 -9.73
CA LYS C 204 19.05 15.42 -9.75
C LYS C 204 18.49 15.41 -8.34
N SER C 205 19.09 14.63 -7.47
CA SER C 205 18.56 14.39 -6.14
C SER C 205 19.64 13.74 -5.31
N PHE C 206 19.40 13.71 -4.00
CA PHE C 206 20.26 12.92 -3.14
C PHE C 206 20.24 11.49 -3.60
N LYS C 207 19.06 11.02 -3.99
CA LYS C 207 18.88 9.65 -4.44
C LYS C 207 19.73 9.41 -5.70
N ASN C 208 19.76 10.39 -6.59
CA ASN C 208 20.52 10.24 -7.84
C ASN C 208 22.00 10.28 -7.52
N ALA C 209 22.38 11.13 -6.58
CA ALA C 209 23.76 11.18 -6.15
C ALA C 209 24.16 9.82 -5.61
N LEU C 210 23.31 9.20 -4.81
CA LEU C 210 23.63 7.88 -4.30
C LEU C 210 23.61 6.85 -5.41
N LYS C 211 22.88 7.13 -6.49
CA LYS C 211 22.85 6.20 -7.60
C LYS C 211 24.19 6.16 -8.31
N TYR C 212 24.93 7.27 -8.26
CA TYR C 212 26.19 7.36 -8.98
C TYR C 212 27.42 7.44 -8.08
N ILE C 213 27.23 7.51 -6.77
CA ILE C 213 28.37 7.77 -5.91
C ILE C 213 29.38 6.63 -5.86
N LEU C 214 28.90 5.40 -5.98
CA LEU C 214 29.78 4.26 -5.93
C LEU C 214 30.61 4.08 -7.19
N ARG C 215 30.19 4.68 -8.29
CA ARG C 215 30.97 4.64 -9.52
C ARG C 215 31.92 5.80 -9.65
N GLN C 216 32.03 6.62 -8.62
CA GLN C 216 32.91 7.78 -8.64
C GLN C 216 34.12 7.58 -7.74
N ASP C 217 34.37 6.35 -7.30
CA ASP C 217 35.55 5.99 -6.53
C ASP C 217 35.86 6.91 -5.33
N PRO C 218 34.88 7.12 -4.46
CA PRO C 218 35.14 8.00 -3.31
C PRO C 218 35.82 7.26 -2.18
N ASP C 219 36.45 8.05 -1.34
CA ASP C 219 36.99 7.64 -0.05
C ASP C 219 36.29 8.29 1.11
N VAL C 220 35.92 9.56 0.97
CA VAL C 220 35.28 10.34 2.01
C VAL C 220 34.02 10.97 1.45
N VAL C 221 32.92 10.88 2.21
CA VAL C 221 31.63 11.35 1.74
C VAL C 221 30.90 12.18 2.79
N LEU C 222 30.39 13.32 2.34
CA LEU C 222 29.47 14.16 3.10
C LEU C 222 28.11 14.01 2.45
N VAL C 223 27.11 13.59 3.22
CA VAL C 223 25.80 13.25 2.66
C VAL C 223 24.72 14.23 3.07
N GLY C 224 25.02 15.25 3.87
CA GLY C 224 23.97 16.18 4.25
C GLY C 224 23.10 15.59 5.35
N GLU C 225 21.85 16.03 5.36
CA GLU C 225 20.92 15.63 6.41
C GLU C 225 20.48 14.19 6.21
N LEU C 226 20.35 13.47 7.32
CA LEU C 226 19.77 12.13 7.36
C LEU C 226 18.25 12.26 7.28
N ARG C 227 17.76 12.50 6.07
CA ARG C 227 16.38 12.93 5.91
C ARG C 227 15.39 11.78 5.99
N ASP C 228 15.77 10.57 5.58
CA ASP C 228 14.84 9.46 5.57
C ASP C 228 15.59 8.16 5.81
N LEU C 229 14.81 7.07 5.87
CA LEU C 229 15.37 5.74 6.09
C LEU C 229 16.32 5.38 4.97
N GLU C 230 15.98 5.78 3.74
CA GLU C 230 16.81 5.44 2.58
C GLU C 230 18.19 6.05 2.71
N THR C 231 18.24 7.30 3.15
CA THR C 231 19.52 7.93 3.39
C THR C 231 20.31 7.20 4.45
N ILE C 232 19.62 6.71 5.48
CA ILE C 232 20.27 5.93 6.53
C ILE C 232 20.88 4.66 5.93
N GLU C 233 20.12 3.97 5.08
CA GLU C 233 20.62 2.75 4.46
C GLU C 233 21.81 3.04 3.56
N ALA C 234 21.76 4.19 2.88
CA ALA C 234 22.86 4.60 2.04
C ALA C 234 24.11 4.84 2.87
N ALA C 235 23.94 5.48 4.02
CA ALA C 235 25.07 5.78 4.89
C ALA C 235 25.66 4.51 5.46
N LEU C 236 24.80 3.55 5.84
CA LEU C 236 25.30 2.28 6.34
C LEU C 236 26.06 1.54 5.25
N THR C 237 25.57 1.63 4.03
CA THR C 237 26.24 0.97 2.92
C THR C 237 27.60 1.61 2.66
N LEU C 238 27.65 2.94 2.63
CA LEU C 238 28.90 3.65 2.44
C LEU C 238 29.92 3.32 3.52
N ALA C 239 29.49 3.35 4.78
CA ALA C 239 30.46 3.11 5.86
C ALA C 239 30.95 1.67 5.85
N GLU C 240 30.14 0.75 5.36
CA GLU C 240 30.55 -0.65 5.33
C GLU C 240 31.31 -1.01 4.07
N THR C 241 31.19 -0.21 2.99
CA THR C 241 31.82 -0.49 1.72
C THR C 241 33.19 0.17 1.56
N GLY C 242 33.83 0.55 2.66
CA GLY C 242 35.18 1.07 2.58
C GLY C 242 35.29 2.57 2.48
N HIS C 243 34.21 3.28 2.78
CA HIS C 243 34.19 4.73 2.68
C HIS C 243 34.07 5.37 4.04
N LEU C 244 34.55 6.62 4.10
CA LEU C 244 34.35 7.48 5.24
C LEU C 244 33.12 8.37 4.99
N CYS C 245 32.09 8.19 5.79
CA CYS C 245 30.81 8.85 5.58
C CYS C 245 30.54 9.85 6.69
N PHE C 246 30.21 11.06 6.29
CA PHE C 246 29.81 12.13 7.19
C PHE C 246 28.33 12.45 7.03
N ALA C 247 27.65 12.63 8.17
CA ALA C 247 26.23 12.99 8.14
C ALA C 247 25.91 13.77 9.40
N THR C 248 24.76 14.46 9.35
CA THR C 248 24.27 15.26 10.46
C THR C 248 22.90 14.80 10.93
N LEU C 249 22.61 15.10 12.18
CA LEU C 249 21.27 14.97 12.72
C LEU C 249 21.00 16.16 13.63
N HIS C 250 19.72 16.39 13.88
CA HIS C 250 19.32 17.44 14.79
C HIS C 250 18.99 16.87 16.18
N THR C 251 19.53 15.70 16.51
CA THR C 251 19.35 15.15 17.84
C THR C 251 20.31 15.78 18.83
N ASN C 252 19.99 15.60 20.11
CA ASN C 252 20.69 16.30 21.18
C ASN C 252 21.52 15.37 22.05
N SER C 253 21.47 14.06 21.83
CA SER C 253 22.27 13.16 22.64
C SER C 253 22.52 11.88 21.87
N ALA C 254 23.50 11.12 22.36
CA ALA C 254 23.83 9.85 21.73
C ALA C 254 22.69 8.86 21.85
N VAL C 255 22.12 8.73 23.04
CA VAL C 255 21.03 7.78 23.26
C VAL C 255 19.80 8.20 22.47
N GLN C 256 19.46 9.49 22.52
CA GLN C 256 18.33 9.98 21.75
C GLN C 256 18.56 9.77 20.26
N THR C 257 19.81 9.91 19.84
CA THR C 257 20.15 9.69 18.45
C THR C 257 19.98 8.25 18.05
N ILE C 258 20.49 7.33 18.87
CA ILE C 258 20.42 5.92 18.57
C ILE C 258 18.98 5.43 18.56
N ASN C 259 18.20 5.85 19.56
CA ASN C 259 16.81 5.43 19.58
C ASN C 259 16.09 5.96 18.35
N ARG C 260 16.38 7.20 17.98
CA ARG C 260 15.74 7.78 16.81
C ARG C 260 16.09 6.98 15.58
N ILE C 261 17.36 6.60 15.47
CA ILE C 261 17.86 5.88 14.31
C ILE C 261 17.24 4.50 14.22
N VAL C 262 17.14 3.80 15.34
CA VAL C 262 16.62 2.45 15.27
C VAL C 262 15.15 2.50 14.92
N ASP C 263 14.42 3.42 15.54
CA ASP C 263 12.98 3.40 15.43
C ASP C 263 12.50 3.85 14.05
N VAL C 264 13.36 4.40 13.21
CA VAL C 264 12.88 4.76 11.87
C VAL C 264 12.68 3.49 11.07
N PHE C 265 13.31 2.38 11.48
CA PHE C 265 13.19 1.17 10.70
C PHE C 265 12.02 0.31 11.13
N PRO C 266 11.48 -0.48 10.21
CA PRO C 266 10.48 -1.46 10.59
C PRO C 266 11.09 -2.39 11.64
N SER C 267 10.23 -2.96 12.47
CA SER C 267 10.70 -3.71 13.63
C SER C 267 11.59 -4.87 13.22
N TYR C 268 11.31 -5.47 12.05
CA TYR C 268 12.05 -6.64 11.62
C TYR C 268 13.47 -6.32 11.19
N GLN C 269 13.76 -5.08 10.81
CA GLN C 269 15.11 -4.71 10.37
C GLN C 269 15.93 -4.04 11.44
N GLN C 270 15.35 -3.69 12.57
CA GLN C 270 16.15 -3.12 13.63
C GLN C 270 17.25 -4.05 14.15
N PRO C 271 17.06 -5.37 14.24
CA PRO C 271 18.19 -6.24 14.60
C PRO C 271 19.40 -6.09 13.67
N GLN C 272 19.13 -6.06 12.37
CA GLN C 272 20.20 -5.88 11.39
C GLN C 272 20.82 -4.52 11.54
N VAL C 273 20.00 -3.52 11.74
CA VAL C 273 20.50 -2.17 11.88
C VAL C 273 21.41 -2.09 13.09
N ARG C 274 21.02 -2.75 14.18
CA ARG C 274 21.89 -2.77 15.35
C ARG C 274 23.22 -3.45 15.06
N ALA C 275 23.20 -4.56 14.32
CA ALA C 275 24.46 -5.20 13.99
C ALA C 275 25.32 -4.33 13.07
N GLN C 276 24.68 -3.74 12.07
CA GLN C 276 25.34 -2.86 11.13
C GLN C 276 25.93 -1.66 11.85
N LEU C 277 25.12 -1.00 12.65
CA LEU C 277 25.55 0.16 13.40
C LEU C 277 26.72 -0.18 14.30
N SER C 278 26.66 -1.35 14.95
CA SER C 278 27.75 -1.76 15.82
C SER C 278 29.02 -1.95 15.03
N PHE C 279 28.88 -2.29 13.75
CA PHE C 279 30.06 -2.51 12.93
C PHE C 279 30.62 -1.20 12.39
N VAL C 280 29.75 -0.34 11.89
CA VAL C 280 30.19 0.81 11.11
C VAL C 280 30.28 2.10 11.92
N LEU C 281 29.59 2.19 13.05
CA LEU C 281 29.58 3.42 13.83
C LEU C 281 30.93 3.70 14.44
N GLU C 282 31.44 4.91 14.23
CA GLU C 282 32.71 5.31 14.78
C GLU C 282 32.64 6.49 15.73
N GLY C 283 31.52 7.23 15.77
CA GLY C 283 31.41 8.34 16.69
C GLY C 283 30.07 9.06 16.68
N VAL C 284 29.58 9.50 17.84
CA VAL C 284 28.39 10.35 17.90
C VAL C 284 28.68 11.57 18.76
N LEU C 285 28.53 12.74 18.15
CA LEU C 285 28.69 14.03 18.83
C LEU C 285 27.36 14.74 18.80
N SER C 286 27.00 15.37 19.92
CA SER C 286 25.80 16.20 20.00
C SER C 286 26.20 17.54 20.58
N GLN C 287 26.15 18.58 19.75
CA GLN C 287 26.76 19.86 20.05
C GLN C 287 25.72 20.97 20.00
N THR C 288 26.08 22.09 20.62
CA THR C 288 25.24 23.28 20.66
C THR C 288 26.14 24.50 20.83
N LEU C 289 25.75 25.62 20.23
CA LEU C 289 26.38 26.91 20.49
C LEU C 289 25.50 27.66 21.49
N LEU C 290 26.11 28.07 22.60
CA LEU C 290 25.51 28.74 23.74
C LEU C 290 26.06 30.15 23.90
N PRO C 291 25.28 31.10 24.39
CA PRO C 291 25.86 32.41 24.66
C PRO C 291 26.88 32.26 25.77
N LYS C 292 28.02 32.93 25.61
CA LYS C 292 29.06 32.87 26.62
C LYS C 292 28.66 33.55 27.92
N ALA C 293 29.26 33.07 29.00
CA ALA C 293 29.01 33.63 30.32
C ALA C 293 29.48 35.07 30.40
N SER C 294 30.48 35.44 29.60
CA SER C 294 30.97 36.81 29.61
C SER C 294 29.96 37.78 29.02
N GLY C 295 29.01 37.29 28.24
CA GLY C 295 28.04 38.13 27.57
C GLY C 295 28.44 38.56 26.18
N THR C 296 29.59 38.10 25.68
CA THR C 296 30.08 38.43 24.36
C THR C 296 30.59 37.15 23.73
N GLY C 297 30.09 36.80 22.54
CA GLY C 297 30.54 35.59 21.88
C GLY C 297 29.70 34.39 22.30
N ARG C 298 29.95 33.28 21.63
CA ARG C 298 29.27 32.03 21.93
C ARG C 298 30.28 30.92 22.09
N VAL C 299 29.89 29.96 22.93
CA VAL C 299 30.72 28.82 23.32
C VAL C 299 30.04 27.51 23.01
N LEU C 300 30.82 26.53 22.58
CA LEU C 300 30.30 25.24 22.19
C LEU C 300 30.16 24.35 23.41
N ALA C 301 28.98 23.77 23.61
CA ALA C 301 28.79 22.69 24.56
C ALA C 301 28.51 21.42 23.78
N ILE C 302 29.26 20.37 24.07
CA ILE C 302 29.23 19.18 23.23
C ILE C 302 29.30 17.93 24.11
N GLU C 303 28.44 16.97 23.80
CA GLU C 303 28.48 15.63 24.38
C GLU C 303 29.12 14.69 23.37
N VAL C 304 30.09 13.89 23.83
CA VAL C 304 30.92 13.04 22.98
C VAL C 304 30.74 11.58 23.38
N MET C 305 30.36 10.75 22.40
CA MET C 305 30.27 9.30 22.52
C MET C 305 31.18 8.64 21.49
N VAL C 306 32.15 7.86 21.96
CA VAL C 306 33.05 7.10 21.11
C VAL C 306 32.78 5.61 21.35
N PRO C 307 32.31 4.84 20.37
CA PRO C 307 31.95 3.44 20.65
C PRO C 307 33.17 2.61 20.99
N ASN C 308 33.10 1.88 22.09
CA ASN C 308 34.05 0.83 22.38
C ASN C 308 33.38 -0.52 22.16
N PRO C 309 34.14 -1.62 22.19
CA PRO C 309 33.52 -2.95 22.04
C PRO C 309 32.35 -3.19 22.98
N ALA C 310 32.42 -2.64 24.19
CA ALA C 310 31.32 -2.80 25.12
C ALA C 310 30.11 -2.07 24.59
N ILE C 311 30.34 -0.87 24.06
CA ILE C 311 29.26 -0.08 23.50
C ILE C 311 28.73 -0.77 22.27
N ARG C 312 29.61 -1.33 21.45
CA ARG C 312 29.18 -2.05 20.26
C ARG C 312 28.32 -3.24 20.63
N ASN C 313 28.64 -3.89 21.74
CA ASN C 313 27.78 -4.97 22.22
C ASN C 313 26.44 -4.40 22.62
N LEU C 314 26.44 -3.27 23.31
CA LEU C 314 25.18 -2.62 23.70
C LEU C 314 24.35 -2.26 22.48
N ILE C 315 25.03 -1.89 21.39
CA ILE C 315 24.34 -1.57 20.14
C ILE C 315 23.69 -2.81 19.58
N ARG C 316 24.43 -3.91 19.56
CA ARG C 316 23.88 -5.15 19.01
C ARG C 316 22.78 -5.72 19.87
N GLU C 317 22.93 -5.63 21.17
CA GLU C 317 21.99 -6.18 22.12
C GLU C 317 20.76 -5.33 22.44
N ASP C 318 20.57 -4.16 21.82
CA ASP C 318 19.40 -3.33 22.15
C ASP C 318 19.35 -3.00 23.64
N LYS C 319 20.50 -2.60 24.19
CA LYS C 319 20.61 -2.17 25.59
C LYS C 319 21.05 -0.73 25.68
N ILE C 320 20.28 0.10 24.99
CA ILE C 320 20.63 1.47 24.69
C ILE C 320 20.80 2.31 25.95
N HIS C 321 19.95 2.10 26.94
CA HIS C 321 19.86 3.05 28.06
C HIS C 321 21.15 3.14 28.85
N GLN C 322 21.88 2.04 28.94
CA GLN C 322 23.14 1.96 29.67
C GLN C 322 24.29 2.62 28.93
N ILE C 323 24.05 3.11 27.71
CA ILE C 323 25.11 3.76 26.95
C ILE C 323 25.54 5.03 27.64
N TYR C 324 24.62 5.72 28.30
CA TYR C 324 24.98 6.95 28.98
C TYR C 324 26.05 6.67 30.02
N SER C 325 25.95 5.52 30.69
CA SER C 325 26.95 5.18 31.69
C SER C 325 28.32 5.00 31.07
N GLN C 326 28.37 4.45 29.86
CA GLN C 326 29.68 4.31 29.24
C GLN C 326 30.29 5.66 28.94
N MET C 327 29.45 6.62 28.56
CA MET C 327 30.01 7.94 28.28
C MET C 327 30.46 8.59 29.57
N GLN C 328 29.83 8.24 30.68
CA GLN C 328 30.21 8.82 31.95
C GLN C 328 31.59 8.35 32.35
N VAL C 329 32.02 7.19 31.84
CA VAL C 329 33.28 6.58 32.22
C VAL C 329 34.27 6.45 31.07
N GLY C 330 33.98 7.07 29.92
CA GLY C 330 34.90 6.94 28.80
C GLY C 330 35.77 8.16 28.61
N GLN C 331 35.95 8.93 29.67
CA GLN C 331 36.71 10.17 29.55
C GLN C 331 38.19 9.87 29.38
N GLU C 332 38.73 9.06 30.28
CA GLU C 332 40.16 8.79 30.29
C GLU C 332 40.58 7.88 29.14
N LYS C 333 39.78 6.89 28.81
CA LYS C 333 40.21 5.89 27.84
C LYS C 333 40.06 6.41 26.42
N PHE C 334 38.86 6.90 26.10
CA PHE C 334 38.49 7.26 24.75
C PHE C 334 38.18 8.73 24.54
N GLY C 335 38.28 9.56 25.58
CA GLY C 335 37.95 10.95 25.36
C GLY C 335 36.46 11.19 25.29
N MET C 336 35.65 10.27 25.78
CA MET C 336 34.21 10.46 25.75
C MET C 336 33.82 11.50 26.77
N MET C 337 32.61 12.03 26.62
CA MET C 337 32.21 13.13 27.48
C MET C 337 30.71 13.32 27.38
N THR C 338 30.05 13.17 28.52
CA THR C 338 28.64 13.48 28.61
C THR C 338 28.45 14.98 28.57
N MET C 339 27.22 15.40 28.30
CA MET C 339 26.92 16.82 28.28
C MET C 339 27.22 17.43 29.64
N ASN C 340 26.89 16.72 30.72
CA ASN C 340 27.17 17.25 32.05
C ASN C 340 28.66 17.42 32.26
N GLN C 341 29.46 16.51 31.73
CA GLN C 341 30.91 16.62 31.82
C GLN C 341 31.42 17.84 31.05
N CYS C 342 30.77 18.15 29.93
CA CYS C 342 31.14 19.34 29.18
C CYS C 342 30.74 20.60 29.94
N LEU C 343 29.54 20.59 30.53
CA LEU C 343 29.10 21.70 31.34
C LEU C 343 30.03 21.89 32.52
N TYR C 344 30.53 20.78 33.08
CA TYR C 344 31.52 20.88 34.14
C TYR C 344 32.77 21.62 33.69
N GLY C 345 33.30 21.27 32.53
CA GLY C 345 34.50 21.96 32.10
C GLY C 345 34.24 23.42 31.81
N LEU C 346 33.11 23.71 31.17
CA LEU C 346 32.75 25.09 30.89
C LEU C 346 32.46 25.89 32.15
N LEU C 347 31.90 25.26 33.17
CA LEU C 347 31.58 25.96 34.41
C LEU C 347 32.82 26.24 35.23
N GLN C 348 33.72 25.27 35.33
CA GLN C 348 34.94 25.52 36.08
C GLN C 348 35.76 26.59 35.38
N LYS C 349 35.72 26.57 34.04
CA LYS C 349 36.37 27.59 33.25
C LYS C 349 35.53 28.85 33.10
N ARG C 350 34.35 28.90 33.71
CA ARG C 350 33.49 30.08 33.71
C ARG C 350 33.09 30.47 32.29
N HIS C 351 32.99 29.48 31.42
CA HIS C 351 32.55 29.71 30.05
C HIS C 351 31.05 29.83 29.92
N ILE C 352 30.31 29.18 30.82
CA ILE C 352 28.85 29.19 30.83
C ILE C 352 28.39 29.52 32.23
N THR C 353 27.15 29.97 32.32
CA THR C 353 26.60 30.23 33.63
C THR C 353 26.09 28.96 34.28
N MET C 354 25.87 29.05 35.59
CA MET C 354 25.37 27.92 36.35
C MET C 354 23.95 27.56 35.96
N ASP C 355 23.13 28.57 35.68
CA ASP C 355 21.74 28.32 35.33
C ASP C 355 21.56 27.59 34.02
N VAL C 356 22.35 27.88 32.98
CA VAL C 356 22.17 27.17 31.72
C VAL C 356 22.58 25.71 31.86
N GLY C 357 23.72 25.48 32.50
CA GLY C 357 24.20 24.13 32.71
C GLY C 357 23.25 23.32 33.57
N MET C 358 22.75 23.95 34.62
CA MET C 358 21.83 23.25 35.51
C MET C 358 20.49 23.04 34.83
N GLY C 359 20.03 24.05 34.08
CA GLY C 359 18.78 23.94 33.35
C GLY C 359 18.82 22.91 32.25
N ARG C 360 20.01 22.41 31.90
CA ARG C 360 20.15 21.40 30.87
C ARG C 360 20.63 20.08 31.46
N SER C 361 21.16 20.11 32.67
CA SER C 361 21.66 18.91 33.32
C SER C 361 20.53 17.92 33.55
N PRO C 362 20.65 16.65 33.12
CA PRO C 362 19.63 15.67 33.50
C PRO C 362 19.62 15.37 34.99
N ASP C 363 20.70 15.72 35.69
CA ASP C 363 20.79 15.61 37.13
C ASP C 363 21.61 16.79 37.60
N PRO C 364 20.95 17.92 37.89
CA PRO C 364 21.71 19.13 38.26
C PRO C 364 22.53 18.92 39.52
N ASP C 365 22.06 18.03 40.40
CA ASP C 365 22.78 17.74 41.63
C ASP C 365 24.06 17.01 41.29
N GLU C 366 24.01 16.17 40.26
CA GLU C 366 25.22 15.49 39.82
C GLU C 366 26.24 16.49 39.31
N LEU C 367 25.82 17.45 38.49
CA LEU C 367 26.76 18.45 38.00
C LEU C 367 27.32 19.28 39.15
N LYS C 368 26.49 19.60 40.14
CA LYS C 368 26.98 20.28 41.32
C LYS C 368 28.05 19.45 42.02
N GLN C 369 27.80 18.15 42.20
CA GLN C 369 28.78 17.28 42.83
C GLN C 369 30.08 17.27 42.06
N MET C 370 30.00 17.23 40.74
CA MET C 370 31.21 17.27 39.94
C MET C 370 31.94 18.60 40.06
N LEU C 371 31.20 19.68 40.25
CA LEU C 371 31.79 21.02 40.33
C LEU C 371 32.43 21.30 41.68
N THR C 372 31.75 20.97 42.75
CA THR C 372 32.24 21.29 44.08
C THR C 372 33.37 20.35 44.50
N MET D 21 41.27 15.26 -27.43
CA MET D 21 41.11 13.89 -26.87
C MET D 21 42.46 13.23 -26.64
N ALA D 22 43.49 13.76 -27.28
CA ALA D 22 44.80 13.14 -27.20
C ALA D 22 45.32 13.21 -25.77
N ASN D 23 45.05 14.32 -25.09
CA ASN D 23 45.39 14.44 -23.68
C ASN D 23 44.77 13.29 -22.90
N MET D 24 43.49 13.03 -23.13
CA MET D 24 42.80 11.99 -22.38
C MET D 24 43.43 10.64 -22.67
N HIS D 25 43.83 10.45 -23.92
CA HIS D 25 44.47 9.20 -24.28
C HIS D 25 45.74 9.03 -23.46
N GLN D 26 46.47 10.11 -23.27
CA GLN D 26 47.71 10.02 -22.52
C GLN D 26 47.44 9.79 -21.04
N LEU D 27 46.40 10.41 -20.49
CA LEU D 27 46.12 10.14 -19.08
C LEU D 27 45.74 8.69 -18.86
N LEU D 28 44.91 8.14 -19.74
CA LEU D 28 44.55 6.74 -19.59
C LEU D 28 45.74 5.86 -19.88
N THR D 29 46.61 6.29 -20.78
CA THR D 29 47.82 5.53 -21.05
C THR D 29 48.71 5.51 -19.83
N GLU D 30 48.84 6.63 -19.15
CA GLU D 30 49.62 6.68 -17.92
C GLU D 30 48.98 5.85 -16.82
N LEU D 31 47.65 5.90 -16.72
CA LEU D 31 46.93 5.08 -15.77
C LEU D 31 47.27 3.61 -15.98
N VAL D 32 47.23 3.18 -17.23
CA VAL D 32 47.57 1.80 -17.53
C VAL D 32 49.05 1.56 -17.25
N ASN D 33 49.89 2.43 -17.79
CA ASN D 33 51.33 2.27 -17.72
C ASN D 33 51.84 2.27 -16.29
N ARG D 34 51.22 3.06 -15.43
CA ARG D 34 51.66 3.21 -14.06
C ARG D 34 51.01 2.22 -13.11
N GLY D 35 50.24 1.26 -13.63
CA GLY D 35 49.62 0.30 -12.73
C GLY D 35 48.62 1.00 -11.83
N GLY D 36 48.08 2.13 -12.28
CA GLY D 36 47.11 2.83 -11.49
C GLY D 36 45.75 2.20 -11.53
N SER D 37 45.10 2.24 -10.38
CA SER D 37 43.77 1.69 -10.27
C SER D 37 42.74 2.56 -10.99
N ASP D 38 42.74 3.87 -10.74
CA ASP D 38 41.60 4.71 -11.14
C ASP D 38 42.10 6.11 -11.47
N LEU D 39 41.51 6.74 -12.48
CA LEU D 39 41.77 8.14 -12.79
C LEU D 39 40.61 9.04 -12.41
N HIS D 40 40.94 10.14 -11.72
CA HIS D 40 40.00 11.14 -11.23
C HIS D 40 40.28 12.42 -12.00
N LEU D 41 39.21 13.01 -12.57
CA LEU D 41 39.27 14.25 -13.31
C LEU D 41 38.26 15.27 -12.80
N THR D 42 38.75 16.41 -12.30
CA THR D 42 37.83 17.44 -11.85
C THR D 42 38.51 18.80 -11.95
N THR D 43 37.68 19.84 -11.97
CA THR D 43 38.15 21.19 -12.18
C THR D 43 38.95 21.70 -10.99
N ASN D 44 39.90 22.60 -11.28
CA ASN D 44 40.73 23.28 -10.30
C ASN D 44 41.72 22.35 -9.63
N SER D 45 41.87 21.13 -10.13
CA SER D 45 42.88 20.18 -9.70
C SER D 45 43.51 19.62 -10.96
N PRO D 46 44.78 19.28 -10.94
CA PRO D 46 45.31 18.51 -12.04
C PRO D 46 44.64 17.14 -12.04
N PRO D 47 44.70 16.41 -13.13
CA PRO D 47 44.25 15.02 -13.10
C PRO D 47 45.01 14.29 -12.00
N GLN D 48 44.29 13.46 -11.27
CA GLN D 48 44.88 12.71 -10.17
C GLN D 48 44.57 11.26 -10.42
N ILE D 49 45.54 10.40 -10.11
CA ILE D 49 45.36 8.98 -10.32
C ILE D 49 45.55 8.23 -9.02
N ARG D 50 44.65 7.29 -8.78
CA ARG D 50 44.71 6.42 -7.63
C ARG D 50 45.53 5.23 -8.05
N ILE D 51 46.66 5.03 -7.37
CA ILE D 51 47.57 3.94 -7.61
C ILE D 51 47.64 3.18 -6.30
N ASP D 52 47.27 1.91 -6.34
CA ASP D 52 47.27 1.05 -5.15
C ASP D 52 46.45 1.70 -4.03
N GLY D 53 45.38 2.40 -4.42
CA GLY D 53 44.47 2.97 -3.48
C GLY D 53 44.73 4.43 -3.15
N LYS D 54 45.89 4.98 -3.50
CA LYS D 54 46.25 6.34 -3.10
C LYS D 54 46.39 7.28 -4.28
N LEU D 55 45.88 8.49 -4.08
CA LEU D 55 45.89 9.52 -5.11
C LEU D 55 47.24 10.18 -5.27
N LEU D 56 47.57 10.46 -6.52
CA LEU D 56 48.77 11.17 -6.89
C LEU D 56 48.33 12.25 -7.86
N PRO D 57 48.56 13.53 -7.60
CA PRO D 57 48.19 14.53 -8.60
C PRO D 57 49.24 14.49 -9.69
N LEU D 58 48.78 14.60 -10.92
CA LEU D 58 49.71 14.68 -12.02
C LEU D 58 50.29 16.07 -12.18
N ASP D 59 51.51 16.11 -12.73
CA ASP D 59 52.25 17.35 -12.94
C ASP D 59 51.65 17.99 -14.20
N MET D 60 50.46 18.52 -14.03
CA MET D 60 49.67 19.08 -15.11
C MET D 60 48.94 20.31 -14.61
N PRO D 61 48.48 21.17 -15.52
CA PRO D 61 47.70 22.33 -15.08
C PRO D 61 46.40 21.90 -14.46
N PRO D 62 45.81 22.70 -13.58
CA PRO D 62 44.50 22.33 -13.04
C PRO D 62 43.49 22.33 -14.17
N LEU D 63 42.51 21.46 -14.06
CA LEU D 63 41.51 21.38 -15.10
C LEU D 63 40.46 22.46 -14.91
N ASN D 64 39.88 22.92 -16.01
CA ASN D 64 38.69 23.74 -15.95
C ASN D 64 37.52 22.94 -16.50
N ALA D 65 36.35 23.56 -16.51
CA ALA D 65 35.16 22.87 -16.98
C ALA D 65 35.24 22.56 -18.46
N VAL D 66 35.87 23.47 -19.22
CA VAL D 66 36.08 23.27 -20.65
C VAL D 66 36.96 22.06 -20.92
N ASP D 67 38.01 21.89 -20.12
CA ASP D 67 38.91 20.77 -20.35
C ASP D 67 38.19 19.46 -20.11
N THR D 68 37.52 19.36 -18.96
CA THR D 68 36.86 18.13 -18.60
C THR D 68 35.74 17.82 -19.58
N LYS D 69 35.00 18.84 -19.99
CA LYS D 69 33.92 18.61 -20.94
C LYS D 69 34.42 18.17 -22.31
N GLN D 70 35.42 18.84 -22.86
CA GLN D 70 35.88 18.46 -24.19
C GLN D 70 36.51 17.07 -24.18
N LEU D 71 37.33 16.78 -23.18
CA LEU D 71 37.98 15.48 -23.14
C LEU D 71 36.97 14.37 -22.96
N CYS D 72 36.04 14.53 -22.02
CA CYS D 72 35.06 13.49 -21.79
C CYS D 72 34.14 13.34 -22.98
N TYR D 73 33.77 14.45 -23.61
CA TYR D 73 32.89 14.40 -24.77
C TYR D 73 33.57 13.76 -25.97
N SER D 74 34.89 13.73 -25.99
CA SER D 74 35.58 13.17 -27.14
C SER D 74 35.33 11.68 -27.31
N ILE D 75 34.83 10.99 -26.27
CA ILE D 75 34.58 9.55 -26.31
C ILE D 75 33.08 9.26 -26.21
N LEU D 76 32.23 10.25 -26.45
CA LEU D 76 30.79 10.09 -26.36
C LEU D 76 30.09 10.13 -27.71
N THR D 77 29.02 9.37 -27.77
CA THR D 77 28.05 9.48 -28.84
C THR D 77 27.17 10.68 -28.62
N GLU D 78 26.44 11.07 -29.65
CA GLU D 78 25.53 12.20 -29.52
C GLU D 78 24.47 11.89 -28.49
N GLN D 79 24.05 10.63 -28.43
CA GLN D 79 23.11 10.22 -27.42
C GLN D 79 23.74 10.24 -26.03
N GLN D 80 25.01 9.83 -25.90
CA GLN D 80 25.61 9.84 -24.58
C GLN D 80 25.83 11.27 -24.10
N LYS D 81 26.17 12.16 -25.02
CA LYS D 81 26.34 13.56 -24.67
C LYS D 81 25.00 14.13 -24.22
N HIS D 82 23.96 13.85 -25.01
CA HIS D 82 22.60 14.23 -24.65
C HIS D 82 22.23 13.63 -23.30
N LYS D 83 22.72 12.43 -23.01
CA LYS D 83 22.27 11.73 -21.82
C LYS D 83 22.88 12.34 -20.57
N PHE D 84 24.18 12.60 -20.63
CA PHE D 84 24.84 13.25 -19.50
C PHE D 84 24.30 14.65 -19.31
N GLU D 85 24.08 15.38 -20.40
CA GLU D 85 23.56 16.73 -20.30
C GLU D 85 22.12 16.73 -19.85
N GLU D 86 21.42 15.62 -20.05
CA GLU D 86 20.06 15.48 -19.60
C GLU D 86 20.00 15.17 -18.13
N ASN D 87 21.01 14.47 -17.61
CA ASN D 87 20.98 13.97 -16.25
C ASN D 87 22.10 14.46 -15.38
N ASN D 88 23.14 15.06 -15.96
CA ASN D 88 24.37 15.43 -15.26
C ASN D 88 25.03 14.20 -14.63
N GLU D 89 24.65 13.01 -15.10
CA GLU D 89 25.21 11.73 -14.70
C GLU D 89 25.26 10.80 -15.88
N LEU D 90 26.26 9.94 -15.89
CA LEU D 90 26.35 8.92 -16.92
C LEU D 90 27.30 7.86 -16.40
N ASP D 91 26.83 6.62 -16.40
CA ASP D 91 27.67 5.45 -16.22
C ASP D 91 27.83 4.90 -17.60
N LEU D 92 29.03 4.43 -17.92
CA LEU D 92 29.26 3.93 -19.27
C LEU D 92 30.50 3.06 -19.25
N SER D 93 30.68 2.29 -20.31
CA SER D 93 31.90 1.55 -20.53
C SER D 93 32.33 1.73 -21.98
N PHE D 94 33.62 1.58 -22.21
CA PHE D 94 34.17 1.77 -23.54
C PHE D 94 35.48 1.04 -23.64
N GLY D 95 35.91 0.83 -24.88
CA GLY D 95 37.15 0.15 -25.17
C GLY D 95 38.06 1.06 -25.95
N ILE D 96 39.36 0.89 -25.73
CA ILE D 96 40.39 1.52 -26.51
C ILE D 96 41.12 0.40 -27.19
N LYS D 97 41.01 0.36 -28.52
CA LYS D 97 41.54 -0.73 -29.30
C LYS D 97 43.03 -0.88 -29.08
N GLY D 98 43.45 -2.11 -28.82
CA GLY D 98 44.85 -2.39 -28.59
C GLY D 98 45.35 -1.97 -27.23
N LEU D 99 44.49 -1.40 -26.38
CA LEU D 99 44.91 -0.96 -25.05
C LEU D 99 44.12 -1.64 -23.95
N SER D 100 42.87 -1.25 -23.74
CA SER D 100 42.14 -1.76 -22.59
C SER D 100 40.71 -1.27 -22.71
N ARG D 101 39.84 -1.88 -21.92
CA ARG D 101 38.54 -1.29 -21.68
C ARG D 101 38.57 -0.49 -20.40
N PHE D 102 37.58 0.37 -20.25
CA PHE D 102 37.47 1.24 -19.11
C PHE D 102 36.00 1.38 -18.80
N ARG D 103 35.74 1.48 -17.50
CA ARG D 103 34.43 1.88 -16.99
C ARG D 103 34.51 3.32 -16.55
N GLY D 104 33.58 4.13 -17.05
CA GLY D 104 33.57 5.55 -16.79
C GLY D 104 32.33 5.93 -16.03
N ASN D 105 32.48 6.94 -15.17
CA ASN D 105 31.35 7.66 -14.60
C ASN D 105 31.64 9.12 -14.82
N VAL D 106 30.67 9.82 -15.39
CA VAL D 106 30.77 11.25 -15.62
C VAL D 106 29.65 11.87 -14.81
N PHE D 107 29.96 12.97 -14.15
CA PHE D 107 28.97 13.64 -13.35
C PHE D 107 29.29 15.13 -13.36
N VAL D 108 28.54 15.87 -12.57
CA VAL D 108 28.67 17.32 -12.47
C VAL D 108 28.83 17.66 -11.00
N GLN D 109 29.75 18.56 -10.71
CA GLN D 109 29.96 19.07 -9.37
C GLN D 109 30.36 20.52 -9.48
N ARG D 110 29.76 21.34 -8.63
CA ARG D 110 30.01 22.78 -8.60
C ARG D 110 29.76 23.40 -9.97
N GLY D 111 28.85 22.80 -10.74
CA GLY D 111 28.53 23.33 -12.04
C GLY D 111 29.50 22.95 -13.14
N ALA D 112 30.38 21.97 -12.92
CA ALA D 112 31.39 21.61 -13.89
C ALA D 112 31.44 20.10 -14.05
N VAL D 113 31.93 19.67 -15.22
CA VAL D 113 32.05 18.25 -15.49
C VAL D 113 33.16 17.64 -14.66
N ALA D 114 32.93 16.42 -14.19
CA ALA D 114 33.92 15.61 -13.50
C ALA D 114 33.78 14.18 -14.00
N GLY D 115 34.85 13.41 -13.86
CA GLY D 115 34.86 12.05 -14.37
C GLY D 115 35.76 11.16 -13.54
N VAL D 116 35.37 9.91 -13.44
CA VAL D 116 36.17 8.87 -12.80
C VAL D 116 36.21 7.66 -13.72
N PHE D 117 37.39 7.04 -13.82
CA PHE D 117 37.61 5.97 -14.78
C PHE D 117 38.39 4.80 -14.20
N ARG D 118 37.81 3.61 -14.34
CA ARG D 118 38.32 2.35 -13.83
C ARG D 118 38.88 1.59 -15.02
N VAL D 119 40.01 0.93 -14.80
CA VAL D 119 40.64 0.13 -15.84
C VAL D 119 39.95 -1.21 -15.94
N ILE D 120 39.90 -1.76 -17.15
CA ILE D 120 39.43 -3.11 -17.40
C ILE D 120 40.44 -3.73 -18.36
N PRO D 121 41.39 -4.54 -17.88
CA PRO D 121 42.41 -5.07 -18.78
C PRO D 121 41.78 -6.00 -19.81
N TYR D 122 42.41 -6.07 -20.98
CA TYR D 122 41.92 -7.04 -21.94
C TYR D 122 42.23 -8.45 -21.46
N LYS D 123 43.33 -8.63 -20.74
CA LYS D 123 43.72 -9.94 -20.25
C LYS D 123 43.31 -10.11 -18.79
N ILE D 124 42.57 -11.16 -18.53
CA ILE D 124 42.11 -11.51 -17.20
C ILE D 124 43.17 -12.39 -16.54
N LEU D 125 43.59 -12.05 -15.34
CA LEU D 125 44.59 -12.90 -14.71
C LEU D 125 43.99 -14.18 -14.15
N SER D 126 44.87 -15.15 -14.00
CA SER D 126 44.55 -16.48 -13.52
C SER D 126 44.50 -16.47 -11.99
N PHE D 127 44.06 -17.59 -11.41
CA PHE D 127 43.97 -17.68 -9.97
C PHE D 127 45.34 -17.51 -9.31
N GLU D 128 46.36 -18.18 -9.83
CA GLU D 128 47.68 -18.11 -9.23
C GLU D 128 48.27 -16.72 -9.40
N GLU D 129 48.03 -16.07 -10.53
CA GLU D 129 48.52 -14.71 -10.69
C GLU D 129 47.84 -13.78 -9.70
N LEU D 130 46.59 -14.07 -9.39
CA LEU D 130 45.82 -13.29 -8.45
C LEU D 130 46.03 -13.74 -7.02
N GLY D 131 46.75 -14.84 -6.81
CA GLY D 131 46.95 -15.35 -5.47
C GLY D 131 45.72 -16.08 -4.97
N LEU D 132 44.89 -16.54 -5.87
CA LEU D 132 43.66 -17.23 -5.54
C LEU D 132 43.92 -18.73 -5.43
N PRO D 133 43.43 -19.41 -4.39
CA PRO D 133 43.75 -20.83 -4.25
C PRO D 133 43.09 -21.69 -5.30
N PRO D 134 43.59 -22.91 -5.51
CA PRO D 134 43.04 -23.81 -6.53
C PRO D 134 41.58 -24.20 -6.36
N VAL D 135 41.03 -24.11 -5.15
CA VAL D 135 39.65 -24.55 -4.94
C VAL D 135 38.66 -23.71 -5.73
N VAL D 136 38.96 -22.45 -6.00
CA VAL D 136 38.04 -21.67 -6.81
C VAL D 136 38.01 -22.23 -8.22
N ARG D 137 39.15 -22.70 -8.71
CA ARG D 137 39.17 -23.31 -10.03
C ARG D 137 38.33 -24.57 -10.04
N GLU D 138 38.32 -25.34 -8.94
CA GLU D 138 37.48 -26.53 -8.95
C GLU D 138 36.03 -26.13 -8.87
N LEU D 139 35.76 -24.99 -8.23
CA LEU D 139 34.42 -24.44 -8.20
C LEU D 139 33.98 -24.02 -9.60
N ALA D 140 34.95 -23.63 -10.43
CA ALA D 140 34.68 -23.26 -11.80
C ALA D 140 34.20 -24.43 -12.64
N GLU D 141 34.28 -25.67 -12.14
CA GLU D 141 33.80 -26.83 -12.85
C GLU D 141 32.39 -27.23 -12.39
N LYS D 142 31.85 -26.51 -11.41
CA LYS D 142 30.52 -26.81 -10.89
C LYS D 142 29.50 -26.54 -11.99
N PRO D 143 28.53 -27.42 -12.22
CA PRO D 143 27.57 -27.14 -13.30
C PRO D 143 26.56 -26.09 -12.92
N ARG D 144 26.24 -25.96 -11.64
CA ARG D 144 25.23 -24.99 -11.23
C ARG D 144 25.36 -24.60 -9.77
N GLY D 145 24.70 -23.51 -9.46
CA GLY D 145 24.52 -22.95 -8.14
C GLY D 145 25.04 -21.53 -8.10
N LEU D 146 24.98 -20.95 -6.91
CA LEU D 146 25.45 -19.58 -6.73
C LEU D 146 26.67 -19.55 -5.84
N VAL D 147 27.75 -18.97 -6.37
CA VAL D 147 28.98 -18.75 -5.64
C VAL D 147 29.21 -17.25 -5.67
N LEU D 148 29.37 -16.65 -4.49
CA LEU D 148 29.46 -15.20 -4.35
C LEU D 148 30.83 -14.72 -3.92
N VAL D 149 31.32 -13.72 -4.64
CA VAL D 149 32.56 -13.01 -4.37
C VAL D 149 32.18 -11.58 -4.03
N THR D 150 32.43 -11.19 -2.78
CA THR D 150 31.93 -9.93 -2.25
C THR D 150 33.10 -9.10 -1.77
N GLY D 151 32.80 -7.85 -1.48
CA GLY D 151 33.79 -6.92 -1.01
C GLY D 151 33.42 -5.54 -1.52
N PRO D 152 34.16 -4.53 -1.09
CA PRO D 152 33.85 -3.17 -1.54
C PRO D 152 34.11 -3.01 -3.02
N THR D 153 33.70 -1.85 -3.52
CA THR D 153 33.85 -1.51 -4.92
C THR D 153 35.32 -1.52 -5.32
N GLY D 154 35.59 -2.17 -6.45
CA GLY D 154 36.93 -2.20 -6.97
C GLY D 154 37.87 -3.06 -6.16
N SER D 155 37.36 -4.11 -5.55
CA SER D 155 38.16 -5.00 -4.73
C SER D 155 38.58 -6.23 -5.52
N GLY D 156 38.42 -6.17 -6.84
CA GLY D 156 38.80 -7.20 -7.76
C GLY D 156 37.68 -8.15 -8.07
N LYS D 157 36.45 -7.80 -7.68
CA LYS D 157 35.35 -8.74 -7.78
C LYS D 157 35.04 -9.02 -9.24
N SER D 158 34.91 -7.97 -10.04
CA SER D 158 34.61 -8.18 -11.44
C SER D 158 35.77 -8.91 -12.11
N THR D 159 36.99 -8.60 -11.68
CA THR D 159 38.17 -9.25 -12.24
C THR D 159 38.23 -10.72 -11.86
N THR D 160 37.94 -11.02 -10.59
CA THR D 160 37.88 -12.39 -10.12
C THR D 160 36.79 -13.17 -10.84
N LEU D 161 35.64 -12.55 -10.96
CA LEU D 161 34.51 -13.16 -11.61
C LEU D 161 34.83 -13.44 -13.05
N ALA D 162 35.53 -12.50 -13.68
CA ALA D 162 35.94 -12.64 -15.06
C ALA D 162 36.93 -13.78 -15.21
N ALA D 163 37.81 -13.96 -14.24
CA ALA D 163 38.75 -15.07 -14.36
C ALA D 163 38.04 -16.41 -14.31
N ILE D 164 37.09 -16.53 -13.40
CA ILE D 164 36.33 -17.79 -13.32
C ILE D 164 35.54 -17.99 -14.60
N ILE D 165 35.01 -16.89 -15.12
CA ILE D 165 34.19 -16.91 -16.32
C ILE D 165 35.02 -17.36 -17.50
N ASP D 166 36.18 -16.75 -17.65
CA ASP D 166 37.08 -17.07 -18.74
C ASP D 166 37.53 -18.50 -18.67
N LYS D 167 37.71 -19.02 -17.45
CA LYS D 167 38.08 -20.42 -17.32
C LYS D 167 36.97 -21.33 -17.82
N ILE D 168 35.74 -21.02 -17.44
CA ILE D 168 34.62 -21.80 -17.96
C ILE D 168 34.50 -21.67 -19.47
N ASN D 169 34.62 -20.43 -19.98
CA ASN D 169 34.55 -20.20 -21.42
C ASN D 169 35.61 -21.02 -22.13
N THR D 170 36.76 -21.17 -21.51
CA THR D 170 37.84 -21.90 -22.13
C THR D 170 37.56 -23.39 -22.06
N ASP D 171 36.94 -23.84 -20.97
CA ASP D 171 36.89 -25.25 -20.65
C ASP D 171 35.58 -25.93 -20.99
N ARG D 172 34.48 -25.18 -21.08
CA ARG D 172 33.16 -25.78 -21.25
C ARG D 172 32.56 -25.43 -22.60
N HIS D 173 31.64 -26.27 -23.02
CA HIS D 173 30.82 -26.04 -24.19
C HIS D 173 29.40 -25.71 -23.74
N GLU D 174 29.28 -24.54 -23.11
CA GLU D 174 28.04 -24.12 -22.47
C GLU D 174 27.73 -22.69 -22.86
N HIS D 175 26.58 -22.20 -22.39
CA HIS D 175 26.08 -20.88 -22.74
C HIS D 175 26.26 -19.97 -21.54
N ILE D 176 27.08 -18.94 -21.71
CA ILE D 176 27.33 -17.96 -20.68
C ILE D 176 26.60 -16.68 -21.07
N VAL D 177 25.79 -16.16 -20.16
CA VAL D 177 25.10 -14.89 -20.35
C VAL D 177 25.46 -13.93 -19.22
N THR D 178 25.83 -12.71 -19.57
CA THR D 178 26.04 -11.68 -18.56
C THR D 178 25.07 -10.54 -18.78
N VAL D 179 24.58 -9.99 -17.68
CA VAL D 179 23.77 -8.78 -17.67
C VAL D 179 24.47 -7.76 -16.79
N GLU D 180 24.82 -6.63 -17.36
CA GLU D 180 25.72 -5.67 -16.73
C GLU D 180 25.25 -4.26 -17.01
N ASP D 181 25.50 -3.33 -16.09
CA ASP D 181 25.08 -1.94 -16.28
C ASP D 181 26.25 -1.10 -15.80
N PRO D 182 27.28 -0.90 -16.65
CA PRO D 182 27.45 -1.40 -18.02
C PRO D 182 28.28 -2.67 -18.10
N ILE D 183 28.46 -3.18 -19.33
CA ILE D 183 29.36 -4.30 -19.54
C ILE D 183 30.78 -3.86 -19.24
N GLU D 184 31.47 -4.61 -18.38
CA GLU D 184 32.84 -4.30 -18.04
C GLU D 184 33.83 -5.22 -18.75
N TYR D 185 34.13 -6.38 -18.18
CA TYR D 185 35.04 -7.33 -18.80
C TYR D 185 34.37 -7.95 -20.01
N LEU D 186 35.08 -8.01 -21.14
CA LEU D 186 34.59 -8.74 -22.31
C LEU D 186 35.17 -10.14 -22.36
N HIS D 187 34.31 -11.11 -22.63
CA HIS D 187 34.68 -12.51 -22.72
C HIS D 187 34.36 -13.02 -24.12
N PRO D 188 35.22 -12.77 -25.11
CA PRO D 188 34.98 -13.38 -26.43
C PRO D 188 34.95 -14.89 -26.33
N HIS D 189 34.42 -15.50 -27.38
CA HIS D 189 34.11 -16.91 -27.35
C HIS D 189 35.37 -17.74 -27.26
N LYS D 190 35.37 -18.72 -26.35
CA LYS D 190 36.43 -19.71 -26.33
C LYS D 190 35.81 -21.06 -26.68
N SER D 191 35.44 -21.86 -25.67
CA SER D 191 34.66 -23.07 -25.89
C SER D 191 33.17 -22.87 -25.67
N CYS D 192 32.78 -21.83 -24.93
CA CYS D 192 31.40 -21.48 -24.69
C CYS D 192 30.92 -20.48 -25.72
N VAL D 193 29.59 -20.34 -25.79
CA VAL D 193 28.98 -19.18 -26.42
C VAL D 193 28.70 -18.18 -25.31
N VAL D 194 29.26 -17.00 -25.44
CA VAL D 194 29.21 -15.96 -24.43
C VAL D 194 28.47 -14.77 -25.01
N ASN D 195 27.34 -14.43 -24.41
CA ASN D 195 26.57 -13.25 -24.76
C ASN D 195 26.55 -12.27 -23.60
N GLN D 196 26.87 -11.01 -23.88
CA GLN D 196 26.97 -9.98 -22.85
C GLN D 196 26.03 -8.85 -23.18
N ARG D 197 25.10 -8.61 -22.27
CA ARG D 197 24.02 -7.65 -22.41
C ARG D 197 24.18 -6.46 -21.47
N GLU D 198 24.17 -5.27 -22.06
CA GLU D 198 24.30 -4.04 -21.29
C GLU D 198 22.88 -3.56 -21.05
N VAL D 199 22.52 -3.35 -19.78
CA VAL D 199 21.19 -2.85 -19.45
C VAL D 199 21.00 -1.44 -20.00
N GLY D 200 19.84 -1.19 -20.59
CA GLY D 200 19.51 0.10 -21.16
C GLY D 200 19.87 0.25 -22.63
N ALA D 201 20.53 -0.73 -23.23
CA ALA D 201 20.87 -0.73 -24.65
C ALA D 201 20.54 -2.09 -25.22
N ASP D 202 21.20 -3.13 -24.70
CA ASP D 202 20.93 -4.49 -25.15
C ASP D 202 19.60 -4.99 -24.60
N THR D 203 19.27 -4.60 -23.37
CA THR D 203 18.04 -5.01 -22.69
C THR D 203 17.49 -3.80 -21.94
N LYS D 204 16.16 -3.80 -21.75
CA LYS D 204 15.51 -2.64 -21.17
C LYS D 204 15.93 -2.45 -19.73
N SER D 205 16.13 -3.55 -19.02
CA SER D 205 16.36 -3.52 -17.59
C SER D 205 16.87 -4.88 -17.16
N PHE D 206 17.39 -4.92 -15.94
CA PHE D 206 17.70 -6.21 -15.35
C PHE D 206 16.44 -7.06 -15.31
N LYS D 207 15.33 -6.42 -14.99
CA LYS D 207 14.04 -7.10 -14.89
C LYS D 207 13.67 -7.68 -16.25
N ASN D 208 13.92 -6.93 -17.32
CA ASN D 208 13.57 -7.39 -18.66
C ASN D 208 14.50 -8.53 -19.06
N ALA D 209 15.76 -8.40 -18.67
CA ALA D 209 16.71 -9.47 -18.93
C ALA D 209 16.23 -10.74 -18.25
N LEU D 210 15.77 -10.63 -17.01
CA LEU D 210 15.25 -11.81 -16.33
C LEU D 210 13.96 -12.28 -16.96
N LYS D 211 13.25 -11.38 -17.64
CA LYS D 211 12.03 -11.79 -18.30
C LYS D 211 12.32 -12.69 -19.47
N TYR D 212 13.49 -12.53 -20.09
CA TYR D 212 13.83 -13.30 -21.28
C TYR D 212 14.95 -14.31 -21.08
N ILE D 213 15.57 -14.34 -19.90
CA ILE D 213 16.77 -15.15 -19.75
C ILE D 213 16.49 -16.65 -19.81
N LEU D 214 15.32 -17.06 -19.34
CA LEU D 214 14.98 -18.47 -19.35
C LEU D 214 14.64 -19.00 -20.73
N ARG D 215 14.30 -18.12 -21.66
CA ARG D 215 14.04 -18.53 -23.02
C ARG D 215 15.27 -18.47 -23.90
N GLN D 216 16.43 -18.19 -23.31
CA GLN D 216 17.67 -18.08 -24.06
C GLN D 216 18.60 -19.26 -23.76
N ASP D 217 18.08 -20.31 -23.14
CA ASP D 217 18.80 -21.56 -22.90
C ASP D 217 20.21 -21.38 -22.28
N PRO D 218 20.32 -20.65 -21.17
CA PRO D 218 21.63 -20.46 -20.58
C PRO D 218 22.02 -21.63 -19.68
N ASP D 219 23.32 -21.71 -19.49
CA ASP D 219 23.95 -22.58 -18.51
C ASP D 219 24.64 -21.83 -17.40
N VAL D 220 25.27 -20.72 -17.74
CA VAL D 220 26.02 -19.90 -16.80
C VAL D 220 25.56 -18.46 -16.91
N VAL D 221 25.32 -17.83 -15.76
CA VAL D 221 24.77 -16.48 -15.73
C VAL D 221 25.51 -15.58 -14.77
N LEU D 222 25.82 -14.38 -15.25
CA LEU D 222 26.34 -13.28 -14.46
C LEU D 222 25.21 -12.25 -14.36
N VAL D 223 24.80 -11.91 -13.15
CA VAL D 223 23.63 -11.06 -12.94
C VAL D 223 23.98 -9.68 -12.42
N GLY D 224 25.25 -9.38 -12.17
CA GLY D 224 25.56 -8.06 -11.66
C GLY D 224 25.27 -7.96 -10.17
N GLU D 225 24.95 -6.75 -9.74
CA GLU D 225 24.74 -6.49 -8.33
C GLU D 225 23.39 -7.05 -7.88
N LEU D 226 23.38 -7.61 -6.67
CA LEU D 226 22.16 -8.04 -5.99
C LEU D 226 21.46 -6.82 -5.43
N ARG D 227 20.77 -6.10 -6.31
CA ARG D 227 20.30 -4.77 -5.96
C ARG D 227 19.03 -4.79 -5.13
N ASP D 228 18.18 -5.80 -5.28
CA ASP D 228 16.91 -5.82 -4.56
C ASP D 228 16.49 -7.25 -4.29
N LEU D 229 15.37 -7.40 -3.59
CA LEU D 229 14.84 -8.71 -3.26
C LEU D 229 14.48 -9.48 -4.53
N GLU D 230 13.98 -8.76 -5.53
CA GLU D 230 13.58 -9.41 -6.78
C GLU D 230 14.76 -10.06 -7.46
N THR D 231 15.89 -9.37 -7.47
CA THR D 231 17.10 -9.94 -8.01
C THR D 231 17.51 -11.18 -7.24
N ILE D 232 17.34 -11.15 -5.92
CA ILE D 232 17.64 -12.30 -5.09
C ILE D 232 16.77 -13.48 -5.49
N GLU D 233 15.47 -13.23 -5.67
CA GLU D 233 14.55 -14.29 -6.06
C GLU D 233 14.91 -14.85 -7.43
N ALA D 234 15.33 -13.96 -8.33
CA ALA D 234 15.76 -14.38 -9.65
C ALA D 234 16.98 -15.28 -9.56
N ALA D 235 17.91 -14.92 -8.70
CA ALA D 235 19.13 -15.71 -8.54
C ALA D 235 18.82 -17.07 -7.94
N LEU D 236 17.92 -17.11 -6.96
CA LEU D 236 17.51 -18.39 -6.38
C LEU D 236 16.84 -19.26 -7.42
N THR D 237 16.02 -18.64 -8.27
CA THR D 237 15.36 -19.39 -9.32
C THR D 237 16.35 -19.94 -10.32
N LEU D 238 17.29 -19.10 -10.75
CA LEU D 238 18.33 -19.54 -11.67
C LEU D 238 19.16 -20.69 -11.10
N ALA D 239 19.60 -20.57 -9.85
CA ALA D 239 20.45 -21.60 -9.29
C ALA D 239 19.69 -22.90 -9.10
N GLU D 240 18.38 -22.82 -8.88
CA GLU D 240 17.59 -24.02 -8.67
C GLU D 240 17.09 -24.63 -9.98
N THR D 241 17.05 -23.84 -11.07
CA THR D 241 16.53 -24.30 -12.35
C THR D 241 17.60 -24.85 -13.27
N GLY D 242 18.74 -25.27 -12.74
CA GLY D 242 19.74 -25.93 -13.55
C GLY D 242 20.80 -25.02 -14.12
N HIS D 243 20.91 -23.79 -13.61
CA HIS D 243 21.87 -22.83 -14.11
C HIS D 243 22.95 -22.54 -13.09
N LEU D 244 24.09 -22.10 -13.61
CA LEU D 244 25.17 -21.57 -12.81
C LEU D 244 25.05 -20.05 -12.75
N CYS D 245 24.81 -19.53 -11.56
CA CYS D 245 24.53 -18.11 -11.37
C CYS D 245 25.65 -17.44 -10.61
N PHE D 246 26.14 -16.34 -11.16
CA PHE D 246 27.14 -15.49 -10.53
C PHE D 246 26.54 -14.16 -10.11
N ALA D 247 26.90 -13.72 -8.90
CA ALA D 247 26.42 -12.43 -8.41
C ALA D 247 27.44 -11.88 -7.43
N THR D 248 27.32 -10.58 -7.17
CA THR D 248 28.20 -9.87 -6.25
C THR D 248 27.41 -9.23 -5.12
N LEU D 249 28.11 -9.01 -4.01
CA LEU D 249 27.62 -8.18 -2.92
C LEU D 249 28.77 -7.36 -2.39
N HIS D 250 28.42 -6.29 -1.68
CA HIS D 250 29.41 -5.46 -1.03
C HIS D 250 29.55 -5.81 0.45
N THR D 251 29.16 -7.02 0.84
CA THR D 251 29.35 -7.45 2.21
C THR D 251 30.77 -7.93 2.44
N ASN D 252 31.14 -8.00 3.72
CA ASN D 252 32.52 -8.25 4.12
C ASN D 252 32.72 -9.60 4.77
N SER D 253 31.66 -10.37 4.99
CA SER D 253 31.84 -11.69 5.59
C SER D 253 30.67 -12.58 5.20
N ALA D 254 30.88 -13.89 5.41
CA ALA D 254 29.84 -14.86 5.10
C ALA D 254 28.62 -14.66 6.00
N VAL D 255 28.86 -14.51 7.30
CA VAL D 255 27.75 -14.35 8.24
C VAL D 255 27.03 -13.03 7.99
N GLN D 256 27.79 -11.95 7.81
CA GLN D 256 27.17 -10.68 7.50
C GLN D 256 26.39 -10.74 6.20
N THR D 257 26.92 -11.52 5.25
CA THR D 257 26.24 -11.69 3.98
C THR D 257 24.92 -12.43 4.15
N ILE D 258 24.96 -13.54 4.88
CA ILE D 258 23.77 -14.35 5.07
C ILE D 258 22.71 -13.60 5.84
N ASN D 259 23.10 -12.90 6.91
CA ASN D 259 22.12 -12.14 7.66
C ASN D 259 21.51 -11.07 6.77
N ARG D 260 22.35 -10.41 5.97
CA ARG D 260 21.85 -9.37 5.09
C ARG D 260 20.84 -9.95 4.11
N ILE D 261 21.16 -11.13 3.58
CA ILE D 261 20.32 -11.79 2.59
C ILE D 261 18.99 -12.21 3.19
N VAL D 262 19.00 -12.76 4.39
CA VAL D 262 17.76 -13.25 4.96
C VAL D 262 16.88 -12.05 5.29
N ASP D 263 17.47 -11.02 5.86
CA ASP D 263 16.68 -9.94 6.41
C ASP D 263 16.05 -9.07 5.32
N VAL D 264 16.45 -9.21 4.07
CA VAL D 264 15.80 -8.41 3.03
C VAL D 264 14.40 -8.95 2.81
N PHE D 265 14.15 -10.21 3.21
CA PHE D 265 12.85 -10.78 2.96
C PHE D 265 11.86 -10.53 4.09
N PRO D 266 10.56 -10.50 3.77
CA PRO D 266 9.58 -10.45 4.83
C PRO D 266 9.75 -11.67 5.72
N SER D 267 9.34 -11.54 6.97
CA SER D 267 9.64 -12.55 7.97
C SER D 267 9.05 -13.90 7.58
N TYR D 268 7.91 -13.90 6.89
CA TYR D 268 7.24 -15.14 6.53
C TYR D 268 7.96 -15.92 5.45
N GLN D 269 8.79 -15.28 4.64
CA GLN D 269 9.51 -15.96 3.58
C GLN D 269 10.93 -16.32 3.92
N GLN D 270 11.46 -15.84 5.03
CA GLN D 270 12.80 -16.24 5.41
C GLN D 270 12.95 -17.74 5.64
N PRO D 271 11.97 -18.46 6.19
CA PRO D 271 12.11 -19.93 6.25
C PRO D 271 12.36 -20.59 4.90
N GLN D 272 11.59 -20.16 3.89
CA GLN D 272 11.76 -20.68 2.55
C GLN D 272 13.11 -20.29 2.00
N VAL D 273 13.49 -19.04 2.24
CA VAL D 273 14.77 -18.57 1.74
C VAL D 273 15.88 -19.40 2.34
N ARG D 274 15.79 -19.71 3.63
CA ARG D 274 16.79 -20.56 4.25
C ARG D 274 16.83 -21.94 3.63
N ALA D 275 15.67 -22.52 3.33
CA ALA D 275 15.69 -23.83 2.68
C ALA D 275 16.26 -23.76 1.27
N GLN D 276 15.85 -22.74 0.53
CA GLN D 276 16.34 -22.51 -0.82
C GLN D 276 17.84 -22.29 -0.82
N LEU D 277 18.30 -21.39 0.02
CA LEU D 277 19.71 -21.07 0.13
C LEU D 277 20.51 -22.32 0.48
N SER D 278 19.99 -23.12 1.41
CA SER D 278 20.68 -24.33 1.79
C SER D 278 20.79 -25.28 0.61
N PHE D 279 19.84 -25.20 -0.32
CA PHE D 279 19.86 -26.09 -1.46
C PHE D 279 20.79 -25.57 -2.55
N VAL D 280 20.71 -24.28 -2.85
CA VAL D 280 21.35 -23.74 -4.04
C VAL D 280 22.70 -23.10 -3.77
N LEU D 281 22.99 -22.71 -2.54
CA LEU D 281 24.24 -22.04 -2.23
C LEU D 281 25.43 -22.96 -2.39
N GLU D 282 26.43 -22.52 -3.14
CA GLU D 282 27.63 -23.30 -3.35
C GLU D 282 28.90 -22.62 -2.86
N GLY D 283 28.87 -21.33 -2.56
CA GLY D 283 30.06 -20.66 -2.04
C GLY D 283 29.89 -19.20 -1.69
N VAL D 284 30.53 -18.74 -0.62
CA VAL D 284 30.56 -17.31 -0.29
C VAL D 284 31.99 -16.87 -0.05
N LEU D 285 32.44 -15.90 -0.84
CA LEU D 285 33.77 -15.30 -0.72
C LEU D 285 33.58 -13.84 -0.37
N SER D 286 34.41 -13.34 0.56
CA SER D 286 34.42 -11.93 0.90
C SER D 286 35.86 -11.44 0.83
N GLN D 287 36.15 -10.61 -0.16
CA GLN D 287 37.51 -10.28 -0.55
C GLN D 287 37.74 -8.77 -0.46
N THR D 288 39.02 -8.41 -0.42
CA THR D 288 39.45 -7.03 -0.37
C THR D 288 40.84 -6.94 -0.98
N LEU D 289 41.14 -5.82 -1.65
CA LEU D 289 42.49 -5.51 -2.08
C LEU D 289 43.08 -4.53 -1.07
N LEU D 290 44.22 -4.89 -0.51
CA LEU D 290 44.97 -4.19 0.52
C LEU D 290 46.32 -3.72 0.00
N PRO D 291 46.84 -2.58 0.48
CA PRO D 291 48.19 -2.21 0.07
C PRO D 291 49.17 -3.25 0.61
N LYS D 292 50.12 -3.64 -0.22
CA LYS D 292 51.11 -4.61 0.20
C LYS D 292 52.05 -4.08 1.27
N ALA D 293 52.55 -5.02 2.07
CA ALA D 293 53.47 -4.68 3.14
C ALA D 293 54.76 -4.11 2.57
N SER D 294 55.13 -4.49 1.35
CA SER D 294 56.35 -3.97 0.74
C SER D 294 56.23 -2.49 0.39
N GLY D 295 55.01 -1.97 0.30
CA GLY D 295 54.77 -0.60 -0.10
C GLY D 295 54.57 -0.40 -1.58
N THR D 296 54.58 -1.47 -2.37
CA THR D 296 54.38 -1.41 -3.81
C THR D 296 53.43 -2.53 -4.19
N GLY D 297 52.35 -2.18 -4.88
CA GLY D 297 51.38 -3.19 -5.27
C GLY D 297 50.34 -3.42 -4.20
N ARG D 298 49.33 -4.21 -4.55
CA ARG D 298 48.26 -4.57 -3.63
C ARG D 298 48.07 -6.07 -3.61
N VAL D 299 47.62 -6.54 -2.45
CA VAL D 299 47.45 -7.95 -2.14
C VAL D 299 46.02 -8.24 -1.72
N LEU D 300 45.51 -9.39 -2.14
CA LEU D 300 44.14 -9.77 -1.87
C LEU D 300 44.06 -10.44 -0.51
N ALA D 301 43.16 -9.97 0.35
CA ALA D 301 42.79 -10.68 1.56
C ALA D 301 41.36 -11.17 1.39
N ILE D 302 41.14 -12.46 1.62
CA ILE D 302 39.87 -13.07 1.27
C ILE D 302 39.47 -14.07 2.35
N GLU D 303 38.21 -14.01 2.75
CA GLU D 303 37.59 -15.00 3.61
C GLU D 303 36.73 -15.92 2.76
N VAL D 304 36.89 -17.23 2.96
CA VAL D 304 36.28 -18.26 2.13
C VAL D 304 35.36 -19.14 2.97
N MET D 305 34.09 -19.24 2.55
CA MET D 305 33.09 -20.13 3.12
C MET D 305 32.58 -21.08 2.04
N VAL D 306 32.75 -22.37 2.25
CA VAL D 306 32.23 -23.40 1.35
C VAL D 306 31.18 -24.20 2.11
N PRO D 307 29.91 -24.19 1.71
CA PRO D 307 28.88 -24.87 2.52
C PRO D 307 29.08 -26.37 2.52
N ASN D 308 29.08 -26.98 3.69
CA ASN D 308 28.97 -28.41 3.83
C ASN D 308 27.58 -28.74 4.33
N PRO D 309 27.19 -30.03 4.36
CA PRO D 309 25.87 -30.41 4.89
C PRO D 309 25.59 -29.84 6.27
N ALA D 310 26.62 -29.73 7.11
CA ALA D 310 26.43 -29.17 8.43
C ALA D 310 26.06 -27.70 8.29
N ILE D 311 26.76 -27.02 7.38
CA ILE D 311 26.49 -25.61 7.15
C ILE D 311 25.11 -25.46 6.54
N ARG D 312 24.75 -26.35 5.62
CA ARG D 312 23.43 -26.31 5.01
C ARG D 312 22.34 -26.49 6.05
N ASN D 313 22.62 -27.33 7.05
CA ASN D 313 21.66 -27.47 8.15
C ASN D 313 21.58 -26.16 8.91
N LEU D 314 22.73 -25.54 9.17
CA LEU D 314 22.74 -24.25 9.86
C LEU D 314 21.96 -23.20 9.08
N ILE D 315 22.02 -23.29 7.75
CA ILE D 315 21.28 -22.37 6.90
C ILE D 315 19.79 -22.60 7.07
N ARG D 316 19.37 -23.86 7.05
CA ARG D 316 17.96 -24.16 7.19
C ARG D 316 17.43 -23.85 8.57
N GLU D 317 18.23 -24.12 9.58
CA GLU D 317 17.84 -23.93 10.96
C GLU D 317 17.99 -22.51 11.52
N ASP D 318 18.40 -21.51 10.74
CA ASP D 318 18.56 -20.16 11.28
C ASP D 318 19.52 -20.14 12.48
N LYS D 319 20.65 -20.83 12.32
CA LYS D 319 21.71 -20.86 13.33
C LYS D 319 23.00 -20.27 12.80
N ILE D 320 22.84 -19.04 12.31
CA ILE D 320 23.84 -18.36 11.48
C ILE D 320 25.14 -18.16 12.24
N HIS D 321 25.07 -17.81 13.52
CA HIS D 321 26.24 -17.31 14.22
C HIS D 321 27.36 -18.34 14.30
N GLN D 322 27.00 -19.61 14.38
CA GLN D 322 27.94 -20.71 14.48
C GLN D 322 28.61 -21.03 13.15
N ILE D 323 28.23 -20.33 12.08
CA ILE D 323 28.82 -20.58 10.77
C ILE D 323 30.29 -20.20 10.79
N TYR D 324 30.64 -19.17 11.56
CA TYR D 324 32.02 -18.75 11.62
C TYR D 324 32.90 -19.88 12.12
N SER D 325 32.37 -20.66 13.06
CA SER D 325 33.14 -21.79 13.57
C SER D 325 33.38 -22.83 12.50
N GLN D 326 32.43 -23.04 11.60
CA GLN D 326 32.67 -24.01 10.54
C GLN D 326 33.77 -23.53 9.63
N MET D 327 33.84 -22.22 9.40
CA MET D 327 34.90 -21.74 8.53
C MET D 327 36.24 -21.86 9.23
N GLN D 328 36.23 -21.79 10.56
CA GLN D 328 37.46 -21.91 11.29
C GLN D 328 38.03 -23.31 11.16
N VAL D 329 37.18 -24.30 10.89
CA VAL D 329 37.57 -25.69 10.84
C VAL D 329 37.40 -26.32 9.46
N GLY D 330 37.11 -25.52 8.43
CA GLY D 330 36.92 -26.11 7.12
C GLY D 330 38.12 -25.94 6.21
N GLN D 331 39.29 -25.74 6.81
CA GLN D 331 40.48 -25.49 6.01
C GLN D 331 40.92 -26.76 5.30
N GLU D 332 41.08 -27.83 6.07
CA GLU D 332 41.62 -29.07 5.52
C GLU D 332 40.62 -29.79 4.64
N LYS D 333 39.34 -29.78 5.00
CA LYS D 333 38.38 -30.60 4.27
C LYS D 333 37.94 -29.91 2.98
N PHE D 334 37.52 -28.66 3.10
CA PHE D 334 36.90 -27.93 2.01
C PHE D 334 37.69 -26.71 1.54
N GLY D 335 38.85 -26.42 2.13
CA GLY D 335 39.55 -25.24 1.68
C GLY D 335 38.93 -23.96 2.19
N MET D 336 38.12 -24.03 3.24
CA MET D 336 37.51 -22.82 3.80
C MET D 336 38.57 -22.03 4.53
N MET D 337 38.26 -20.76 4.77
CA MET D 337 39.26 -19.89 5.35
C MET D 337 38.59 -18.64 5.87
N THR D 338 38.73 -18.42 7.17
CA THR D 338 38.28 -17.18 7.78
C THR D 338 39.21 -16.06 7.38
N MET D 339 38.74 -14.84 7.57
CA MET D 339 39.59 -13.69 7.26
C MET D 339 40.85 -13.73 8.11
N ASN D 340 40.74 -14.11 9.38
CA ASN D 340 41.91 -14.20 10.23
C ASN D 340 42.89 -15.23 9.71
N GLN D 341 42.38 -16.33 9.17
CA GLN D 341 43.24 -17.35 8.58
C GLN D 341 43.96 -16.82 7.34
N CYS D 342 43.30 -15.96 6.59
CA CYS D 342 43.94 -15.34 5.44
C CYS D 342 45.00 -14.35 5.89
N LEU D 343 44.68 -13.57 6.92
CA LEU D 343 45.65 -12.64 7.48
C LEU D 343 46.85 -13.40 8.01
N TYR D 344 46.60 -14.57 8.60
CA TYR D 344 47.70 -15.42 9.03
C TYR D 344 48.62 -15.80 7.89
N GLY D 345 48.06 -16.23 6.77
CA GLY D 345 48.93 -16.61 5.68
C GLY D 345 49.68 -15.43 5.11
N LEU D 346 49.00 -14.30 4.98
CA LEU D 346 49.64 -13.09 4.49
C LEU D 346 50.70 -12.55 5.46
N LEU D 347 50.48 -12.71 6.75
CA LEU D 347 51.44 -12.22 7.74
C LEU D 347 52.67 -13.09 7.81
N GLN D 348 52.50 -14.42 7.78
CA GLN D 348 53.66 -15.27 7.81
C GLN D 348 54.47 -15.08 6.55
N LYS D 349 53.77 -14.85 5.43
CA LYS D 349 54.41 -14.54 4.17
C LYS D 349 54.80 -13.08 4.05
N ARG D 350 54.56 -12.27 5.06
CA ARG D 350 54.95 -10.85 5.10
C ARG D 350 54.31 -10.08 3.95
N HIS D 351 53.12 -10.51 3.54
CA HIS D 351 52.37 -9.82 2.51
C HIS D 351 51.64 -8.59 3.02
N ILE D 352 51.25 -8.62 4.30
CA ILE D 352 50.54 -7.53 4.94
C ILE D 352 51.24 -7.19 6.25
N THR D 353 50.98 -5.98 6.73
CA THR D 353 51.55 -5.62 8.01
C THR D 353 50.72 -6.17 9.15
N MET D 354 51.33 -6.15 10.33
CA MET D 354 50.67 -6.63 11.54
C MET D 354 49.50 -5.75 11.93
N ASP D 355 49.65 -4.44 11.76
CA ASP D 355 48.61 -3.50 12.14
C ASP D 355 47.35 -3.64 11.32
N VAL D 356 47.43 -3.86 10.02
CA VAL D 356 46.20 -4.00 9.23
C VAL D 356 45.46 -5.27 9.59
N GLY D 357 46.19 -6.38 9.71
CA GLY D 357 45.58 -7.63 10.07
C GLY D 357 44.97 -7.60 11.45
N MET D 358 45.68 -6.97 12.39
CA MET D 358 45.19 -6.89 13.75
C MET D 358 44.02 -5.92 13.82
N GLY D 359 44.12 -4.80 13.09
CA GLY D 359 43.05 -3.83 13.04
C GLY D 359 41.79 -4.35 12.40
N ARG D 360 41.87 -5.49 11.72
CA ARG D 360 40.70 -6.09 11.09
C ARG D 360 40.32 -7.39 11.77
N SER D 361 41.21 -7.97 12.55
CA SER D 361 40.94 -9.22 13.23
C SER D 361 39.79 -9.06 14.22
N PRO D 362 38.75 -9.91 14.18
CA PRO D 362 37.73 -9.84 15.24
C PRO D 362 38.28 -10.26 16.59
N ASP D 363 39.42 -10.96 16.60
CA ASP D 363 40.11 -11.32 17.83
C ASP D 363 41.58 -11.24 17.52
N PRO D 364 42.20 -10.07 17.72
CA PRO D 364 43.62 -9.91 17.35
C PRO D 364 44.51 -10.86 18.12
N ASP D 365 44.09 -11.22 19.34
CA ASP D 365 44.86 -12.14 20.15
C ASP D 365 44.84 -13.51 19.51
N GLU D 366 43.71 -13.87 18.91
CA GLU D 366 43.61 -15.13 18.20
C GLU D 366 44.57 -15.16 17.03
N LEU D 367 44.61 -14.10 16.23
CA LEU D 367 45.54 -14.07 15.11
C LEU D 367 46.98 -14.14 15.59
N LYS D 368 47.28 -13.47 16.70
CA LYS D 368 48.60 -13.59 17.29
C LYS D 368 48.92 -15.03 17.67
N GLN D 369 47.97 -15.70 18.31
CA GLN D 369 48.17 -17.09 18.68
C GLN D 369 48.43 -17.95 17.45
N MET D 370 47.70 -17.71 16.38
CA MET D 370 47.93 -18.45 15.15
C MET D 370 49.29 -18.16 14.54
N LEU D 371 49.77 -16.93 14.71
CA LEU D 371 51.05 -16.52 14.13
C LEU D 371 52.25 -17.02 14.91
N THR D 372 52.22 -16.91 16.23
CA THR D 372 53.36 -17.28 17.04
C THR D 372 53.47 -18.80 17.18
N MET E 21 17.69 -16.46 -45.88
CA MET E 21 16.93 -17.31 -44.93
C MET E 21 17.25 -18.78 -45.13
N ALA E 22 17.82 -19.11 -46.29
CA ALA E 22 18.10 -20.50 -46.61
C ALA E 22 19.11 -21.07 -45.64
N ASN E 23 20.10 -20.26 -45.27
CA ASN E 23 21.06 -20.66 -44.26
C ASN E 23 20.35 -21.06 -42.98
N MET E 24 19.40 -20.25 -42.54
CA MET E 24 18.69 -20.53 -41.30
C MET E 24 17.92 -21.82 -41.42
N HIS E 25 17.36 -22.05 -42.61
CA HIS E 25 16.62 -23.28 -42.82
C HIS E 25 17.54 -24.47 -42.64
N GLN E 26 18.77 -24.33 -43.11
CA GLN E 26 19.71 -25.44 -42.99
C GLN E 26 20.16 -25.62 -41.55
N LEU E 27 20.34 -24.53 -40.80
CA LEU E 27 20.73 -24.72 -39.41
C LEU E 27 19.62 -25.42 -38.63
N LEU E 28 18.38 -25.00 -38.84
CA LEU E 28 17.30 -25.68 -38.15
C LEU E 28 17.12 -27.10 -38.66
N THR E 29 17.40 -27.32 -39.93
CA THR E 29 17.35 -28.66 -40.47
C THR E 29 18.40 -29.53 -39.82
N GLU E 30 19.59 -29.01 -39.62
CA GLU E 30 20.64 -29.76 -38.94
C GLU E 30 20.28 -29.99 -37.48
N LEU E 31 19.70 -28.99 -36.83
CA LEU E 31 19.24 -29.14 -35.46
C LEU E 31 18.27 -30.30 -35.36
N VAL E 32 17.32 -30.36 -36.28
CA VAL E 32 16.36 -31.46 -36.28
C VAL E 32 17.08 -32.76 -36.61
N ASN E 33 17.86 -32.73 -37.70
CA ASN E 33 18.51 -33.92 -38.23
C ASN E 33 19.47 -34.54 -37.24
N ARG E 34 20.14 -33.69 -36.46
CA ARG E 34 21.16 -34.14 -35.53
C ARG E 34 20.62 -34.46 -34.15
N GLY E 35 19.31 -34.42 -33.98
CA GLY E 35 18.76 -34.71 -32.66
C GLY E 35 19.21 -33.67 -31.66
N GLY E 36 19.51 -32.46 -32.13
CA GLY E 36 19.92 -31.41 -31.25
C GLY E 36 18.76 -30.80 -30.50
N SER E 37 19.04 -30.48 -29.25
CA SER E 37 18.03 -29.85 -28.41
C SER E 37 17.76 -28.42 -28.83
N ASP E 38 18.81 -27.60 -28.99
CA ASP E 38 18.63 -26.15 -29.09
C ASP E 38 19.70 -25.55 -29.99
N LEU E 39 19.33 -24.55 -30.77
CA LEU E 39 20.29 -23.79 -31.56
C LEU E 39 20.54 -22.39 -31.00
N HIS E 40 21.82 -22.05 -30.89
CA HIS E 40 22.30 -20.78 -30.35
C HIS E 40 22.95 -20.02 -31.50
N LEU E 41 22.54 -18.77 -31.69
CA LEU E 41 23.07 -17.89 -32.72
C LEU E 41 23.54 -16.55 -32.14
N THR E 42 24.83 -16.26 -32.26
CA THR E 42 25.33 -14.98 -31.78
C THR E 42 26.57 -14.59 -32.57
N THR E 43 26.88 -13.30 -32.52
CA THR E 43 27.96 -12.74 -33.31
C THR E 43 29.31 -13.20 -32.80
N ASN E 44 30.27 -13.27 -33.72
CA ASN E 44 31.67 -13.60 -33.46
C ASN E 44 31.85 -15.05 -33.04
N SER E 45 30.82 -15.87 -33.18
CA SER E 45 30.86 -17.31 -32.97
C SER E 45 30.15 -17.93 -34.15
N PRO E 46 30.57 -19.11 -34.60
CA PRO E 46 29.73 -19.83 -35.53
C PRO E 46 28.44 -20.21 -34.83
N PRO E 47 27.41 -20.57 -35.59
CA PRO E 47 26.23 -21.13 -34.95
C PRO E 47 26.65 -22.34 -34.13
N GLN E 48 26.07 -22.46 -32.95
CA GLN E 48 26.39 -23.56 -32.05
C GLN E 48 25.09 -24.23 -31.70
N ILE E 49 25.13 -25.56 -31.61
CA ILE E 49 23.94 -26.32 -31.30
C ILE E 49 24.16 -27.15 -30.05
N ARG E 50 23.17 -27.12 -29.18
CA ARG E 50 23.16 -27.92 -27.97
C ARG E 50 22.52 -29.24 -28.34
N ILE E 51 23.30 -30.30 -28.20
CA ILE E 51 22.86 -31.66 -28.48
C ILE E 51 23.03 -32.41 -27.17
N ASP E 52 21.93 -32.96 -26.67
CA ASP E 52 21.93 -33.70 -25.41
C ASP E 52 22.54 -32.85 -24.29
N GLY E 53 22.29 -31.54 -24.36
CA GLY E 53 22.70 -30.63 -23.33
C GLY E 53 24.03 -29.94 -23.59
N LYS E 54 24.82 -30.39 -24.56
CA LYS E 54 26.16 -29.85 -24.78
C LYS E 54 26.30 -29.15 -26.12
N LEU E 55 26.99 -28.02 -26.08
CA LEU E 55 27.20 -27.19 -27.26
C LEU E 55 28.26 -27.74 -28.19
N LEU E 56 28.00 -27.61 -29.48
CA LEU E 56 28.92 -27.98 -30.52
C LEU E 56 28.96 -26.80 -31.47
N PRO E 57 30.12 -26.18 -31.72
CA PRO E 57 30.13 -25.10 -32.71
C PRO E 57 30.07 -25.73 -34.08
N LEU E 58 29.30 -25.13 -34.96
CA LEU E 58 29.27 -25.59 -36.32
C LEU E 58 30.46 -25.10 -37.13
N ASP E 59 30.81 -25.89 -38.13
CA ASP E 59 31.96 -25.60 -39.00
C ASP E 59 31.47 -24.54 -39.99
N MET E 60 31.34 -23.33 -39.48
CA MET E 60 30.78 -22.21 -40.22
C MET E 60 31.53 -20.95 -39.84
N PRO E 61 31.46 -19.90 -40.66
CA PRO E 61 32.11 -18.65 -40.29
C PRO E 61 31.45 -18.06 -39.06
N PRO E 62 32.17 -17.23 -38.29
CA PRO E 62 31.51 -16.58 -37.15
C PRO E 62 30.44 -15.66 -37.67
N LEU E 63 29.39 -15.51 -36.89
CA LEU E 63 28.31 -14.65 -37.31
C LEU E 63 28.64 -13.19 -37.00
N ASN E 64 28.11 -12.30 -37.82
CA ASN E 64 28.12 -10.87 -37.49
C ASN E 64 26.69 -10.44 -37.21
N ALA E 65 26.54 -9.17 -36.89
CA ALA E 65 25.21 -8.66 -36.56
C ALA E 65 24.29 -8.68 -37.77
N VAL E 66 24.87 -8.43 -38.95
CA VAL E 66 24.11 -8.49 -40.20
C VAL E 66 23.57 -9.88 -40.46
N ASP E 67 24.38 -10.91 -40.19
CA ASP E 67 23.93 -12.27 -40.46
C ASP E 67 22.76 -12.61 -39.54
N THR E 68 22.95 -12.37 -38.25
CA THR E 68 21.92 -12.73 -37.29
C THR E 68 20.66 -11.94 -37.55
N LYS E 69 20.78 -10.66 -37.86
CA LYS E 69 19.60 -9.85 -38.14
C LYS E 69 18.86 -10.28 -39.39
N GLN E 70 19.56 -10.52 -40.49
CA GLN E 70 18.84 -10.89 -41.71
C GLN E 70 18.18 -12.26 -41.57
N LEU E 71 18.90 -13.23 -40.99
CA LEU E 71 18.34 -14.56 -40.86
C LEU E 71 17.14 -14.55 -39.93
N CYS E 72 17.26 -13.90 -38.78
CA CYS E 72 16.15 -13.89 -37.84
C CYS E 72 14.98 -13.10 -38.41
N TYR E 73 15.26 -12.01 -39.11
CA TYR E 73 14.20 -11.20 -39.70
C TYR E 73 13.48 -11.92 -40.82
N SER E 74 14.13 -12.92 -41.41
CA SER E 74 13.50 -13.62 -42.52
C SER E 74 12.23 -14.37 -42.12
N ILE E 75 12.03 -14.62 -40.82
CA ILE E 75 10.87 -15.35 -40.32
C ILE E 75 9.96 -14.44 -39.49
N LEU E 76 10.12 -13.14 -39.61
CA LEU E 76 9.31 -12.18 -38.85
C LEU E 76 8.32 -11.41 -39.71
N THR E 77 7.20 -11.10 -39.07
CA THR E 77 6.26 -10.14 -39.59
C THR E 77 6.78 -8.73 -39.36
N GLU E 78 6.15 -7.78 -40.03
CA GLU E 78 6.56 -6.39 -39.86
C GLU E 78 6.34 -5.97 -38.42
N GLN E 79 5.27 -6.48 -37.82
CA GLN E 79 5.01 -6.20 -36.42
C GLN E 79 6.04 -6.88 -35.53
N GLN E 80 6.45 -8.10 -35.85
CA GLN E 80 7.43 -8.77 -35.00
C GLN E 80 8.79 -8.08 -35.11
N LYS E 81 9.12 -7.61 -36.31
CA LYS E 81 10.36 -6.88 -36.48
C LYS E 81 10.31 -5.59 -35.68
N HIS E 82 9.21 -4.86 -35.82
CA HIS E 82 8.97 -3.67 -35.03
C HIS E 82 9.04 -3.99 -33.55
N LYS E 83 8.59 -5.18 -33.15
CA LYS E 83 8.47 -5.49 -31.74
C LYS E 83 9.83 -5.75 -31.13
N PHE E 84 10.65 -6.53 -31.82
CA PHE E 84 11.99 -6.79 -31.35
C PHE E 84 12.80 -5.52 -31.36
N GLU E 85 12.65 -4.70 -32.41
CA GLU E 85 13.40 -3.46 -32.49
C GLU E 85 12.90 -2.45 -31.48
N GLU E 86 11.68 -2.62 -31.01
CA GLU E 86 11.10 -1.77 -30.00
C GLU E 86 11.61 -2.16 -28.62
N ASN E 87 11.88 -3.46 -28.43
CA ASN E 87 12.20 -3.97 -27.11
C ASN E 87 13.55 -4.63 -27.01
N ASN E 88 14.20 -4.92 -28.13
CA ASN E 88 15.42 -5.70 -28.18
C ASN E 88 15.21 -7.10 -27.57
N GLU E 89 13.94 -7.51 -27.45
CA GLU E 89 13.53 -8.82 -26.98
C GLU E 89 12.30 -9.28 -27.74
N LEU E 90 12.19 -10.58 -27.93
CA LEU E 90 11.01 -11.14 -28.55
C LEU E 90 11.00 -12.61 -28.21
N ASP E 91 9.90 -13.07 -27.64
CA ASP E 91 9.59 -14.48 -27.51
C ASP E 91 8.59 -14.74 -28.59
N LEU E 92 8.71 -15.89 -29.25
CA LEU E 92 7.79 -16.16 -30.35
C LEU E 92 7.81 -17.65 -30.62
N SER E 93 6.83 -18.11 -31.37
CA SER E 93 6.80 -19.47 -31.89
C SER E 93 6.42 -19.44 -33.35
N PHE E 94 6.85 -20.46 -34.07
CA PHE E 94 6.59 -20.53 -35.49
C PHE E 94 6.68 -21.97 -35.95
N GLY E 95 6.13 -22.22 -37.12
CA GLY E 95 6.12 -23.55 -37.71
C GLY E 95 6.84 -23.51 -39.04
N ILE E 96 7.48 -24.62 -39.37
CA ILE E 96 8.05 -24.85 -40.67
C ILE E 96 7.29 -26.02 -41.24
N LYS E 97 6.54 -25.74 -42.31
CA LYS E 97 5.63 -26.72 -42.89
C LYS E 97 6.39 -27.96 -43.31
N GLY E 98 5.88 -29.11 -42.91
CA GLY E 98 6.50 -30.36 -43.24
C GLY E 98 7.72 -30.69 -42.43
N LEU E 99 8.13 -29.82 -41.49
CA LEU E 99 9.32 -30.06 -40.68
C LEU E 99 8.99 -30.08 -39.20
N SER E 100 8.74 -28.93 -38.59
CA SER E 100 8.59 -28.90 -37.15
C SER E 100 8.16 -27.51 -36.76
N ARG E 101 7.68 -27.38 -35.53
CA ARG E 101 7.58 -26.07 -34.93
C ARG E 101 8.80 -25.78 -34.10
N PHE E 102 8.97 -24.51 -33.79
CA PHE E 102 10.10 -24.04 -33.03
C PHE E 102 9.63 -22.90 -32.16
N ARG E 103 10.21 -22.85 -30.97
CA ARG E 103 10.08 -21.71 -30.08
C ARG E 103 11.36 -20.90 -30.16
N GLY E 104 11.22 -19.61 -30.42
CA GLY E 104 12.34 -18.72 -30.61
C GLY E 104 12.36 -17.66 -29.53
N ASN E 105 13.58 -17.26 -29.16
CA ASN E 105 13.81 -16.05 -28.40
C ASN E 105 14.87 -15.28 -29.14
N VAL E 106 14.59 -14.02 -29.41
CA VAL E 106 15.53 -13.12 -30.06
C VAL E 106 15.80 -12.02 -29.07
N PHE E 107 17.07 -11.65 -28.97
CA PHE E 107 17.44 -10.60 -28.05
C PHE E 107 18.64 -9.88 -28.65
N VAL E 108 19.19 -8.96 -27.86
CA VAL E 108 20.32 -8.14 -28.26
C VAL E 108 21.38 -8.26 -27.18
N GLN E 109 22.62 -8.42 -27.60
CA GLN E 109 23.75 -8.47 -26.71
C GLN E 109 24.93 -7.80 -27.40
N ARG E 110 25.63 -6.95 -26.65
CA ARG E 110 26.78 -6.23 -27.17
C ARG E 110 26.40 -5.40 -28.39
N GLY E 111 25.14 -4.99 -28.48
CA GLY E 111 24.69 -4.21 -29.60
C GLY E 111 24.36 -5.00 -30.83
N ALA E 112 24.23 -6.32 -30.75
CA ALA E 112 23.98 -7.15 -31.92
C ALA E 112 22.87 -8.14 -31.63
N VAL E 113 22.23 -8.60 -32.71
CA VAL E 113 21.14 -9.56 -32.57
C VAL E 113 21.70 -10.92 -32.18
N ALA E 114 20.97 -11.61 -31.32
CA ALA E 114 21.24 -12.99 -30.93
C ALA E 114 19.91 -13.73 -30.87
N GLY E 115 19.99 -15.05 -31.00
CA GLY E 115 18.77 -15.85 -31.03
C GLY E 115 19.02 -17.23 -30.46
N VAL E 116 17.99 -17.77 -29.83
CA VAL E 116 18.00 -19.14 -29.33
C VAL E 116 16.70 -19.80 -29.78
N PHE E 117 16.80 -21.07 -30.20
CA PHE E 117 15.67 -21.78 -30.80
C PHE E 117 15.54 -23.20 -30.30
N ARG E 118 14.34 -23.53 -29.81
CA ARG E 118 13.96 -24.80 -29.23
C ARG E 118 13.12 -25.52 -30.27
N VAL E 119 13.34 -26.83 -30.39
CA VAL E 119 12.57 -27.64 -31.31
C VAL E 119 11.23 -27.98 -30.69
N ILE E 120 10.21 -28.12 -31.55
CA ILE E 120 8.90 -28.60 -31.15
C ILE E 120 8.49 -29.60 -32.23
N PRO E 121 8.64 -30.90 -32.00
CA PRO E 121 8.31 -31.87 -33.06
C PRO E 121 6.84 -31.83 -33.37
N TYR E 122 6.51 -32.16 -34.62
CA TYR E 122 5.10 -32.26 -34.94
C TYR E 122 4.50 -33.49 -34.26
N LYS E 123 5.29 -34.54 -34.07
CA LYS E 123 4.81 -35.76 -33.44
C LYS E 123 5.23 -35.80 -31.98
N ILE E 124 4.24 -35.97 -31.12
CA ILE E 124 4.44 -36.06 -29.68
C ILE E 124 4.69 -37.53 -29.33
N LEU E 125 5.75 -37.81 -28.60
CA LEU E 125 5.97 -39.21 -28.24
C LEU E 125 5.04 -39.68 -27.14
N SER E 126 4.87 -40.99 -27.10
CA SER E 126 4.02 -41.69 -26.16
C SER E 126 4.77 -41.89 -24.85
N PHE E 127 4.06 -42.38 -23.84
CA PHE E 127 4.68 -42.61 -22.55
C PHE E 127 5.81 -43.61 -22.64
N GLU E 128 5.59 -44.73 -23.33
CA GLU E 128 6.61 -45.77 -23.42
C GLU E 128 7.80 -45.28 -24.23
N GLU E 129 7.57 -44.49 -25.27
CA GLU E 129 8.69 -43.95 -26.03
C GLU E 129 9.49 -43.01 -25.17
N LEU E 130 8.82 -42.30 -24.26
CA LEU E 130 9.45 -41.38 -23.35
C LEU E 130 9.97 -42.06 -22.11
N GLY E 131 9.66 -43.34 -21.92
CA GLY E 131 10.07 -44.03 -20.72
C GLY E 131 9.20 -43.68 -19.55
N LEU E 132 8.00 -43.21 -19.80
CA LEU E 132 7.05 -42.79 -18.78
C LEU E 132 6.19 -43.97 -18.36
N PRO E 133 5.99 -44.22 -17.06
CA PRO E 133 5.24 -45.40 -16.67
C PRO E 133 3.75 -45.29 -17.02
N PRO E 134 3.05 -46.42 -17.05
CA PRO E 134 1.62 -46.43 -17.42
C PRO E 134 0.71 -45.63 -16.51
N VAL E 135 1.10 -45.36 -15.27
CA VAL E 135 0.20 -44.64 -14.36
C VAL E 135 -0.11 -43.23 -14.84
N VAL E 136 0.80 -42.60 -15.58
CA VAL E 136 0.48 -41.28 -16.09
C VAL E 136 -0.65 -41.40 -17.11
N ARG E 137 -0.64 -42.47 -17.89
CA ARG E 137 -1.72 -42.66 -18.83
C ARG E 137 -3.04 -42.85 -18.10
N GLU E 138 -3.03 -43.53 -16.94
CA GLU E 138 -4.30 -43.67 -16.23
C GLU E 138 -4.71 -42.34 -15.64
N LEU E 139 -3.72 -41.51 -15.32
CA LEU E 139 -3.99 -40.15 -14.87
C LEU E 139 -4.62 -39.34 -15.99
N ALA E 140 -4.28 -39.67 -17.24
CA ALA E 140 -4.84 -39.01 -18.39
C ALA E 140 -6.32 -39.27 -18.55
N GLU E 141 -6.90 -40.21 -17.79
CA GLU E 141 -8.32 -40.49 -17.84
C GLU E 141 -9.07 -39.78 -16.72
N LYS E 142 -8.36 -39.07 -15.85
CA LYS E 142 -8.96 -38.35 -14.75
C LYS E 142 -9.84 -37.24 -15.31
N PRO E 143 -11.07 -37.06 -14.83
CA PRO E 143 -11.89 -35.98 -15.40
C PRO E 143 -11.46 -34.61 -14.95
N ARG E 144 -10.90 -34.49 -13.75
CA ARG E 144 -10.53 -33.18 -13.25
C ARG E 144 -9.45 -33.26 -12.18
N GLY E 145 -8.86 -32.10 -11.95
CA GLY E 145 -7.90 -31.82 -10.91
C GLY E 145 -6.62 -31.31 -11.53
N LEU E 146 -5.63 -31.08 -10.67
CA LEU E 146 -4.35 -30.56 -11.11
C LEU E 146 -3.26 -31.60 -10.91
N VAL E 147 -2.58 -31.93 -11.99
CA VAL E 147 -1.43 -32.83 -11.99
C VAL E 147 -0.29 -32.01 -12.54
N LEU E 148 0.81 -31.94 -11.80
CA LEU E 148 1.94 -31.10 -12.14
C LEU E 148 3.20 -31.87 -12.52
N VAL E 149 3.79 -31.46 -13.63
CA VAL E 149 5.03 -31.98 -14.16
C VAL E 149 6.02 -30.82 -14.12
N THR E 150 7.05 -30.96 -13.29
CA THR E 150 7.95 -29.86 -12.99
C THR E 150 9.37 -30.26 -13.34
N GLY E 151 10.24 -29.28 -13.33
CA GLY E 151 11.62 -29.48 -13.64
C GLY E 151 12.15 -28.24 -14.31
N PRO E 152 13.45 -28.20 -14.58
CA PRO E 152 14.02 -27.03 -15.22
C PRO E 152 13.52 -26.87 -16.64
N THR E 153 13.89 -25.73 -17.22
CA THR E 153 13.49 -25.41 -18.57
C THR E 153 14.01 -26.44 -19.56
N GLY E 154 13.13 -26.88 -20.45
CA GLY E 154 13.53 -27.82 -21.46
C GLY E 154 13.79 -29.20 -20.94
N SER E 155 13.11 -29.61 -19.88
CA SER E 155 13.31 -30.90 -19.27
C SER E 155 12.25 -31.89 -19.77
N GLY E 156 11.55 -31.52 -20.84
CA GLY E 156 10.56 -32.32 -21.49
C GLY E 156 9.17 -32.05 -20.98
N LYS E 157 8.99 -30.97 -20.21
CA LYS E 157 7.72 -30.75 -19.54
C LYS E 157 6.63 -30.45 -20.55
N SER E 158 6.91 -29.55 -21.49
CA SER E 158 5.90 -29.25 -22.49
C SER E 158 5.64 -30.47 -23.35
N THR E 159 6.68 -31.25 -23.62
CA THR E 159 6.54 -32.46 -24.41
C THR E 159 5.72 -33.52 -23.68
N THR E 160 6.02 -33.70 -22.39
CA THR E 160 5.25 -34.62 -21.56
C THR E 160 3.79 -34.20 -21.46
N LEU E 161 3.59 -32.91 -21.24
CA LEU E 161 2.27 -32.36 -21.11
C LEU E 161 1.51 -32.56 -22.41
N ALA E 162 2.21 -32.37 -23.52
CA ALA E 162 1.61 -32.53 -24.83
C ALA E 162 1.24 -33.99 -25.06
N ALA E 163 2.04 -34.93 -24.57
CA ALA E 163 1.68 -36.33 -24.75
C ALA E 163 0.41 -36.67 -24.01
N ILE E 164 0.29 -36.19 -22.77
CA ILE E 164 -0.92 -36.45 -22.01
C ILE E 164 -2.11 -35.78 -22.70
N ILE E 165 -1.87 -34.59 -23.22
CA ILE E 165 -2.90 -33.81 -23.88
C ILE E 165 -3.38 -34.53 -25.11
N ASP E 166 -2.45 -34.97 -25.93
CA ASP E 166 -2.76 -35.67 -27.16
C ASP E 166 -3.51 -36.95 -26.87
N LYS E 167 -3.18 -37.61 -25.76
CA LYS E 167 -3.91 -38.81 -25.40
C LYS E 167 -5.35 -38.50 -25.07
N ILE E 168 -5.57 -37.44 -24.29
CA ILE E 168 -6.95 -37.03 -24.02
C ILE E 168 -7.67 -36.61 -25.29
N ASN E 169 -7.00 -35.81 -26.14
CA ASN E 169 -7.59 -35.39 -27.40
C ASN E 169 -8.00 -36.59 -28.23
N THR E 170 -7.21 -37.64 -28.16
CA THR E 170 -7.48 -38.82 -28.94
C THR E 170 -8.64 -39.59 -28.32
N ASP E 171 -8.73 -39.60 -26.99
CA ASP E 171 -9.58 -40.53 -26.29
C ASP E 171 -10.89 -39.93 -25.80
N ARG E 172 -10.96 -38.61 -25.61
CA ARG E 172 -12.13 -38.00 -25.01
C ARG E 172 -12.86 -37.11 -25.99
N HIS E 173 -14.13 -36.89 -25.69
CA HIS E 173 -14.97 -35.94 -26.40
C HIS E 173 -15.22 -34.74 -25.49
N GLU E 174 -14.15 -33.99 -25.24
CA GLU E 174 -14.15 -32.91 -24.28
C GLU E 174 -13.49 -31.69 -24.90
N HIS E 175 -13.49 -30.59 -24.14
CA HIS E 175 -13.00 -29.31 -24.61
C HIS E 175 -11.67 -29.04 -23.93
N ILE E 176 -10.62 -28.95 -24.73
CA ILE E 176 -9.27 -28.68 -24.27
C ILE E 176 -8.94 -27.24 -24.66
N VAL E 177 -8.53 -26.45 -23.68
CA VAL E 177 -8.07 -25.08 -23.91
C VAL E 177 -6.66 -24.91 -23.39
N THR E 178 -5.78 -24.33 -24.21
CA THR E 178 -4.45 -23.99 -23.75
C THR E 178 -4.24 -22.49 -23.85
N VAL E 179 -3.54 -21.95 -22.85
CA VAL E 179 -3.11 -20.56 -22.85
C VAL E 179 -1.59 -20.56 -22.70
N GLU E 180 -0.90 -19.99 -23.68
CA GLU E 180 0.53 -20.14 -23.81
C GLU E 180 1.15 -18.84 -24.27
N ASP E 181 2.39 -18.58 -23.87
CA ASP E 181 3.06 -17.33 -24.25
C ASP E 181 4.48 -17.74 -24.61
N PRO E 182 4.70 -18.24 -25.84
CA PRO E 182 3.76 -18.47 -26.92
C PRO E 182 3.24 -19.89 -26.99
N ILE E 183 2.35 -20.16 -27.95
CA ILE E 183 1.91 -21.52 -28.20
C ILE E 183 3.09 -22.34 -28.69
N GLU E 184 3.34 -23.48 -28.05
CA GLU E 184 4.42 -24.36 -28.46
C GLU E 184 3.91 -25.57 -29.22
N TYR E 185 3.54 -26.64 -28.53
CA TYR E 185 3.01 -27.83 -29.17
C TYR E 185 1.63 -27.54 -29.73
N LEU E 186 1.37 -27.93 -30.98
CA LEU E 186 0.03 -27.85 -31.54
C LEU E 186 -0.69 -29.18 -31.43
N HIS E 187 -1.94 -29.12 -30.99
CA HIS E 187 -2.78 -30.30 -30.83
C HIS E 187 -4.00 -30.16 -31.72
N PRO E 188 -3.89 -30.48 -33.01
CA PRO E 188 -5.09 -30.48 -33.84
C PRO E 188 -6.13 -31.45 -33.30
N HIS E 189 -7.35 -31.29 -33.79
CA HIS E 189 -8.49 -31.97 -33.21
C HIS E 189 -8.38 -33.47 -33.44
N LYS E 190 -8.61 -34.25 -32.38
CA LYS E 190 -8.78 -35.69 -32.54
C LYS E 190 -10.21 -36.04 -32.17
N SER E 191 -10.45 -36.44 -30.91
CA SER E 191 -11.81 -36.61 -30.40
C SER E 191 -12.30 -35.40 -29.62
N CYS E 192 -11.40 -34.57 -29.12
CA CYS E 192 -11.73 -33.34 -28.41
C CYS E 192 -11.78 -32.17 -29.37
N VAL E 193 -12.38 -31.09 -28.90
CA VAL E 193 -12.19 -29.77 -29.50
C VAL E 193 -11.08 -29.10 -28.73
N VAL E 194 -10.03 -28.73 -29.44
CA VAL E 194 -8.82 -28.18 -28.85
C VAL E 194 -8.65 -26.77 -29.38
N ASN E 195 -8.67 -25.80 -28.47
CA ASN E 195 -8.41 -24.40 -28.78
C ASN E 195 -7.14 -23.94 -28.07
N GLN E 196 -6.24 -23.31 -28.82
CA GLN E 196 -4.94 -22.90 -28.30
C GLN E 196 -4.79 -21.40 -28.49
N ARG E 197 -4.63 -20.71 -27.39
CA ARG E 197 -4.57 -19.26 -27.31
C ARG E 197 -3.18 -18.76 -26.94
N GLU E 198 -2.64 -17.88 -27.78
CA GLU E 198 -1.33 -17.31 -27.55
C GLU E 198 -1.59 -15.97 -26.86
N VAL E 199 -0.98 -15.77 -25.69
CA VAL E 199 -1.12 -14.51 -24.97
C VAL E 199 -0.51 -13.36 -25.77
N GLY E 200 -1.23 -12.24 -25.84
CA GLY E 200 -0.76 -11.08 -26.56
C GLY E 200 -1.21 -11.01 -28.00
N ALA E 201 -1.88 -12.05 -28.52
CA ALA E 201 -2.42 -12.07 -29.87
C ALA E 201 -3.83 -12.61 -29.81
N ASP E 202 -3.96 -13.86 -29.35
CA ASP E 202 -5.27 -14.47 -29.21
C ASP E 202 -6.02 -13.90 -28.01
N THR E 203 -5.29 -13.58 -26.94
CA THR E 203 -5.86 -13.04 -25.71
C THR E 203 -4.92 -11.97 -25.18
N LYS E 204 -5.49 -11.02 -24.44
CA LYS E 204 -4.70 -9.87 -24.00
C LYS E 204 -3.63 -10.29 -23.02
N SER E 205 -3.95 -11.27 -22.18
CA SER E 205 -3.09 -11.65 -21.07
C SER E 205 -3.58 -12.97 -20.54
N PHE E 206 -2.74 -13.59 -19.71
CA PHE E 206 -3.18 -14.75 -18.97
C PHE E 206 -4.39 -14.37 -18.14
N LYS E 207 -4.34 -13.17 -17.56
CA LYS E 207 -5.42 -12.67 -16.71
C LYS E 207 -6.70 -12.56 -17.54
N ASN E 208 -6.59 -12.08 -18.77
CA ASN E 208 -7.76 -11.91 -19.63
C ASN E 208 -8.29 -13.27 -20.03
N ALA E 209 -7.37 -14.19 -20.30
CA ALA E 209 -7.77 -15.55 -20.62
C ALA E 209 -8.56 -16.12 -19.46
N LEU E 210 -8.10 -15.90 -18.23
CA LEU E 210 -8.84 -16.40 -17.09
C LEU E 210 -10.14 -15.63 -16.91
N LYS E 211 -10.21 -14.42 -17.45
CA LYS E 211 -11.44 -13.66 -17.34
C LYS E 211 -12.52 -14.28 -18.20
N TYR E 212 -12.13 -14.95 -19.29
CA TYR E 212 -13.11 -15.50 -20.22
C TYR E 212 -13.13 -17.03 -20.25
N ILE E 213 -12.26 -17.69 -19.50
CA ILE E 213 -12.16 -19.14 -19.67
C ILE E 213 -13.37 -19.89 -19.15
N LEU E 214 -14.02 -19.37 -18.12
CA LEU E 214 -15.18 -20.03 -17.57
C LEU E 214 -16.41 -19.90 -18.43
N ARG E 215 -16.44 -18.92 -19.33
CA ARG E 215 -17.54 -18.77 -20.26
C ARG E 215 -17.32 -19.51 -21.56
N GLN E 216 -16.25 -20.29 -21.65
CA GLN E 216 -15.92 -21.03 -22.86
C GLN E 216 -16.13 -22.52 -22.67
N ASP E 217 -16.82 -22.91 -21.60
CA ASP E 217 -17.21 -24.30 -21.36
C ASP E 217 -16.07 -25.33 -21.50
N PRO E 218 -14.95 -25.11 -20.82
CA PRO E 218 -13.85 -26.07 -20.94
C PRO E 218 -14.03 -27.26 -20.01
N ASP E 219 -13.34 -28.31 -20.39
CA ASP E 219 -13.14 -29.49 -19.57
C ASP E 219 -11.71 -29.71 -19.16
N VAL E 220 -10.77 -29.40 -20.05
CA VAL E 220 -9.35 -29.59 -19.83
C VAL E 220 -8.63 -28.28 -20.13
N VAL E 221 -7.72 -27.88 -19.24
CA VAL E 221 -7.04 -26.61 -19.37
C VAL E 221 -5.54 -26.72 -19.14
N LEU E 222 -4.79 -26.10 -20.04
CA LEU E 222 -3.36 -25.89 -19.92
C LEU E 222 -3.16 -24.41 -19.65
N VAL E 223 -2.51 -24.08 -18.54
CA VAL E 223 -2.40 -22.69 -18.10
C VAL E 223 -0.99 -22.14 -18.21
N GLY E 224 -0.02 -22.93 -18.64
CA GLY E 224 1.33 -22.39 -18.74
C GLY E 224 2.00 -22.35 -17.38
N GLU E 225 2.91 -21.40 -17.23
CA GLU E 225 3.70 -21.29 -16.01
C GLU E 225 2.84 -20.73 -14.87
N LEU E 226 3.06 -21.27 -13.68
CA LEU E 226 2.48 -20.76 -12.44
C LEU E 226 3.27 -19.53 -12.01
N ARG E 227 2.99 -18.41 -12.67
CA ARG E 227 3.85 -17.25 -12.56
C ARG E 227 3.63 -16.46 -11.29
N ASP E 228 2.41 -16.44 -10.75
CA ASP E 228 2.13 -15.63 -9.58
C ASP E 228 1.03 -16.30 -8.75
N LEU E 229 0.73 -15.66 -7.61
CA LEU E 229 -0.29 -16.17 -6.71
C LEU E 229 -1.64 -16.20 -7.41
N GLU E 230 -1.91 -15.20 -8.25
CA GLU E 230 -3.19 -15.12 -8.94
C GLU E 230 -3.40 -16.31 -9.84
N THR E 231 -2.35 -16.70 -10.55
CA THR E 231 -2.42 -17.90 -11.38
C THR E 231 -2.69 -19.13 -10.54
N ILE E 232 -2.08 -19.18 -9.35
CA ILE E 232 -2.33 -20.30 -8.44
C ILE E 232 -3.80 -20.35 -8.05
N GLU E 233 -4.37 -19.19 -7.71
CA GLU E 233 -5.78 -19.12 -7.32
C GLU E 233 -6.67 -19.52 -8.48
N ALA E 234 -6.29 -19.12 -9.69
CA ALA E 234 -7.03 -19.51 -10.88
C ALA E 234 -7.02 -21.01 -11.07
N ALA E 235 -5.85 -21.62 -10.85
CA ALA E 235 -5.72 -23.05 -11.02
C ALA E 235 -6.53 -23.80 -9.97
N LEU E 236 -6.52 -23.31 -8.73
CA LEU E 236 -7.32 -23.93 -7.69
C LEU E 236 -8.79 -23.83 -8.02
N THR E 237 -9.20 -22.69 -8.57
CA THR E 237 -10.59 -22.50 -8.94
C THR E 237 -10.98 -23.44 -10.07
N LEU E 238 -10.14 -23.53 -11.09
CA LEU E 238 -10.39 -24.45 -12.20
C LEU E 238 -10.49 -25.89 -11.74
N ALA E 239 -9.56 -26.34 -10.91
CA ALA E 239 -9.57 -27.74 -10.51
C ALA E 239 -10.77 -28.04 -9.62
N GLU E 240 -11.27 -27.05 -8.90
CA GLU E 240 -12.40 -27.27 -8.01
C GLU E 240 -13.74 -27.08 -8.72
N THR E 241 -13.75 -26.37 -9.86
CA THR E 241 -14.98 -26.07 -10.58
C THR E 241 -15.29 -27.08 -11.68
N GLY E 242 -14.74 -28.29 -11.60
CA GLY E 242 -15.10 -29.33 -12.53
C GLY E 242 -14.22 -29.44 -13.75
N HIS E 243 -13.05 -28.81 -13.72
CA HIS E 243 -12.15 -28.82 -14.86
C HIS E 243 -10.88 -29.60 -14.55
N LEU E 244 -10.26 -30.07 -15.62
CA LEU E 244 -8.95 -30.67 -15.57
C LEU E 244 -7.91 -29.61 -15.92
N CYS E 245 -7.07 -29.28 -14.95
CA CYS E 245 -6.11 -28.18 -15.09
C CYS E 245 -4.69 -28.70 -15.12
N PHE E 246 -3.94 -28.26 -16.13
CA PHE E 246 -2.54 -28.56 -16.28
C PHE E 246 -1.69 -27.32 -16.06
N ALA E 247 -0.59 -27.49 -15.31
CA ALA E 247 0.32 -26.38 -15.07
C ALA E 247 1.72 -26.94 -14.85
N THR E 248 2.70 -26.04 -14.95
CA THR E 248 4.11 -26.39 -14.77
C THR E 248 4.73 -25.58 -13.65
N LEU E 249 5.79 -26.13 -13.08
CA LEU E 249 6.67 -25.41 -12.19
C LEU E 249 8.10 -25.81 -12.48
N HIS E 250 9.03 -24.97 -12.04
CA HIS E 250 10.43 -25.28 -12.17
C HIS E 250 11.00 -25.84 -10.86
N THR E 251 10.16 -26.40 -10.01
CA THR E 251 10.64 -27.04 -8.80
C THR E 251 11.14 -28.45 -9.09
N ASN E 252 11.91 -28.97 -8.14
CA ASN E 252 12.63 -30.22 -8.33
C ASN E 252 12.11 -31.35 -7.47
N SER E 253 11.14 -31.10 -6.59
CA SER E 253 10.61 -32.18 -5.77
C SER E 253 9.21 -31.83 -5.33
N ALA E 254 8.49 -32.86 -4.86
CA ALA E 254 7.13 -32.66 -4.38
C ALA E 254 7.11 -31.78 -3.14
N VAL E 255 7.98 -32.06 -2.18
CA VAL E 255 8.02 -31.28 -0.95
C VAL E 255 8.45 -29.86 -1.24
N GLN E 256 9.50 -29.69 -2.04
CA GLN E 256 9.94 -28.36 -2.41
C GLN E 256 8.85 -27.61 -3.15
N THR E 257 8.09 -28.35 -3.96
CA THR E 257 6.98 -27.75 -4.68
C THR E 257 5.89 -27.27 -3.75
N ILE E 258 5.50 -28.13 -2.81
CA ILE E 258 4.43 -27.81 -1.89
C ILE E 258 4.80 -26.66 -1.00
N ASN E 259 6.03 -26.66 -0.47
CA ASN E 259 6.44 -25.57 0.37
C ASN E 259 6.45 -24.27 -0.42
N ARG E 260 6.93 -24.35 -1.67
CA ARG E 260 6.96 -23.16 -2.50
C ARG E 260 5.56 -22.63 -2.71
N ILE E 261 4.62 -23.54 -2.96
CA ILE E 261 3.23 -23.17 -3.24
C ILE E 261 2.58 -22.55 -2.02
N VAL E 262 2.79 -23.12 -0.85
CA VAL E 262 2.12 -22.60 0.32
C VAL E 262 2.68 -21.22 0.64
N ASP E 263 4.00 -21.09 0.56
CA ASP E 263 4.63 -19.89 1.05
C ASP E 263 4.38 -18.69 0.15
N VAL E 264 3.84 -18.88 -1.05
CA VAL E 264 3.57 -17.70 -1.88
C VAL E 264 2.37 -16.98 -1.29
N PHE E 265 1.56 -17.66 -0.47
CA PHE E 265 0.37 -17.02 0.06
C PHE E 265 0.63 -16.31 1.37
N PRO E 266 -0.17 -15.28 1.66
CA PRO E 266 -0.10 -14.67 2.98
C PRO E 266 -0.42 -15.75 4.01
N SER E 267 0.10 -15.54 5.22
CA SER E 267 0.04 -16.59 6.24
C SER E 267 -1.40 -16.96 6.55
N TYR E 268 -2.32 -15.99 6.47
CA TYR E 268 -3.71 -16.24 6.83
C TYR E 268 -4.44 -17.12 5.82
N GLN E 269 -3.98 -17.19 4.57
CA GLN E 269 -4.64 -17.99 3.56
C GLN E 269 -3.99 -19.34 3.33
N GLN E 270 -2.84 -19.59 3.91
CA GLN E 270 -2.25 -20.92 3.76
C GLN E 270 -3.11 -22.04 4.33
N PRO E 271 -3.84 -21.87 5.44
CA PRO E 271 -4.78 -22.93 5.87
C PRO E 271 -5.79 -23.32 4.80
N GLN E 272 -6.38 -22.31 4.16
CA GLN E 272 -7.34 -22.56 3.09
C GLN E 272 -6.67 -23.22 1.92
N VAL E 273 -5.48 -22.75 1.59
CA VAL E 273 -4.76 -23.30 0.47
C VAL E 273 -4.46 -24.77 0.73
N ARG E 274 -4.09 -25.10 1.96
CA ARG E 274 -3.87 -26.50 2.30
C ARG E 274 -5.13 -27.32 2.16
N ALA E 275 -6.27 -26.79 2.58
CA ALA E 275 -7.51 -27.54 2.41
C ALA E 275 -7.87 -27.71 0.94
N GLN E 276 -7.74 -26.62 0.18
CA GLN E 276 -8.01 -26.62 -1.24
C GLN E 276 -7.11 -27.59 -1.96
N LEU E 277 -5.81 -27.49 -1.72
CA LEU E 277 -4.83 -28.35 -2.33
C LEU E 277 -5.13 -29.81 -2.02
N SER E 278 -5.49 -30.09 -0.77
CA SER E 278 -5.80 -31.46 -0.40
C SER E 278 -6.99 -31.96 -1.16
N PHE E 279 -7.89 -31.05 -1.55
CA PHE E 279 -9.09 -31.46 -2.28
C PHE E 279 -8.79 -31.63 -3.75
N VAL E 280 -8.08 -30.69 -4.36
CA VAL E 280 -7.98 -30.62 -5.80
C VAL E 280 -6.72 -31.27 -6.36
N LEU E 281 -5.68 -31.42 -5.56
CA LEU E 281 -4.41 -31.97 -6.04
C LEU E 281 -4.55 -33.42 -6.42
N GLU E 282 -4.11 -33.77 -7.63
CA GLU E 282 -4.17 -35.13 -8.11
C GLU E 282 -2.80 -35.72 -8.45
N GLY E 283 -1.75 -34.90 -8.55
CA GLY E 283 -0.43 -35.45 -8.84
C GLY E 283 0.69 -34.43 -8.89
N VAL E 284 1.88 -34.78 -8.40
CA VAL E 284 3.05 -33.93 -8.55
C VAL E 284 4.21 -34.74 -9.11
N LEU E 285 4.72 -34.33 -10.26
CA LEU E 285 5.86 -34.95 -10.91
C LEU E 285 6.98 -33.91 -10.97
N SER E 286 8.21 -34.36 -10.69
CA SER E 286 9.39 -33.51 -10.82
C SER E 286 10.41 -34.26 -11.65
N GLN E 287 10.65 -33.77 -12.86
CA GLN E 287 11.37 -34.50 -13.89
C GLN E 287 12.58 -33.72 -14.36
N THR E 288 13.50 -34.44 -14.99
CA THR E 288 14.72 -33.88 -15.55
C THR E 288 15.17 -34.76 -16.71
N LEU E 289 15.76 -34.14 -17.72
CA LEU E 289 16.47 -34.88 -18.78
C LEU E 289 17.95 -34.85 -18.46
N LEU E 290 18.56 -36.03 -18.39
CA LEU E 290 19.94 -36.29 -18.05
C LEU E 290 20.69 -36.90 -19.21
N PRO E 291 21.98 -36.64 -19.37
CA PRO E 291 22.72 -37.34 -20.42
C PRO E 291 22.75 -38.82 -20.08
N LYS E 292 22.54 -39.65 -21.09
CA LYS E 292 22.57 -41.08 -20.88
C LYS E 292 23.95 -41.61 -20.55
N ALA E 293 23.94 -42.72 -19.81
CA ALA E 293 25.19 -43.36 -19.41
C ALA E 293 25.96 -43.86 -20.61
N SER E 294 25.25 -44.19 -21.71
CA SER E 294 25.93 -44.65 -22.91
C SER E 294 26.73 -43.55 -23.59
N GLY E 295 26.43 -42.29 -23.29
CA GLY E 295 27.08 -41.16 -23.92
C GLY E 295 26.37 -40.65 -25.15
N THR E 296 25.23 -41.22 -25.51
CA THR E 296 24.45 -40.82 -26.67
C THR E 296 22.99 -40.76 -26.24
N GLY E 297 22.34 -39.62 -26.45
CA GLY E 297 20.94 -39.49 -26.07
C GLY E 297 20.80 -39.03 -24.63
N ARG E 298 19.56 -38.74 -24.27
CA ARG E 298 19.24 -38.32 -22.90
C ARG E 298 18.10 -39.16 -22.36
N VAL E 299 18.13 -39.31 -21.04
CA VAL E 299 17.21 -40.14 -20.28
C VAL E 299 16.49 -39.33 -19.21
N LEU E 300 15.21 -39.64 -19.02
CA LEU E 300 14.39 -38.90 -18.07
C LEU E 300 14.57 -39.50 -16.68
N ALA E 301 14.89 -38.66 -15.70
CA ALA E 301 14.81 -39.03 -14.29
C ALA E 301 13.66 -38.26 -13.67
N ILE E 302 12.76 -38.97 -13.00
CA ILE E 302 11.51 -38.36 -12.56
C ILE E 302 11.15 -38.89 -11.17
N GLU E 303 10.76 -37.98 -10.30
CA GLU E 303 10.18 -38.29 -9.00
C GLU E 303 8.67 -38.11 -9.08
N VAL E 304 7.94 -39.11 -8.60
CA VAL E 304 6.48 -39.19 -8.73
C VAL E 304 5.82 -39.21 -7.36
N MET E 305 4.91 -38.27 -7.13
CA MET E 305 4.07 -38.18 -5.94
C MET E 305 2.60 -38.23 -6.35
N VAL E 306 1.88 -39.24 -5.87
CA VAL E 306 0.44 -39.38 -6.10
C VAL E 306 -0.26 -39.24 -4.77
N PRO E 307 -1.10 -38.21 -4.55
CA PRO E 307 -1.69 -38.02 -3.20
C PRO E 307 -2.64 -39.15 -2.86
N ASN E 308 -2.47 -39.72 -1.68
CA ASN E 308 -3.47 -40.59 -1.09
C ASN E 308 -4.15 -39.85 0.05
N PRO E 309 -5.24 -40.41 0.61
CA PRO E 309 -5.89 -39.75 1.75
C PRO E 309 -4.95 -39.40 2.88
N ALA E 310 -3.93 -40.22 3.11
CA ALA E 310 -2.97 -39.92 4.15
C ALA E 310 -2.19 -38.69 3.75
N ILE E 311 -1.82 -38.61 2.49
CA ILE E 311 -1.08 -37.46 2.00
C ILE E 311 -1.97 -36.24 2.03
N ARG E 312 -3.24 -36.41 1.67
CA ARG E 312 -4.18 -35.29 1.72
C ARG E 312 -4.34 -34.78 3.14
N ASN E 313 -4.28 -35.68 4.11
CA ASN E 313 -4.31 -35.24 5.50
C ASN E 313 -3.05 -34.45 5.80
N LEU E 314 -1.91 -34.94 5.33
CA LEU E 314 -0.65 -34.23 5.53
C LEU E 314 -0.69 -32.84 4.90
N ILE E 315 -1.39 -32.73 3.77
CA ILE E 315 -1.55 -31.44 3.11
C ILE E 315 -2.37 -30.52 3.98
N ARG E 316 -3.48 -31.01 4.51
CA ARG E 316 -4.34 -30.18 5.33
C ARG E 316 -3.68 -29.81 6.65
N GLU E 317 -2.96 -30.74 7.23
CA GLU E 317 -2.33 -30.54 8.53
C GLU E 317 -0.97 -29.83 8.52
N ASP E 318 -0.46 -29.36 7.37
CA ASP E 318 0.84 -28.68 7.37
C ASP E 318 1.94 -29.59 7.96
N LYS E 319 1.95 -30.85 7.54
CA LYS E 319 2.97 -31.82 7.94
C LYS E 319 3.76 -32.31 6.74
N ILE E 320 4.31 -31.32 6.03
CA ILE E 320 4.86 -31.50 4.70
C ILE E 320 6.04 -32.44 4.71
N HIS E 321 6.89 -32.38 5.73
CA HIS E 321 8.20 -33.03 5.67
C HIS E 321 8.06 -34.54 5.55
N GLN E 322 7.04 -35.12 6.15
CA GLN E 322 6.78 -36.55 6.13
C GLN E 322 6.22 -37.04 4.80
N ILE E 323 5.98 -36.13 3.86
CA ILE E 323 5.45 -36.52 2.56
C ILE E 323 6.47 -37.37 1.83
N TYR E 324 7.75 -37.08 2.02
CA TYR E 324 8.78 -37.86 1.34
C TYR E 324 8.67 -39.33 1.71
N SER E 325 8.32 -39.59 2.97
CA SER E 325 8.19 -40.97 3.40
C SER E 325 7.04 -41.65 2.70
N GLN E 326 5.95 -40.93 2.41
CA GLN E 326 4.87 -41.57 1.69
C GLN E 326 5.29 -41.94 0.29
N MET E 327 6.13 -41.10 -0.32
CA MET E 327 6.57 -41.44 -1.67
C MET E 327 7.50 -42.63 -1.62
N GLN E 328 8.22 -42.78 -0.51
CA GLN E 328 9.13 -43.91 -0.40
C GLN E 328 8.37 -45.21 -0.35
N VAL E 329 7.10 -45.17 0.09
CA VAL E 329 6.30 -46.36 0.29
C VAL E 329 5.08 -46.42 -0.62
N GLY E 330 4.97 -45.53 -1.61
CA GLY E 330 3.80 -45.55 -2.46
C GLY E 330 4.07 -46.19 -3.81
N GLN E 331 5.10 -47.02 -3.87
CA GLN E 331 5.48 -47.62 -5.15
C GLN E 331 4.45 -48.66 -5.57
N GLU E 332 4.16 -49.60 -4.67
CA GLU E 332 3.29 -50.71 -5.00
C GLU E 332 1.83 -50.29 -5.11
N LYS E 333 1.38 -49.39 -4.24
CA LYS E 333 -0.05 -49.08 -4.20
C LYS E 333 -0.44 -48.11 -5.30
N PHE E 334 0.29 -47.00 -5.39
CA PHE E 334 -0.06 -45.90 -6.27
C PHE E 334 0.95 -45.62 -7.36
N GLY E 335 2.04 -46.38 -7.46
CA GLY E 335 3.00 -46.07 -8.49
C GLY E 335 3.84 -44.87 -8.16
N MET E 336 3.92 -44.48 -6.89
CA MET E 336 4.73 -43.33 -6.51
C MET E 336 6.19 -43.72 -6.59
N MET E 337 7.05 -42.71 -6.62
CA MET E 337 8.47 -42.98 -6.82
C MET E 337 9.27 -41.75 -6.45
N THR E 338 10.15 -41.92 -5.47
CA THR E 338 11.08 -40.88 -5.12
C THR E 338 12.15 -40.79 -6.20
N MET E 339 12.87 -39.68 -6.20
CA MET E 339 13.94 -39.51 -7.16
C MET E 339 14.98 -40.62 -6.99
N ASN E 340 15.29 -40.99 -5.75
CA ASN E 340 16.25 -42.05 -5.51
C ASN E 340 15.75 -43.37 -6.08
N GLN E 341 14.45 -43.61 -5.99
CA GLN E 341 13.87 -44.82 -6.57
C GLN E 341 13.98 -44.81 -8.09
N CYS E 342 13.88 -43.64 -8.69
CA CYS E 342 14.06 -43.52 -10.13
C CYS E 342 15.51 -43.75 -10.51
N LEU E 343 16.42 -43.17 -9.73
CA LEU E 343 17.85 -43.39 -9.95
C LEU E 343 18.18 -44.86 -9.80
N TYR E 344 17.52 -45.53 -8.85
CA TYR E 344 17.71 -46.96 -8.71
C TYR E 344 17.32 -47.71 -9.97
N GLY E 345 16.18 -47.39 -10.55
CA GLY E 345 15.79 -48.12 -11.75
C GLY E 345 16.72 -47.81 -12.90
N LEU E 346 17.10 -46.55 -13.05
CA LEU E 346 18.03 -46.18 -14.10
C LEU E 346 19.43 -46.77 -13.91
N LEU E 347 19.86 -46.92 -12.66
CA LEU E 347 21.18 -47.47 -12.39
C LEU E 347 21.22 -48.96 -12.61
N GLN E 348 20.19 -49.68 -12.17
CA GLN E 348 20.19 -51.11 -12.40
C GLN E 348 20.09 -51.38 -13.89
N LYS E 349 19.35 -50.53 -14.60
CA LYS E 349 19.25 -50.62 -16.04
C LYS E 349 20.41 -49.94 -16.75
N ARG E 350 21.37 -49.38 -16.01
CA ARG E 350 22.58 -48.77 -16.57
C ARG E 350 22.22 -47.61 -17.49
N HIS E 351 21.12 -46.94 -17.19
CA HIS E 351 20.70 -45.76 -17.95
C HIS E 351 21.46 -44.51 -17.55
N ILE E 352 21.90 -44.44 -16.29
CA ILE E 352 22.62 -43.31 -15.75
C ILE E 352 23.86 -43.82 -15.05
N THR E 353 24.83 -42.92 -14.87
CA THR E 353 26.02 -43.32 -14.16
C THR E 353 25.79 -43.23 -12.65
N MET E 354 26.69 -43.87 -11.92
CA MET E 354 26.63 -43.89 -10.47
C MET E 354 26.86 -42.50 -9.89
N ASP E 355 27.77 -41.75 -10.48
CA ASP E 355 28.10 -40.42 -9.97
C ASP E 355 26.95 -39.43 -10.07
N VAL E 356 26.18 -39.44 -11.16
CA VAL E 356 25.08 -38.48 -11.24
C VAL E 356 23.99 -38.81 -10.23
N GLY E 357 23.64 -40.09 -10.14
CA GLY E 357 22.63 -40.51 -9.19
C GLY E 357 23.05 -40.25 -7.76
N MET E 358 24.31 -40.53 -7.46
CA MET E 358 24.80 -40.32 -6.11
C MET E 358 24.93 -38.84 -5.83
N GLY E 359 25.40 -38.07 -6.82
CA GLY E 359 25.53 -36.63 -6.67
C GLY E 359 24.21 -35.93 -6.51
N ARG E 360 23.09 -36.62 -6.79
CA ARG E 360 21.77 -36.04 -6.64
C ARG E 360 21.00 -36.70 -5.51
N SER E 361 21.44 -37.87 -5.07
CA SER E 361 20.77 -38.59 -4.00
C SER E 361 20.81 -37.78 -2.70
N PRO E 362 19.66 -37.55 -2.04
CA PRO E 362 19.73 -36.92 -0.71
C PRO E 362 20.39 -37.81 0.32
N ASP E 363 20.48 -39.11 0.04
CA ASP E 363 21.18 -40.06 0.89
C ASP E 363 21.84 -41.06 -0.05
N PRO E 364 23.07 -40.79 -0.49
CA PRO E 364 23.71 -41.68 -1.47
C PRO E 364 23.88 -43.09 -0.93
N ASP E 365 24.02 -43.21 0.39
CA ASP E 365 24.17 -44.51 1.01
C ASP E 365 22.87 -45.27 0.89
N GLU E 366 21.75 -44.56 0.97
CA GLU E 366 20.46 -45.20 0.79
C GLU E 366 20.33 -45.75 -0.62
N LEU E 367 20.70 -44.96 -1.63
CA LEU E 367 20.63 -45.45 -2.99
C LEU E 367 21.54 -46.65 -3.20
N LYS E 368 22.72 -46.62 -2.58
CA LYS E 368 23.60 -47.78 -2.63
C LYS E 368 22.94 -49.00 -2.02
N GLN E 369 22.30 -48.83 -0.86
CA GLN E 369 21.61 -49.95 -0.23
C GLN E 369 20.52 -50.50 -1.14
N MET E 370 19.78 -49.61 -1.80
CA MET E 370 18.76 -50.08 -2.72
C MET E 370 19.34 -50.81 -3.92
N LEU E 371 20.54 -50.40 -4.35
CA LEU E 371 21.18 -50.99 -5.52
C LEU E 371 21.82 -52.33 -5.25
N THR E 372 22.54 -52.44 -4.14
CA THR E 372 23.26 -53.67 -3.84
C THR E 372 22.33 -54.76 -3.33
N MET F 21 -25.76 -16.49 -41.88
CA MET F 21 -26.26 -16.62 -40.49
C MET F 21 -27.23 -17.78 -40.36
N ALA F 22 -27.75 -18.23 -41.50
CA ALA F 22 -28.75 -19.28 -41.48
C ALA F 22 -28.15 -20.57 -40.94
N ASN F 23 -26.90 -20.84 -41.31
CA ASN F 23 -26.19 -21.98 -40.75
C ASN F 23 -26.19 -21.91 -39.23
N MET F 24 -25.87 -20.74 -38.68
CA MET F 24 -25.81 -20.60 -37.23
C MET F 24 -27.16 -20.85 -36.62
N HIS F 25 -28.20 -20.39 -37.31
CA HIS F 25 -29.54 -20.59 -36.81
C HIS F 25 -29.82 -22.07 -36.70
N GLN F 26 -29.35 -22.84 -37.69
CA GLN F 26 -29.59 -24.27 -37.67
C GLN F 26 -28.77 -24.96 -36.59
N LEU F 27 -27.53 -24.52 -36.36
CA LEU F 27 -26.78 -25.14 -35.28
C LEU F 27 -27.43 -24.90 -33.94
N LEU F 28 -27.87 -23.67 -33.69
CA LEU F 28 -28.54 -23.40 -32.43
C LEU F 28 -29.88 -24.11 -32.37
N THR F 29 -30.54 -24.26 -33.51
CA THR F 29 -31.77 -25.00 -33.54
C THR F 29 -31.54 -26.46 -33.20
N GLU F 30 -30.47 -27.04 -33.71
CA GLU F 30 -30.12 -28.41 -33.37
C GLU F 30 -29.73 -28.53 -31.90
N LEU F 31 -28.99 -27.55 -31.39
CA LEU F 31 -28.64 -27.53 -29.98
C LEU F 31 -29.90 -27.57 -29.13
N VAL F 32 -30.88 -26.76 -29.48
CA VAL F 32 -32.13 -26.76 -28.73
C VAL F 32 -32.85 -28.08 -28.95
N ASN F 33 -32.99 -28.46 -30.21
CA ASN F 33 -33.77 -29.63 -30.60
C ASN F 33 -33.20 -30.91 -30.01
N ARG F 34 -31.89 -30.99 -29.89
CA ARG F 34 -31.23 -32.18 -29.41
C ARG F 34 -31.03 -32.21 -27.92
N GLY F 35 -31.57 -31.23 -27.19
CA GLY F 35 -31.39 -31.23 -25.75
C GLY F 35 -29.93 -31.05 -25.41
N GLY F 36 -29.17 -30.41 -26.30
CA GLY F 36 -27.78 -30.17 -26.03
C GLY F 36 -27.55 -29.03 -25.07
N SER F 37 -26.56 -29.24 -24.22
CA SER F 37 -26.20 -28.22 -23.25
C SER F 37 -25.54 -27.03 -23.92
N ASP F 38 -24.52 -27.25 -24.75
CA ASP F 38 -23.65 -26.16 -25.18
C ASP F 38 -23.14 -26.42 -26.59
N LEU F 39 -23.01 -25.37 -27.39
CA LEU F 39 -22.39 -25.46 -28.71
C LEU F 39 -21.01 -24.84 -28.75
N HIS F 40 -20.06 -25.58 -29.31
CA HIS F 40 -18.66 -25.20 -29.44
C HIS F 40 -18.38 -25.02 -30.93
N LEU F 41 -17.80 -23.87 -31.28
CA LEU F 41 -17.43 -23.52 -32.64
C LEU F 41 -15.96 -23.11 -32.75
N THR F 42 -15.17 -23.87 -33.50
CA THR F 42 -13.78 -23.48 -33.69
C THR F 42 -13.27 -24.03 -35.02
N THR F 43 -12.19 -23.42 -35.49
CA THR F 43 -11.65 -23.73 -36.79
C THR F 43 -11.03 -25.12 -36.82
N ASN F 44 -11.06 -25.74 -38.01
CA ASN F 44 -10.47 -27.04 -38.30
C ASN F 44 -11.18 -28.18 -37.60
N SER F 45 -12.35 -27.92 -37.02
CA SER F 45 -13.23 -28.92 -36.44
C SER F 45 -14.62 -28.61 -36.95
N PRO F 46 -15.46 -29.61 -37.16
CA PRO F 46 -16.85 -29.30 -37.38
C PRO F 46 -17.42 -28.69 -36.11
N PRO F 47 -18.57 -28.04 -36.19
CA PRO F 47 -19.25 -27.63 -34.96
C PRO F 47 -19.46 -28.85 -34.10
N GLN F 48 -19.24 -28.69 -32.81
CA GLN F 48 -19.41 -29.78 -31.86
C GLN F 48 -20.36 -29.31 -30.79
N ILE F 49 -21.23 -30.21 -30.34
CA ILE F 49 -22.20 -29.86 -29.33
C ILE F 49 -22.04 -30.76 -28.13
N ARG F 50 -22.09 -30.15 -26.96
CA ARG F 50 -22.04 -30.85 -25.70
C ARG F 50 -23.47 -31.18 -25.35
N ILE F 51 -23.77 -32.47 -25.25
CA ILE F 51 -25.08 -32.98 -24.90
C ILE F 51 -24.87 -33.79 -23.64
N ASP F 52 -25.54 -33.40 -22.57
CA ASP F 52 -25.43 -34.09 -21.28
C ASP F 52 -23.97 -34.17 -20.85
N GLY F 53 -23.22 -33.12 -21.18
CA GLY F 53 -21.85 -33.01 -20.76
C GLY F 53 -20.82 -33.51 -21.76
N LYS F 54 -21.23 -34.23 -22.80
CA LYS F 54 -20.29 -34.84 -23.73
C LYS F 54 -20.39 -34.28 -25.13
N LEU F 55 -19.24 -34.07 -25.74
CA LEU F 55 -19.15 -33.50 -27.08
C LEU F 55 -19.46 -34.51 -28.17
N LEU F 56 -20.15 -34.02 -29.19
CA LEU F 56 -20.47 -34.77 -30.37
C LEU F 56 -20.10 -33.89 -31.54
N PRO F 57 -19.21 -34.31 -32.44
CA PRO F 57 -18.95 -33.46 -33.60
C PRO F 57 -20.11 -33.61 -34.56
N LEU F 58 -20.50 -32.50 -35.14
CA LEU F 58 -21.53 -32.56 -36.15
C LEU F 58 -20.99 -33.00 -37.50
N ASP F 59 -21.87 -33.62 -38.28
CA ASP F 59 -21.54 -34.14 -39.61
C ASP F 59 -21.54 -32.94 -40.55
N MET F 60 -20.50 -32.13 -40.41
CA MET F 60 -20.36 -30.87 -41.12
C MET F 60 -18.91 -30.67 -41.50
N PRO F 61 -18.62 -29.81 -42.47
CA PRO F 61 -17.24 -29.54 -42.81
C PRO F 61 -16.52 -28.86 -41.65
N PRO F 62 -15.20 -28.98 -41.56
CA PRO F 62 -14.50 -28.27 -40.50
C PRO F 62 -14.64 -26.78 -40.74
N LEU F 63 -14.67 -26.02 -39.66
CA LEU F 63 -14.82 -24.60 -39.79
C LEU F 63 -13.48 -23.95 -40.11
N ASN F 64 -13.52 -22.84 -40.82
CA ASN F 64 -12.37 -21.98 -40.97
C ASN F 64 -12.63 -20.69 -40.24
N ALA F 65 -11.66 -19.79 -40.27
CA ALA F 65 -11.79 -18.53 -39.56
C ALA F 65 -12.88 -17.67 -40.18
N VAL F 66 -13.02 -17.74 -41.50
CA VAL F 66 -14.06 -17.01 -42.21
C VAL F 66 -15.44 -17.47 -41.79
N ASP F 67 -15.63 -18.78 -41.61
CA ASP F 67 -16.94 -19.29 -41.24
C ASP F 67 -17.31 -18.80 -39.86
N THR F 68 -16.39 -18.97 -38.91
CA THR F 68 -16.68 -18.60 -37.54
C THR F 68 -16.90 -17.10 -37.43
N LYS F 69 -16.08 -16.32 -38.13
CA LYS F 69 -16.25 -14.87 -38.08
C LYS F 69 -17.56 -14.39 -38.69
N GLN F 70 -17.93 -14.90 -39.87
CA GLN F 70 -19.16 -14.41 -40.48
C GLN F 70 -20.38 -14.83 -39.67
N LEU F 71 -20.41 -16.08 -39.21
CA LEU F 71 -21.57 -16.54 -38.46
C LEU F 71 -21.70 -15.79 -37.15
N CYS F 72 -20.59 -15.65 -36.41
CA CYS F 72 -20.67 -14.97 -35.14
C CYS F 72 -21.00 -13.49 -35.33
N TYR F 73 -20.44 -12.88 -36.38
CA TYR F 73 -20.69 -11.47 -36.65
C TYR F 73 -22.13 -11.22 -37.07
N SER F 74 -22.81 -12.26 -37.56
CA SER F 74 -24.18 -12.07 -38.03
C SER F 74 -25.14 -11.68 -36.91
N ILE F 75 -24.76 -11.89 -35.64
CA ILE F 75 -25.60 -11.58 -34.49
C ILE F 75 -25.01 -10.45 -33.66
N LEU F 76 -24.06 -9.69 -34.21
CA LEU F 76 -23.42 -8.60 -33.50
C LEU F 76 -23.81 -7.22 -34.01
N THR F 77 -23.83 -6.29 -33.07
CA THR F 77 -23.89 -4.88 -33.38
C THR F 77 -22.53 -4.40 -33.83
N GLU F 78 -22.51 -3.21 -34.41
CA GLU F 78 -21.24 -2.65 -34.85
C GLU F 78 -20.33 -2.43 -33.65
N GLN F 79 -20.93 -2.05 -32.52
CA GLN F 79 -20.16 -1.91 -31.30
C GLN F 79 -19.67 -3.26 -30.80
N GLN F 80 -20.48 -4.31 -30.90
CA GLN F 80 -20.03 -5.61 -30.40
C GLN F 80 -18.93 -6.15 -31.29
N LYS F 81 -19.02 -5.91 -32.59
CA LYS F 81 -17.98 -6.33 -33.50
C LYS F 81 -16.69 -5.59 -33.19
N HIS F 82 -16.81 -4.27 -33.03
CA HIS F 82 -15.69 -3.44 -32.60
C HIS F 82 -15.13 -3.94 -31.28
N LYS F 83 -15.99 -4.44 -30.40
CA LYS F 83 -15.57 -4.78 -29.06
C LYS F 83 -14.77 -6.06 -29.05
N PHE F 84 -15.25 -7.07 -29.77
CA PHE F 84 -14.51 -8.31 -29.88
C PHE F 84 -13.21 -8.08 -30.62
N GLU F 85 -13.25 -7.28 -31.69
CA GLU F 85 -12.05 -7.01 -32.45
C GLU F 85 -11.07 -6.15 -31.67
N GLU F 86 -11.57 -5.43 -30.68
CA GLU F 86 -10.75 -4.61 -29.82
C GLU F 86 -10.08 -5.46 -28.76
N ASN F 87 -10.75 -6.53 -28.33
CA ASN F 87 -10.30 -7.32 -27.20
C ASN F 87 -10.03 -8.76 -27.52
N ASN F 88 -10.47 -9.25 -28.67
CA ASN F 88 -10.44 -10.67 -29.02
C ASN F 88 -11.21 -11.50 -28.00
N GLU F 89 -12.08 -10.86 -27.22
CA GLU F 89 -12.97 -11.47 -26.25
C GLU F 89 -14.29 -10.73 -26.23
N LEU F 90 -15.35 -11.46 -25.96
CA LEU F 90 -16.65 -10.84 -25.79
C LEU F 90 -17.52 -11.84 -25.07
N ASP F 91 -18.11 -11.42 -23.97
CA ASP F 91 -19.19 -12.11 -23.31
C ASP F 91 -20.43 -11.36 -23.71
N LEU F 92 -21.49 -12.08 -23.99
CA LEU F 92 -22.70 -11.40 -24.44
C LEU F 92 -23.87 -12.34 -24.23
N SER F 93 -25.08 -11.79 -24.31
CA SER F 93 -26.30 -12.57 -24.34
C SER F 93 -27.21 -12.03 -25.42
N PHE F 94 -28.07 -12.89 -25.92
CA PHE F 94 -28.97 -12.52 -26.99
C PHE F 94 -30.17 -13.45 -26.99
N GLY F 95 -31.21 -13.02 -27.68
CA GLY F 95 -32.44 -13.77 -27.78
C GLY F 95 -32.72 -14.07 -29.24
N ILE F 96 -33.35 -15.21 -29.47
CA ILE F 96 -33.88 -15.58 -30.76
C ILE F 96 -35.37 -15.68 -30.57
N LYS F 97 -36.09 -14.77 -31.22
CA LYS F 97 -37.51 -14.63 -31.03
C LYS F 97 -38.22 -15.93 -31.36
N GLY F 98 -39.09 -16.36 -30.46
CA GLY F 98 -39.83 -17.58 -30.64
C GLY F 98 -39.03 -18.84 -30.39
N LEU F 99 -37.75 -18.72 -30.03
CA LEU F 99 -36.90 -19.89 -29.79
C LEU F 99 -36.34 -19.90 -28.38
N SER F 100 -35.35 -19.07 -28.10
CA SER F 100 -34.68 -19.17 -26.81
C SER F 100 -33.73 -18.00 -26.71
N ARG F 101 -33.25 -17.76 -25.49
CA ARG F 101 -32.09 -16.93 -25.32
C ARG F 101 -30.85 -17.79 -25.23
N PHE F 102 -29.71 -17.14 -25.41
CA PHE F 102 -28.43 -17.81 -25.41
C PHE F 102 -27.43 -16.85 -24.79
N ARG F 103 -26.50 -17.44 -24.05
CA ARG F 103 -25.31 -16.75 -23.58
C ARG F 103 -24.15 -17.17 -24.45
N GLY F 104 -23.44 -16.19 -24.99
CA GLY F 104 -22.35 -16.42 -25.90
C GLY F 104 -21.05 -15.93 -25.31
N ASN F 105 -19.98 -16.62 -25.64
CA ASN F 105 -18.62 -16.14 -25.45
C ASN F 105 -17.91 -16.30 -26.77
N VAL F 106 -17.31 -15.23 -27.25
CA VAL F 106 -16.54 -15.25 -28.48
C VAL F 106 -15.12 -14.90 -28.08
N PHE F 107 -14.17 -15.61 -28.66
CA PHE F 107 -12.78 -15.37 -28.35
C PHE F 107 -11.97 -15.69 -29.60
N VAL F 108 -10.67 -15.63 -29.44
CA VAL F 108 -9.72 -15.88 -30.52
C VAL F 108 -8.73 -16.92 -30.03
N GLN F 109 -8.43 -17.88 -30.88
CA GLN F 109 -7.44 -18.90 -30.60
C GLN F 109 -6.73 -19.23 -31.90
N ARG F 110 -5.40 -19.32 -31.82
CA ARG F 110 -4.57 -19.62 -32.98
C ARG F 110 -4.80 -18.61 -34.10
N GLY F 111 -5.19 -17.40 -33.74
CA GLY F 111 -5.43 -16.38 -34.73
C GLY F 111 -6.78 -16.44 -35.40
N ALA F 112 -7.73 -17.21 -34.88
CA ALA F 112 -9.02 -17.38 -35.52
C ALA F 112 -10.13 -17.24 -34.49
N VAL F 113 -11.32 -16.89 -35.00
CA VAL F 113 -12.48 -16.72 -34.12
C VAL F 113 -12.95 -18.08 -33.63
N ALA F 114 -13.37 -18.12 -32.37
CA ALA F 114 -14.00 -19.27 -31.76
C ALA F 114 -15.16 -18.78 -30.91
N GLY F 115 -16.12 -19.66 -30.66
CA GLY F 115 -17.31 -19.28 -29.93
C GLY F 115 -17.86 -20.45 -29.14
N VAL F 116 -18.45 -20.13 -28.00
CA VAL F 116 -19.16 -21.10 -27.17
C VAL F 116 -20.51 -20.50 -26.79
N PHE F 117 -21.55 -21.32 -26.82
CA PHE F 117 -22.92 -20.84 -26.62
C PHE F 117 -23.74 -21.75 -25.72
N ARG F 118 -24.32 -21.14 -24.69
CA ARG F 118 -25.11 -21.78 -23.65
C ARG F 118 -26.57 -21.46 -23.96
N VAL F 119 -27.43 -22.44 -23.76
CA VAL F 119 -28.86 -22.25 -23.97
C VAL F 119 -29.46 -21.57 -22.75
N ILE F 120 -30.49 -20.76 -23.00
CA ILE F 120 -31.29 -20.16 -21.94
C ILE F 120 -32.75 -20.33 -22.38
N PRO F 121 -33.47 -21.32 -21.87
CA PRO F 121 -34.84 -21.54 -22.35
C PRO F 121 -35.73 -20.37 -21.98
N TYR F 122 -36.75 -20.13 -22.80
CA TYR F 122 -37.69 -19.10 -22.42
C TYR F 122 -38.50 -19.56 -21.22
N LYS F 123 -38.75 -20.85 -21.10
CA LYS F 123 -39.53 -21.39 -20.00
C LYS F 123 -38.62 -21.96 -18.92
N ILE F 124 -38.80 -21.47 -17.71
CA ILE F 124 -38.05 -21.91 -16.55
C ILE F 124 -38.78 -23.09 -15.92
N LEU F 125 -38.07 -24.20 -15.69
CA LEU F 125 -38.77 -25.32 -15.07
C LEU F 125 -39.00 -25.11 -13.59
N SER F 126 -39.99 -25.84 -13.10
CA SER F 126 -40.44 -25.81 -11.72
C SER F 126 -39.54 -26.71 -10.88
N PHE F 127 -39.74 -26.66 -9.56
CA PHE F 127 -38.93 -27.47 -8.67
C PHE F 127 -39.11 -28.96 -8.95
N GLU F 128 -40.36 -29.39 -9.10
CA GLU F 128 -40.62 -30.81 -9.32
C GLU F 128 -40.09 -31.26 -10.68
N GLU F 129 -40.18 -30.41 -11.70
CA GLU F 129 -39.61 -30.77 -12.99
C GLU F 129 -38.11 -30.90 -12.89
N LEU F 130 -37.51 -30.09 -12.03
CA LEU F 130 -36.08 -30.11 -11.81
C LEU F 130 -35.66 -31.12 -10.77
N GLY F 131 -36.63 -31.75 -10.10
CA GLY F 131 -36.30 -32.70 -9.06
C GLY F 131 -35.90 -32.01 -7.78
N LEU F 132 -36.30 -30.78 -7.62
CA LEU F 132 -35.97 -29.97 -6.46
C LEU F 132 -37.02 -30.15 -5.37
N PRO F 133 -36.65 -30.37 -4.11
CA PRO F 133 -37.66 -30.64 -3.10
C PRO F 133 -38.50 -29.41 -2.78
N PRO F 134 -39.67 -29.62 -2.17
CA PRO F 134 -40.57 -28.50 -1.85
C PRO F 134 -40.02 -27.44 -0.91
N VAL F 135 -39.00 -27.75 -0.11
CA VAL F 135 -38.50 -26.77 0.84
C VAL F 135 -37.90 -25.55 0.16
N VAL F 136 -37.37 -25.69 -1.05
CA VAL F 136 -36.86 -24.52 -1.73
C VAL F 136 -38.02 -23.60 -2.08
N ARG F 137 -39.17 -24.17 -2.42
CA ARG F 137 -40.33 -23.34 -2.69
C ARG F 137 -40.75 -22.59 -1.43
N GLU F 138 -40.64 -23.22 -0.25
CA GLU F 138 -41.02 -22.49 0.94
C GLU F 138 -39.99 -21.41 1.24
N LEU F 139 -38.75 -21.65 0.83
CA LEU F 139 -37.70 -20.65 0.93
C LEU F 139 -38.01 -19.48 0.01
N ALA F 140 -38.69 -19.75 -1.10
CA ALA F 140 -39.10 -18.71 -2.02
C ALA F 140 -40.11 -17.75 -1.42
N GLU F 141 -40.68 -18.06 -0.25
CA GLU F 141 -41.62 -17.17 0.41
C GLU F 141 -40.93 -16.33 1.48
N LYS F 142 -39.64 -16.54 1.69
CA LYS F 142 -38.88 -15.81 2.68
C LYS F 142 -38.83 -14.34 2.27
N PRO F 143 -39.07 -13.39 3.16
CA PRO F 143 -39.02 -11.99 2.71
C PRO F 143 -37.61 -11.49 2.52
N ARG F 144 -36.64 -12.02 3.24
CA ARG F 144 -35.28 -11.53 3.12
C ARG F 144 -34.25 -12.56 3.58
N GLY F 145 -33.03 -12.28 3.18
CA GLY F 145 -31.83 -12.98 3.56
C GLY F 145 -31.14 -13.50 2.32
N LEU F 146 -30.04 -14.22 2.55
CA LEU F 146 -29.25 -14.77 1.46
C LEU F 146 -29.33 -16.28 1.47
N VAL F 147 -29.77 -16.84 0.34
CA VAL F 147 -29.83 -18.28 0.11
C VAL F 147 -28.95 -18.52 -1.11
N LEU F 148 -27.98 -19.41 -0.98
CA LEU F 148 -26.98 -19.64 -2.01
C LEU F 148 -27.09 -21.02 -2.66
N VAL F 149 -27.07 -21.01 -3.98
CA VAL F 149 -27.07 -22.20 -4.83
C VAL F 149 -25.74 -22.19 -5.57
N THR F 150 -24.89 -23.17 -5.27
CA THR F 150 -23.52 -23.18 -5.73
C THR F 150 -23.27 -24.44 -6.53
N GLY F 151 -22.12 -24.46 -7.20
CA GLY F 151 -21.74 -25.58 -8.01
C GLY F 151 -20.93 -25.05 -9.18
N PRO F 152 -20.39 -25.95 -9.98
CA PRO F 152 -19.59 -25.52 -11.12
C PRO F 152 -20.46 -24.81 -12.15
N THR F 153 -19.77 -24.25 -13.14
CA THR F 153 -20.42 -23.52 -14.21
C THR F 153 -21.37 -24.43 -14.98
N GLY F 154 -22.57 -23.91 -15.21
CA GLY F 154 -23.55 -24.65 -15.97
C GLY F 154 -24.12 -25.84 -15.24
N SER F 155 -24.21 -25.76 -13.93
CA SER F 155 -24.72 -26.84 -13.11
C SER F 155 -26.18 -26.61 -12.78
N GLY F 156 -26.82 -25.68 -13.49
CA GLY F 156 -28.21 -25.35 -13.37
C GLY F 156 -28.47 -24.23 -12.41
N LYS F 157 -27.41 -23.52 -12.00
CA LYS F 157 -27.55 -22.54 -10.94
C LYS F 157 -28.41 -21.38 -11.41
N SER F 158 -28.11 -20.84 -12.58
CA SER F 158 -28.90 -19.74 -13.08
C SER F 158 -30.32 -20.20 -13.34
N THR F 159 -30.48 -21.44 -13.80
CA THR F 159 -31.81 -21.99 -14.06
C THR F 159 -32.59 -22.18 -12.76
N THR F 160 -31.92 -22.72 -11.74
CA THR F 160 -32.54 -22.88 -10.43
C THR F 160 -32.92 -21.54 -9.83
N LEU F 161 -32.01 -20.60 -9.94
CA LEU F 161 -32.23 -19.27 -9.41
C LEU F 161 -33.39 -18.63 -10.12
N ALA F 162 -33.46 -18.84 -11.42
CA ALA F 162 -34.54 -18.30 -12.22
C ALA F 162 -35.87 -18.92 -11.82
N ALA F 163 -35.88 -20.21 -11.49
CA ALA F 163 -37.14 -20.82 -11.08
C ALA F 163 -37.64 -20.22 -9.79
N ILE F 164 -36.74 -20.01 -8.83
CA ILE F 164 -37.16 -19.39 -7.56
C ILE F 164 -37.63 -17.97 -7.82
N ILE F 165 -36.93 -17.30 -8.73
CA ILE F 165 -37.23 -15.91 -9.06
C ILE F 165 -38.60 -15.82 -9.69
N ASP F 166 -38.86 -16.68 -10.66
CA ASP F 166 -40.13 -16.69 -11.36
C ASP F 166 -41.26 -17.02 -10.41
N LYS F 167 -40.98 -17.87 -9.42
CA LYS F 167 -42.02 -18.17 -8.44
C LYS F 167 -42.36 -16.94 -7.63
N ILE F 168 -41.34 -16.21 -7.17
CA ILE F 168 -41.60 -14.96 -6.46
C ILE F 168 -42.31 -13.95 -7.35
N ASN F 169 -41.84 -13.79 -8.59
CA ASN F 169 -42.48 -12.88 -9.53
C ASN F 169 -43.94 -13.22 -9.70
N THR F 170 -44.24 -14.50 -9.69
CA THR F 170 -45.61 -14.94 -9.88
C THR F 170 -46.41 -14.66 -8.62
N ASP F 171 -45.79 -14.82 -7.45
CA ASP F 171 -46.53 -14.91 -6.20
C ASP F 171 -46.52 -13.62 -5.39
N ARG F 172 -45.53 -12.75 -5.59
CA ARG F 172 -45.38 -11.58 -4.74
C ARG F 172 -45.62 -10.30 -5.52
N HIS F 173 -45.96 -9.26 -4.77
CA HIS F 173 -46.07 -7.90 -5.28
C HIS F 173 -44.90 -7.09 -4.75
N GLU F 174 -43.71 -7.44 -5.24
CA GLU F 174 -42.46 -6.89 -4.74
C GLU F 174 -41.58 -6.48 -5.91
N HIS F 175 -40.44 -5.90 -5.59
CA HIS F 175 -39.51 -5.36 -6.58
C HIS F 175 -38.32 -6.29 -6.66
N ILE F 176 -38.14 -6.88 -7.83
CA ILE F 176 -37.03 -7.78 -8.11
C ILE F 176 -36.05 -7.03 -9.00
N VAL F 177 -34.79 -6.98 -8.59
CA VAL F 177 -33.71 -6.40 -9.39
C VAL F 177 -32.62 -7.43 -9.62
N THR F 178 -32.19 -7.58 -10.87
CA THR F 178 -31.04 -8.42 -11.16
C THR F 178 -29.93 -7.59 -11.77
N VAL F 179 -28.70 -7.92 -11.40
CA VAL F 179 -27.50 -7.34 -12.00
C VAL F 179 -26.67 -8.49 -12.53
N GLU F 180 -26.42 -8.48 -13.83
CA GLU F 180 -25.87 -9.63 -14.53
C GLU F 180 -24.87 -9.17 -15.57
N ASP F 181 -23.86 -9.99 -15.85
CA ASP F 181 -22.84 -9.62 -16.84
C ASP F 181 -22.59 -10.88 -17.65
N PRO F 182 -23.45 -11.18 -18.65
CA PRO F 182 -24.64 -10.45 -19.08
C PRO F 182 -25.93 -10.98 -18.49
N ILE F 183 -27.04 -10.34 -18.85
CA ILE F 183 -28.35 -10.85 -18.46
C ILE F 183 -28.59 -12.18 -19.16
N GLU F 184 -28.93 -13.20 -18.38
CA GLU F 184 -29.21 -14.51 -18.94
C GLU F 184 -30.70 -14.79 -19.01
N TYR F 185 -31.30 -15.33 -17.95
CA TYR F 185 -32.72 -15.60 -17.91
C TYR F 185 -33.49 -14.29 -17.86
N LEU F 186 -34.52 -14.15 -18.69
CA LEU F 186 -35.43 -13.01 -18.61
C LEU F 186 -36.66 -13.35 -17.81
N HIS F 187 -37.04 -12.46 -16.90
CA HIS F 187 -38.20 -12.61 -16.05
C HIS F 187 -39.17 -11.48 -16.31
N PRO F 188 -39.98 -11.55 -17.36
CA PRO F 188 -41.02 -10.53 -17.54
C PRO F 188 -41.95 -10.47 -16.34
N HIS F 189 -42.69 -9.37 -16.27
CA HIS F 189 -43.44 -9.06 -15.07
C HIS F 189 -44.57 -10.07 -14.87
N LYS F 190 -44.70 -10.58 -13.65
CA LYS F 190 -45.87 -11.37 -13.29
C LYS F 190 -46.65 -10.59 -12.24
N SER F 191 -46.41 -10.86 -10.95
CA SER F 191 -46.96 -10.05 -9.87
C SER F 191 -45.97 -9.02 -9.34
N CYS F 192 -44.67 -9.24 -9.57
CA CYS F 192 -43.62 -8.31 -9.18
C CYS F 192 -43.31 -7.36 -10.32
N VAL F 193 -42.61 -6.29 -9.97
CA VAL F 193 -41.90 -5.47 -10.94
C VAL F 193 -40.48 -5.99 -10.98
N VAL F 194 -40.04 -6.43 -12.15
CA VAL F 194 -38.76 -7.06 -12.35
C VAL F 194 -37.94 -6.19 -13.29
N ASN F 195 -36.82 -5.70 -12.79
CA ASN F 195 -35.86 -4.93 -13.58
C ASN F 195 -34.54 -5.69 -13.66
N GLN F 196 -34.02 -5.83 -14.89
CA GLN F 196 -32.82 -6.61 -15.13
C GLN F 196 -31.79 -5.73 -15.80
N ARG F 197 -30.66 -5.58 -15.14
CA ARG F 197 -29.57 -4.69 -15.52
C ARG F 197 -28.33 -5.47 -15.96
N GLU F 198 -27.87 -5.16 -17.17
CA GLU F 198 -26.70 -5.81 -17.72
C GLU F 198 -25.54 -4.86 -17.42
N VAL F 199 -24.49 -5.37 -16.75
CA VAL F 199 -23.34 -4.56 -16.45
C VAL F 199 -22.61 -4.16 -17.73
N GLY F 200 -22.22 -2.88 -17.80
CA GLY F 200 -21.54 -2.35 -18.96
C GLY F 200 -22.44 -1.74 -20.01
N ALA F 201 -23.76 -1.84 -19.85
CA ALA F 201 -24.72 -1.23 -20.76
C ALA F 201 -25.78 -0.55 -19.93
N ASP F 202 -26.49 -1.32 -19.11
CA ASP F 202 -27.53 -0.76 -18.24
C ASP F 202 -26.89 -0.04 -17.06
N THR F 203 -25.76 -0.54 -16.56
CA THR F 203 -25.05 0.03 -15.43
C THR F 203 -23.56 -0.06 -15.71
N LYS F 204 -22.80 0.86 -15.11
CA LYS F 204 -21.38 0.95 -15.42
C LYS F 204 -20.64 -0.28 -14.93
N SER F 205 -21.06 -0.80 -13.79
CA SER F 205 -20.34 -1.86 -13.12
C SER F 205 -21.25 -2.45 -12.06
N PHE F 206 -20.85 -3.60 -11.54
CA PHE F 206 -21.51 -4.14 -10.37
C PHE F 206 -21.43 -3.12 -9.25
N LYS F 207 -20.28 -2.48 -9.13
CA LYS F 207 -20.04 -1.50 -8.10
C LYS F 207 -21.02 -0.34 -8.27
N ASN F 208 -21.25 0.09 -9.50
CA ASN F 208 -22.14 1.21 -9.77
C ASN F 208 -23.58 0.79 -9.48
N ALA F 209 -23.89 -0.45 -9.83
CA ALA F 209 -25.21 -0.98 -9.53
C ALA F 209 -25.42 -0.94 -8.03
N LEU F 210 -24.42 -1.35 -7.26
CA LEU F 210 -24.57 -1.29 -5.81
C LEU F 210 -24.61 0.14 -5.32
N LYS F 211 -24.05 1.06 -6.10
CA LYS F 211 -24.08 2.45 -5.69
C LYS F 211 -25.49 2.99 -5.77
N TYR F 212 -26.30 2.44 -6.66
CA TYR F 212 -27.66 2.95 -6.86
C TYR F 212 -28.75 2.00 -6.43
N ILE F 213 -28.41 0.79 -5.99
CA ILE F 213 -29.46 -0.20 -5.74
C ILE F 213 -30.34 0.15 -4.55
N LEU F 214 -29.78 0.80 -3.55
CA LEU F 214 -30.56 1.15 -2.37
C LEU F 214 -31.51 2.29 -2.61
N ARG F 215 -31.30 3.09 -3.64
CA ARG F 215 -32.21 4.15 -3.99
C ARG F 215 -33.27 3.72 -4.97
N GLN F 216 -33.33 2.43 -5.29
CA GLN F 216 -34.28 1.90 -6.25
C GLN F 216 -35.35 1.05 -5.56
N ASP F 217 -35.44 1.15 -4.23
CA ASP F 217 -36.48 0.50 -3.45
C ASP F 217 -36.69 -0.99 -3.76
N PRO F 218 -35.64 -1.80 -3.74
CA PRO F 218 -35.83 -3.22 -4.04
C PRO F 218 -36.27 -4.00 -2.83
N ASP F 219 -36.86 -5.14 -3.14
CA ASP F 219 -37.19 -6.18 -2.18
C ASP F 219 -36.40 -7.46 -2.40
N VAL F 220 -36.16 -7.81 -3.66
CA VAL F 220 -35.47 -9.02 -4.04
C VAL F 220 -34.35 -8.66 -4.99
N VAL F 221 -33.16 -9.23 -4.75
CA VAL F 221 -31.98 -8.89 -5.54
C VAL F 221 -31.20 -10.12 -5.97
N LEU F 222 -30.83 -10.13 -7.24
CA LEU F 222 -29.90 -11.09 -7.83
C LEU F 222 -28.63 -10.32 -8.12
N VAL F 223 -27.50 -10.76 -7.56
CA VAL F 223 -26.26 -10.01 -7.65
C VAL F 223 -25.22 -10.69 -8.52
N GLY F 224 -25.51 -11.86 -9.08
CA GLY F 224 -24.50 -12.49 -9.91
C GLY F 224 -23.44 -13.18 -9.06
N GLU F 225 -22.24 -13.27 -9.61
CA GLU F 225 -21.16 -13.98 -8.95
C GLU F 225 -20.62 -13.16 -7.78
N LEU F 226 -20.30 -13.87 -6.70
CA LEU F 226 -19.59 -13.31 -5.55
C LEU F 226 -18.11 -13.16 -5.89
N ARG F 227 -17.81 -12.12 -6.66
CA ARG F 227 -16.51 -12.03 -7.28
C ARG F 227 -15.42 -11.56 -6.34
N ASP F 228 -15.76 -10.72 -5.35
CA ASP F 228 -14.74 -10.17 -4.46
C ASP F 228 -15.33 -9.92 -3.09
N LEU F 229 -14.47 -9.47 -2.18
CA LEU F 229 -14.89 -9.18 -0.81
C LEU F 229 -15.95 -8.08 -0.80
N GLU F 230 -15.79 -7.10 -1.70
CA GLU F 230 -16.73 -5.99 -1.75
C GLU F 230 -18.13 -6.47 -2.07
N THR F 231 -18.23 -7.38 -3.02
CA THR F 231 -19.52 -7.97 -3.34
C THR F 231 -20.10 -8.70 -2.15
N ILE F 232 -19.23 -9.37 -1.39
CA ILE F 232 -19.69 -10.06 -0.17
C ILE F 232 -20.26 -9.05 0.82
N GLU F 233 -19.56 -7.94 1.01
CA GLU F 233 -20.03 -6.91 1.94
C GLU F 233 -21.35 -6.32 1.47
N ALA F 234 -21.48 -6.16 0.15
CA ALA F 234 -22.72 -5.65 -0.41
C ALA F 234 -23.86 -6.62 -0.15
N ALA F 235 -23.59 -7.90 -0.29
CA ALA F 235 -24.62 -8.90 -0.07
C ALA F 235 -25.02 -8.96 1.39
N LEU F 236 -24.06 -8.85 2.30
CA LEU F 236 -24.38 -8.82 3.72
C LEU F 236 -25.21 -7.60 4.06
N THR F 237 -24.88 -6.47 3.43
CA THR F 237 -25.64 -5.26 3.67
C THR F 237 -27.07 -5.40 3.16
N LEU F 238 -27.22 -5.92 1.95
CA LEU F 238 -28.54 -6.15 1.38
C LEU F 238 -29.38 -7.08 2.24
N ALA F 239 -28.81 -8.20 2.67
CA ALA F 239 -29.60 -9.16 3.43
C ALA F 239 -29.96 -8.60 4.80
N GLU F 240 -29.15 -7.70 5.35
CA GLU F 240 -29.44 -7.15 6.65
C GLU F 240 -30.33 -5.91 6.58
N THR F 241 -30.41 -5.26 5.41
CA THR F 241 -31.18 -4.03 5.25
C THR F 241 -32.60 -4.28 4.75
N GLY F 242 -33.12 -5.48 4.93
CA GLY F 242 -34.51 -5.74 4.60
C GLY F 242 -34.75 -6.27 3.22
N HIS F 243 -33.72 -6.75 2.54
CA HIS F 243 -33.84 -7.24 1.18
C HIS F 243 -33.60 -8.74 1.12
N LEU F 244 -34.15 -9.33 0.08
CA LEU F 244 -33.88 -10.71 -0.28
C LEU F 244 -32.79 -10.74 -1.34
N CYS F 245 -31.65 -11.30 -0.99
CA CYS F 245 -30.47 -11.28 -1.84
C CYS F 245 -30.14 -12.68 -2.35
N PHE F 246 -29.96 -12.79 -3.65
CA PHE F 246 -29.54 -14.00 -4.32
C PHE F 246 -28.13 -13.87 -4.86
N ALA F 247 -27.33 -14.91 -4.65
CA ALA F 247 -25.97 -14.91 -5.18
C ALA F 247 -25.53 -16.35 -5.44
N THR F 248 -24.47 -16.49 -6.22
CA THR F 248 -23.91 -17.79 -6.58
C THR F 248 -22.46 -17.90 -6.14
N LEU F 249 -22.03 -19.14 -5.96
CA LEU F 249 -20.63 -19.47 -5.80
C LEU F 249 -20.35 -20.75 -6.55
N HIS F 250 -19.07 -20.98 -6.84
CA HIS F 250 -18.64 -22.20 -7.48
C HIS F 250 -18.09 -23.19 -6.45
N THR F 251 -18.49 -23.06 -5.19
CA THR F 251 -18.08 -24.03 -4.18
C THR F 251 -18.96 -25.26 -4.23
N ASN F 252 -18.46 -26.34 -3.61
CA ASN F 252 -19.07 -27.65 -3.73
C ASN F 252 -19.70 -28.13 -2.43
N SER F 253 -19.56 -27.39 -1.34
CA SER F 253 -20.19 -27.82 -0.09
C SER F 253 -20.43 -26.62 0.80
N ALA F 254 -21.26 -26.83 1.81
CA ALA F 254 -21.57 -25.77 2.76
C ALA F 254 -20.34 -25.38 3.56
N VAL F 255 -19.61 -26.37 4.07
CA VAL F 255 -18.43 -26.09 4.87
C VAL F 255 -17.36 -25.44 4.02
N GLN F 256 -17.12 -25.98 2.83
CA GLN F 256 -16.13 -25.38 1.94
C GLN F 256 -16.54 -23.96 1.57
N THR F 257 -17.84 -23.75 1.43
CA THR F 257 -18.35 -22.42 1.12
C THR F 257 -18.09 -21.45 2.26
N ILE F 258 -18.43 -21.87 3.48
CA ILE F 258 -18.28 -21.01 4.63
C ILE F 258 -16.82 -20.69 4.89
N ASN F 259 -15.94 -21.69 4.80
CA ASN F 259 -14.54 -21.43 5.01
C ASN F 259 -14.03 -20.46 3.95
N ARG F 260 -14.46 -20.67 2.71
CA ARG F 260 -14.03 -19.79 1.64
C ARG F 260 -14.47 -18.37 1.92
N ILE F 261 -15.71 -18.22 2.38
CA ILE F 261 -16.29 -16.90 2.64
C ILE F 261 -15.58 -16.20 3.79
N VAL F 262 -15.27 -16.93 4.86
CA VAL F 262 -14.65 -16.27 5.99
C VAL F 262 -13.24 -15.85 5.61
N ASP F 263 -12.53 -16.73 4.92
CA ASP F 263 -11.12 -16.50 4.72
C ASP F 263 -10.85 -15.39 3.70
N VAL F 264 -11.86 -14.93 2.97
CA VAL F 264 -11.59 -13.82 2.05
C VAL F 264 -11.39 -12.55 2.86
N PHE F 265 -11.86 -12.53 4.11
CA PHE F 265 -11.76 -11.32 4.89
C PHE F 265 -10.46 -11.25 5.69
N PRO F 266 -9.99 -10.04 5.98
CA PRO F 266 -8.87 -9.91 6.89
C PRO F 266 -9.26 -10.52 8.23
N SER F 267 -8.26 -10.98 8.96
CA SER F 267 -8.50 -11.78 10.16
C SER F 267 -9.33 -10.99 11.17
N TYR F 268 -9.16 -9.67 11.21
CA TYR F 268 -9.84 -8.85 12.20
C TYR F 268 -11.33 -8.71 11.93
N GLN F 269 -11.78 -8.90 10.69
CA GLN F 269 -13.18 -8.77 10.35
C GLN F 269 -13.92 -10.09 10.27
N GLN F 270 -13.23 -11.20 10.33
CA GLN F 270 -13.93 -12.48 10.33
C GLN F 270 -14.88 -12.65 11.52
N PRO F 271 -14.56 -12.18 12.74
CA PRO F 271 -15.57 -12.24 13.82
C PRO F 271 -16.88 -11.57 13.47
N GLN F 272 -16.80 -10.37 12.89
CA GLN F 272 -17.99 -9.65 12.47
C GLN F 272 -18.71 -10.38 11.38
N VAL F 273 -17.94 -10.92 10.44
CA VAL F 273 -18.54 -11.63 9.33
C VAL F 273 -19.29 -12.83 9.87
N ARG F 274 -18.72 -13.53 10.84
CA ARG F 274 -19.41 -14.66 11.44
C ARG F 274 -20.70 -14.22 12.12
N ALA F 275 -20.68 -13.10 12.82
CA ALA F 275 -21.92 -12.63 13.44
C ALA F 275 -22.96 -12.23 12.40
N GLN F 276 -22.51 -11.51 11.38
CA GLN F 276 -23.36 -11.08 10.29
C GLN F 276 -23.95 -12.27 9.56
N LEU F 277 -23.09 -13.20 9.18
CA LEU F 277 -23.53 -14.40 8.48
C LEU F 277 -24.54 -15.16 9.30
N SER F 278 -24.29 -15.28 10.60
CA SER F 278 -25.22 -15.99 11.46
C SER F 278 -26.56 -15.30 11.48
N PHE F 279 -26.57 -13.99 11.27
CA PHE F 279 -27.83 -13.25 11.30
C PHE F 279 -28.55 -13.34 9.97
N VAL F 280 -27.83 -13.16 8.87
CA VAL F 280 -28.46 -12.97 7.58
C VAL F 280 -28.56 -14.24 6.73
N LEU F 281 -27.73 -15.23 7.01
CA LEU F 281 -27.72 -16.46 6.21
C LEU F 281 -29.01 -17.23 6.37
N GLU F 282 -29.63 -17.59 5.25
CA GLU F 282 -30.86 -18.35 5.27
C GLU F 282 -30.76 -19.70 4.56
N GLY F 283 -29.72 -19.94 3.77
CA GLY F 283 -29.58 -21.22 3.11
C GLY F 283 -28.32 -21.39 2.27
N VAL F 284 -27.72 -22.58 2.27
CA VAL F 284 -26.61 -22.88 1.38
C VAL F 284 -26.88 -24.18 0.64
N LEU F 285 -26.91 -24.11 -0.69
CA LEU F 285 -27.10 -25.26 -1.56
C LEU F 285 -25.85 -25.41 -2.40
N SER F 286 -25.39 -26.66 -2.57
CA SER F 286 -24.27 -26.97 -3.45
C SER F 286 -24.70 -28.08 -4.38
N GLN F 287 -24.85 -27.75 -5.66
CA GLN F 287 -25.51 -28.60 -6.63
C GLN F 287 -24.59 -28.91 -7.80
N THR F 288 -24.96 -29.96 -8.52
CA THR F 288 -24.22 -30.42 -9.70
C THR F 288 -25.20 -31.14 -10.61
N LEU F 289 -24.98 -31.02 -11.92
CA LEU F 289 -25.69 -31.84 -12.91
C LEU F 289 -24.75 -32.98 -13.30
N LEU F 290 -25.23 -34.21 -13.16
CA LEU F 290 -24.56 -35.47 -13.39
C LEU F 290 -25.19 -36.23 -14.54
N PRO F 291 -24.43 -37.00 -15.31
CA PRO F 291 -25.08 -37.84 -16.32
C PRO F 291 -25.94 -38.88 -15.61
N LYS F 292 -27.13 -39.09 -16.13
CA LYS F 292 -28.03 -40.07 -15.54
C LYS F 292 -27.53 -41.50 -15.71
N ALA F 293 -27.94 -42.34 -14.76
CA ALA F 293 -27.56 -43.74 -14.77
C ALA F 293 -28.14 -44.44 -15.99
N SER F 294 -29.27 -43.95 -16.51
CA SER F 294 -29.86 -44.56 -17.69
C SER F 294 -29.03 -44.34 -18.94
N GLY F 295 -28.15 -43.35 -18.93
CA GLY F 295 -27.34 -43.00 -20.08
C GLY F 295 -27.95 -41.95 -20.96
N THR F 296 -29.11 -41.40 -20.60
CA THR F 296 -29.80 -40.37 -21.36
C THR F 296 -30.29 -39.32 -20.38
N GLY F 297 -29.91 -38.06 -20.60
CA GLY F 297 -30.33 -37.01 -19.71
C GLY F 297 -29.36 -36.83 -18.56
N ARG F 298 -29.60 -35.77 -17.79
CA ARG F 298 -28.78 -35.48 -16.61
C ARG F 298 -29.66 -35.27 -15.41
N VAL F 299 -29.09 -35.59 -14.25
CA VAL F 299 -29.76 -35.57 -12.96
C VAL F 299 -29.01 -34.68 -11.98
N LEU F 300 -29.77 -33.96 -11.16
CA LEU F 300 -29.19 -33.02 -10.21
C LEU F 300 -28.82 -33.76 -8.93
N ALA F 301 -27.59 -33.61 -8.48
CA ALA F 301 -27.17 -34.03 -7.15
C ALA F 301 -26.89 -32.77 -6.35
N ILE F 302 -27.52 -32.67 -5.17
CA ILE F 302 -27.49 -31.41 -4.43
C ILE F 302 -27.35 -31.71 -2.94
N GLU F 303 -26.46 -30.96 -2.29
CA GLU F 303 -26.30 -30.95 -0.85
C GLU F 303 -26.98 -29.69 -0.30
N VAL F 304 -27.82 -29.87 0.72
CA VAL F 304 -28.67 -28.81 1.28
C VAL F 304 -28.33 -28.56 2.73
N MET F 305 -28.01 -27.30 3.05
CA MET F 305 -27.78 -26.81 4.41
C MET F 305 -28.76 -25.69 4.71
N VAL F 306 -29.59 -25.88 5.73
CA VAL F 306 -30.52 -24.86 6.21
C VAL F 306 -30.11 -24.45 7.61
N PRO F 307 -29.69 -23.21 7.86
CA PRO F 307 -29.18 -22.86 9.20
C PRO F 307 -30.28 -22.93 10.25
N ASN F 308 -30.01 -23.62 11.34
CA ASN F 308 -30.82 -23.54 12.54
C ASN F 308 -30.07 -22.73 13.58
N PRO F 309 -30.72 -22.37 14.70
CA PRO F 309 -30.02 -21.64 15.77
C PRO F 309 -28.72 -22.30 16.20
N ALA F 310 -28.68 -23.63 16.19
CA ALA F 310 -27.47 -24.31 16.57
C ALA F 310 -26.40 -24.03 15.53
N ILE F 311 -26.80 -24.06 14.26
CA ILE F 311 -25.87 -23.79 13.18
C ILE F 311 -25.44 -22.33 13.25
N ARG F 312 -26.38 -21.44 13.55
CA ARG F 312 -26.05 -20.02 13.67
C ARG F 312 -25.04 -19.80 14.79
N ASN F 313 -25.16 -20.58 15.86
CA ASN F 313 -24.17 -20.49 16.93
C ASN F 313 -22.83 -20.98 16.39
N LEU F 314 -22.83 -22.07 15.64
CA LEU F 314 -21.59 -22.58 15.05
C LEU F 314 -20.97 -21.54 14.13
N ILE F 315 -21.80 -20.77 13.44
CA ILE F 315 -21.31 -19.71 12.57
C ILE F 315 -20.64 -18.64 13.39
N ARG F 316 -21.28 -18.22 14.48
CA ARG F 316 -20.71 -17.18 15.31
C ARG F 316 -19.45 -17.63 16.03
N GLU F 317 -19.45 -18.87 16.48
CA GLU F 317 -18.34 -19.42 17.24
C GLU F 317 -17.16 -19.96 16.43
N ASP F 318 -17.16 -19.86 15.10
CA ASP F 318 -16.03 -20.39 14.33
C ASP F 318 -15.81 -21.89 14.61
N LYS F 319 -16.91 -22.64 14.62
CA LYS F 319 -16.88 -24.09 14.80
C LYS F 319 -17.43 -24.81 13.58
N ILE F 320 -16.81 -24.46 12.45
CA ILE F 320 -17.32 -24.78 11.13
C ILE F 320 -17.40 -26.28 10.89
N HIS F 321 -16.40 -27.02 11.36
CA HIS F 321 -16.24 -28.41 10.94
C HIS F 321 -17.43 -29.28 11.33
N GLN F 322 -18.05 -28.96 12.47
CA GLN F 322 -19.19 -29.71 12.98
C GLN F 322 -20.48 -29.39 12.25
N ILE F 323 -20.44 -28.48 11.28
CA ILE F 323 -21.64 -28.14 10.52
C ILE F 323 -22.09 -29.32 9.70
N TYR F 324 -21.15 -30.12 9.23
CA TYR F 324 -21.51 -31.27 8.43
C TYR F 324 -22.41 -32.21 9.22
N SER F 325 -22.14 -32.32 10.52
CA SER F 325 -22.96 -33.18 11.35
C SER F 325 -24.38 -32.65 11.45
N GLN F 326 -24.56 -31.34 11.48
CA GLN F 326 -25.92 -30.82 11.53
C GLN F 326 -26.66 -31.16 10.26
N MET F 327 -25.97 -31.13 9.13
CA MET F 327 -26.65 -31.46 7.89
C MET F 327 -27.00 -32.94 7.87
N GLN F 328 -26.19 -33.75 8.55
CA GLN F 328 -26.46 -35.17 8.57
C GLN F 328 -27.75 -35.46 9.33
N VAL F 329 -28.13 -34.56 10.25
CA VAL F 329 -29.27 -34.76 11.12
C VAL F 329 -30.38 -33.75 10.90
N GLY F 330 -30.30 -32.94 9.84
CA GLY F 330 -31.34 -31.95 9.64
C GLY F 330 -32.32 -32.34 8.57
N GLN F 331 -32.43 -33.64 8.30
CA GLN F 331 -33.30 -34.11 7.23
C GLN F 331 -34.77 -33.94 7.63
N GLU F 332 -35.11 -34.47 8.80
CA GLU F 332 -36.50 -34.49 9.23
C GLU F 332 -37.00 -33.12 9.65
N LYS F 333 -36.16 -32.33 10.33
CA LYS F 333 -36.64 -31.09 10.89
C LYS F 333 -36.70 -30.00 9.84
N PHE F 334 -35.60 -29.80 9.12
CA PHE F 334 -35.43 -28.69 8.20
C PHE F 334 -35.28 -29.08 6.74
N GLY F 335 -35.32 -30.37 6.41
CA GLY F 335 -35.14 -30.71 5.03
C GLY F 335 -33.70 -30.62 4.58
N MET F 336 -32.75 -30.63 5.51
CA MET F 336 -31.35 -30.55 5.14
C MET F 336 -30.92 -31.88 4.55
N MET F 337 -29.80 -31.85 3.85
CA MET F 337 -29.38 -33.06 3.14
C MET F 337 -27.93 -32.92 2.73
N THR F 338 -27.11 -33.83 3.24
CA THR F 338 -25.74 -33.92 2.81
C THR F 338 -25.68 -34.48 1.40
N MET F 339 -24.53 -34.30 0.77
CA MET F 339 -24.36 -34.83 -0.58
C MET F 339 -24.53 -36.34 -0.55
N ASN F 340 -24.00 -37.01 0.47
CA ASN F 340 -24.15 -38.46 0.56
C ASN F 340 -25.61 -38.84 0.69
N GLN F 341 -26.40 -38.05 1.41
CA GLN F 341 -27.83 -38.32 1.52
C GLN F 341 -28.54 -38.15 0.18
N CYS F 342 -28.06 -37.21 -0.63
CA CYS F 342 -28.62 -37.05 -1.97
C CYS F 342 -28.23 -38.21 -2.86
N LEU F 343 -26.98 -38.64 -2.76
CA LEU F 343 -26.52 -39.80 -3.51
C LEU F 343 -27.31 -41.02 -3.10
N TYR F 344 -27.63 -41.13 -1.81
CA TYR F 344 -28.48 -42.22 -1.35
C TYR F 344 -29.83 -42.21 -2.03
N GLY F 345 -30.47 -41.05 -2.11
CA GLY F 345 -31.78 -41.05 -2.75
C GLY F 345 -31.69 -41.36 -4.23
N LEU F 346 -30.68 -40.81 -4.89
CA LEU F 346 -30.48 -41.08 -6.30
C LEU F 346 -30.09 -42.53 -6.58
N LEU F 347 -29.35 -43.16 -5.66
CA LEU F 347 -28.95 -44.54 -5.84
C LEU F 347 -30.08 -45.51 -5.62
N GLN F 348 -30.88 -45.28 -4.58
CA GLN F 348 -32.01 -46.16 -4.35
C GLN F 348 -32.99 -46.02 -5.49
N LYS F 349 -33.13 -44.81 -6.02
CA LYS F 349 -33.96 -44.56 -7.17
C LYS F 349 -33.26 -44.87 -8.48
N ARG F 350 -32.01 -45.35 -8.44
CA ARG F 350 -31.26 -45.75 -9.63
C ARG F 350 -31.08 -44.59 -10.60
N HIS F 351 -31.01 -43.38 -10.06
CA HIS F 351 -30.78 -42.19 -10.86
C HIS F 351 -29.31 -42.00 -11.22
N ILE F 352 -28.42 -42.48 -10.36
CA ILE F 352 -26.98 -42.38 -10.55
C ILE F 352 -26.36 -43.74 -10.35
N THR F 353 -25.16 -43.91 -10.89
CA THR F 353 -24.47 -45.17 -10.69
C THR F 353 -23.78 -45.18 -9.34
N MET F 354 -23.41 -46.39 -8.92
CA MET F 354 -22.71 -46.59 -7.66
C MET F 354 -21.33 -45.95 -7.67
N ASP F 355 -20.63 -46.05 -8.80
CA ASP F 355 -19.29 -45.52 -8.90
C ASP F 355 -19.23 -44.00 -8.77
N VAL F 356 -20.16 -43.26 -9.35
CA VAL F 356 -20.09 -41.81 -9.23
C VAL F 356 -20.36 -41.37 -7.79
N GLY F 357 -21.38 -41.95 -7.18
CA GLY F 357 -21.70 -41.62 -5.81
C GLY F 357 -20.60 -42.00 -4.86
N MET F 358 -20.01 -43.17 -5.07
CA MET F 358 -18.94 -43.61 -4.20
C MET F 358 -17.68 -42.79 -4.46
N GLY F 359 -17.40 -42.48 -5.73
CA GLY F 359 -16.26 -41.67 -6.09
C GLY F 359 -16.35 -40.25 -5.57
N ARG F 360 -17.54 -39.84 -5.12
CA ARG F 360 -17.72 -38.49 -4.58
C ARG F 360 -18.00 -38.53 -3.09
N SER F 361 -18.37 -39.69 -2.57
CA SER F 361 -18.68 -39.82 -1.15
C SER F 361 -17.45 -39.54 -0.30
N PRO F 362 -17.52 -38.64 0.70
CA PRO F 362 -16.38 -38.50 1.60
C PRO F 362 -16.16 -39.73 2.46
N ASP F 363 -17.17 -40.60 2.56
CA ASP F 363 -17.05 -41.87 3.25
C ASP F 363 -17.89 -42.85 2.46
N PRO F 364 -17.31 -43.52 1.47
CA PRO F 364 -18.11 -44.42 0.62
C PRO F 364 -18.74 -45.54 1.41
N ASP F 365 -18.09 -45.94 2.50
CA ASP F 365 -18.62 -46.99 3.35
C ASP F 365 -19.87 -46.50 4.04
N GLU F 366 -19.89 -45.22 4.40
CA GLU F 366 -21.07 -44.64 4.99
C GLU F 366 -22.24 -44.67 4.02
N LEU F 367 -22.00 -44.27 2.77
CA LEU F 367 -23.07 -44.32 1.78
C LEU F 367 -23.55 -45.74 1.56
N LYS F 368 -22.63 -46.70 1.56
CA LYS F 368 -23.03 -48.10 1.47
C LYS F 368 -23.92 -48.50 2.64
N GLN F 369 -23.53 -48.10 3.85
CA GLN F 369 -24.35 -48.41 5.02
C GLN F 369 -25.74 -47.81 4.89
N MET F 370 -25.82 -46.59 4.39
CA MET F 370 -27.13 -45.97 4.19
C MET F 370 -27.95 -46.69 3.13
N LEU F 371 -27.28 -47.25 2.12
CA LEU F 371 -27.96 -47.91 1.02
C LEU F 371 -28.44 -49.31 1.37
N THR F 372 -27.60 -50.10 2.02
CA THR F 372 -27.94 -51.48 2.32
C THR F 372 -28.92 -51.56 3.49
PG ATP G . -33.57 6.45 3.40
O1G ATP G . -32.73 5.37 4.02
O2G ATP G . -33.57 6.35 1.89
O3G ATP G . -33.03 7.82 3.82
PB ATP G . -35.52 6.65 5.57
O1B ATP G . -34.71 7.84 5.97
O2B ATP G . -35.14 5.46 6.43
O3B ATP G . -35.16 6.31 3.96
PA ATP G . -37.87 8.27 5.25
O1A ATP G . -37.15 8.69 3.92
O2A ATP G . -37.76 9.30 6.26
O3A ATP G . -37.16 6.93 5.80
O5' ATP G . -39.50 7.92 4.95
C5' ATP G . -39.77 6.72 4.28
C4' ATP G . -41.25 6.37 4.41
O4' ATP G . -41.52 6.08 5.67
C3' ATP G . -42.08 7.59 4.05
O3' ATP G . -43.17 7.22 3.34
C2' ATP G . -42.49 8.13 5.45
O2' ATP G . -43.70 8.96 5.35
C1' ATP G . -42.73 7.04 6.09
N9 ATP G . -42.78 7.17 7.55
C8 ATP G . -41.88 7.76 8.36
N7 ATP G . -42.29 7.65 9.62
C5 ATP G . -43.47 6.96 9.60
C6 ATP G . -44.30 6.57 10.61
N6 ATP G . -44.25 6.74 12.05
N1 ATP G . -45.43 5.88 10.31
C2 ATP G . -45.72 5.59 9.05
N3 ATP G . -44.88 5.98 8.05
C4 ATP G . -43.75 6.67 8.34
PG ATP H . -10.64 28.65 15.72
O1G ATP H . -10.67 27.21 16.19
O2G ATP H . -11.47 28.82 14.46
O3G ATP H . -9.20 29.06 15.43
PB ATP H . -10.39 29.87 18.36
O1B ATP H . -8.94 29.98 17.99
O2B ATP H . -10.62 28.68 19.27
O3B ATP H . -11.26 29.65 16.93
PA ATP H . -10.60 32.71 18.63
O1A ATP H . -10.61 32.67 17.06
O2A ATP H . -9.30 33.14 19.14
O3A ATP H . -10.90 31.24 19.18
O5' ATP H . -11.82 33.76 19.20
C5' ATP H . -13.12 33.29 19.10
C4' ATP H . -14.06 34.15 19.96
O4' ATP H . -13.76 33.96 21.23
C3' ATP H . -13.81 35.61 19.67
O3' ATP H . -14.95 36.30 19.66
C2' ATP H . -12.91 36.05 20.87
O2' ATP H . -12.99 37.50 21.07
C1' ATP H . -13.47 35.41 21.84
N9 ATP H . -12.69 35.30 23.08
C8 ATP H . -11.41 34.89 23.18
N7 ATP H . -11.06 34.91 24.47
C5 ATP H . -12.14 35.35 25.17
C6 ATP H . -12.33 35.56 26.50
N6 ATP H . -11.46 35.40 27.66
N1 ATP H . -13.52 36.00 26.95
C2 ATP H . -14.51 36.23 26.09
N3 ATP H . -14.32 36.02 24.75
C4 ATP H . -13.13 35.58 24.31
PG ATP I . 22.68 23.97 9.59
O1G ATP I . 21.90 22.98 10.42
O2G ATP I . 21.76 24.90 8.85
O3G ATP I . 23.55 23.20 8.59
PB ATP I . 25.01 24.15 11.36
O1B ATP I . 25.62 23.19 10.38
O2B ATP I . 24.52 23.40 12.58
O3B ATP I . 23.69 24.89 10.60
PA ATP I . 27.04 26.10 10.85
O1A ATP I . 26.20 26.33 9.54
O2A ATP I . 28.25 25.34 10.58
O3A ATP I . 26.13 25.28 11.88
O5' ATP I . 27.45 27.59 11.56
C5' ATP I . 26.40 28.28 12.18
C4' ATP I . 26.97 29.39 13.07
O4' ATP I . 27.62 28.84 14.08
C3' ATP I . 27.98 30.19 12.28
O3' ATP I . 27.87 31.50 12.57
C2' ATP I . 29.34 29.62 12.78
O2' ATP I . 30.41 30.59 12.56
C1' ATP I . 29.10 29.47 14.04
N9 ATP I . 30.04 28.61 14.78
C8 ATP I . 30.44 27.38 14.43
N7 ATP I . 31.28 26.92 15.35
C5 ATP I . 31.40 27.90 16.29
C6 ATP I . 32.13 27.97 17.45
N6 ATP I . 33.03 27.03 18.09
N1 ATP I . 32.06 29.07 18.22
C2 ATP I . 31.29 30.09 17.86
N3 ATP I . 30.56 30.02 16.71
C4 ATP I . 30.63 28.93 15.93
PG ATP J . 33.08 -2.91 -8.85
O1G ATP J . 32.41 -3.10 -7.52
O2G ATP J . 32.88 -1.49 -9.36
O3G ATP J . 32.47 -3.89 -9.85
PB ATP J . 35.25 -4.79 -8.43
O1B ATP J . 34.41 -5.72 -9.25
O2B ATP J . 35.10 -5.12 -6.95
O3B ATP J . 34.73 -3.22 -8.71
PA ATP J . 37.40 -4.96 -10.31
O1A ATP J . 36.47 -3.99 -11.14
O2A ATP J . 37.33 -6.33 -10.85
O3A ATP J . 36.88 -4.99 -8.80
O5' ATP J . 39.01 -4.42 -10.34
C5' ATP J . 39.28 -3.30 -9.55
C4' ATP J . 40.80 -3.14 -9.37
O4' ATP J . 41.25 -4.14 -8.64
C3' ATP J . 41.47 -3.24 -10.72
O3' ATP J . 42.48 -2.37 -10.82
C2' ATP J . 42.00 -4.70 -10.71
O2' ATP J . 43.12 -4.85 -11.67
C1' ATP J . 42.41 -4.83 -9.51
N9 ATP J . 42.65 -6.19 -9.04
C8 ATP J . 41.81 -7.25 -9.15
N7 ATP J . 42.39 -8.31 -8.60
C5 ATP J . 43.59 -7.92 -8.13
C6 ATP J . 44.59 -8.60 -7.48
N6 ATP J . 44.71 -9.98 -7.05
N1 ATP J . 45.72 -7.96 -7.12
C2 ATP J . 45.86 -6.67 -7.40
N3 ATP J . 44.87 -5.99 -8.03
C4 ATP J . 43.75 -6.62 -8.40
PG ATP K . 10.14 -25.10 -21.16
O1G ATP K . 10.34 -24.94 -19.68
O2G ATP K . 10.78 -23.96 -21.93
O3G ATP K . 8.64 -25.13 -21.46
PB ATP K . 10.13 -28.02 -21.20
O1B ATP K . 8.64 -27.85 -21.25
O2B ATP K . 10.56 -28.35 -19.79
O3B ATP K . 10.82 -26.56 -21.68
PA ATP K . 10.13 -29.42 -23.70
O1A ATP K . 9.94 -27.97 -24.28
O2A ATP K . 8.88 -30.16 -23.72
O3A ATP K . 10.63 -29.30 -22.18
O5' ATP K . 11.32 -30.26 -24.58
C5' ATP K . 12.64 -29.87 -24.37
C4' ATP K . 13.60 -30.92 -24.93
O4' ATP K . 13.48 -32.02 -24.21
C3' ATP K . 13.18 -31.28 -26.33
O3' ATP K . 14.27 -31.45 -27.11
C2' ATP K . 12.43 -32.62 -26.14
O2' ATP K . 12.41 -33.38 -27.39
C1' ATP K . 13.16 -33.19 -25.25
N9 ATP K . 12.55 -34.34 -24.55
C8 ATP K . 11.33 -34.38 -23.97
N7 ATP K . 11.16 -35.58 -23.43
C5 ATP K . 12.27 -36.30 -23.69
C6 ATP K . 12.62 -37.59 -23.38
N6 ATP K . 11.92 -38.65 -22.67
N1 ATP K . 13.83 -38.08 -23.76
C2 ATP K . 14.67 -37.31 -24.44
N3 ATP K . 14.31 -36.01 -24.75
C4 ATP K . 13.12 -35.53 -24.37
PG ATP L . -23.19 -20.41 -15.03
O1G ATP L . -22.23 -20.71 -13.91
O2G ATP L . -22.45 -20.05 -16.30
O3G ATP L . -24.11 -19.27 -14.62
PB ATP L . -25.26 -22.30 -14.20
O1B ATP L . -25.91 -21.07 -13.64
O2B ATP L . -24.56 -23.06 -13.10
O3B ATP L . -24.13 -21.79 -15.34
PA ATP L . -27.51 -22.80 -15.90
O1A ATP L . -26.87 -21.63 -16.75
O2A ATP L . -28.67 -22.34 -15.17
O3A ATP L . -26.41 -23.33 -14.86
O5' ATP L . -27.95 -24.09 -16.93
C5' ATP L . -26.88 -24.85 -17.43
C4' ATP L . -27.43 -26.16 -18.03
O4' ATP L . -27.91 -26.90 -17.04
C3' ATP L . -28.60 -25.84 -18.93
O3' ATP L . -28.57 -26.60 -20.03
C2' ATP L . -29.83 -26.19 -18.05
O2' ATP L . -31.00 -26.48 -18.88
C1' ATP L . -29.42 -27.25 -17.44
N9 ATP L . -30.18 -27.65 -16.25
C8 ATP L . -30.52 -26.86 -15.21
N7 ATP L . -31.19 -27.60 -14.32
C5 ATP L . -31.26 -28.85 -14.82
C6 ATP L . -31.84 -30.00 -14.33
N6 ATP L . -32.57 -30.28 -13.10
N1 ATP L . -31.76 -31.15 -15.04
C2 ATP L . -31.14 -31.17 -16.21
N3 ATP L . -30.57 -30.03 -16.69
C4 ATP L . -30.64 -28.88 -16.00
#